data_3IR7
#
_entry.id   3IR7
#
_cell.length_a   153.851
_cell.length_b   241.147
_cell.length_c   139.966
_cell.angle_alpha   90.00
_cell.angle_beta   90.00
_cell.angle_gamma   90.00
#
_symmetry.space_group_name_H-M   'C 2 2 21'
#
loop_
_entity.id
_entity.type
_entity.pdbx_description
1 polymer 'Respiratory nitrate reductase 1 alpha chain'
2 polymer 'Respiratory nitrate reductase 1 beta chain'
3 polymer 'Respiratory nitrate reductase 1 gamma chain'
4 non-polymer 'PHOSPHORIC ACID 4-(2-AMINO-4-OXO-3,4,5,6,-TETRAHYDRO-PTERIDIN-6-YL)-2-HYDROXY-3,4-DIMERCAPTO-BUT-3-EN-YL ESTER GUANYLATE ESTER'
5 non-polymer 'IRON/SULFUR CLUSTER'
6 non-polymer 'MOLYBDENUM(VI) ION'
7 non-polymer '(1S)-2-{[{[(2S)-2,3-DIHYDROXYPROPYL]OXY}(HYDROXY)PHOSPHORYL]OXY}-1-[(PENTANOYLOXY)METHYL]ETHYL OCTANOATE'
8 non-polymer 'FE3-S4 CLUSTER'
9 non-polymer 'PROTOPORPHYRIN IX CONTAINING FE'
10 water water
#
loop_
_entity_poly.entity_id
_entity_poly.type
_entity_poly.pdbx_seq_one_letter_code
_entity_poly.pdbx_strand_id
1 'polypeptide(L)'
;MSKFLDRFRYFKQKGETFADGHGQLLNTNRDWEDGYRQRWQHDKIVRSTHGVNCTGSCSWKIYVKNGLVTWETQQTDYPR
TRPDLPNHEPRGCPSGASYSWYLYSANRLKYPMMRKRLMKMWREAKALHSDPVEAWASIIEDADKAKSFKQARGRGGFVR
SSWQEVNELIAASNVYTIKNYGPDRVAGFSPIPAMSMVSYASGARYLSLIGGTCLSFYDWYCDLPPASPQTWGEQTDVPE
SADWYNSSYIIAWGSNVPQTRTPDAHFFTEVRYKGTKTVAVTPDYAEIAKLCDLWLAPKQGTDAAMALAMGHVMLREFHL
DNPSQYFTDYVRRYTDMPMLVMLEERDGYYAAGRMLRAADLVDALGQENNPEWKTVAFNTNGEMVAPNGSIGFRWGEKGK
WNLEQRDGKTGEETELQLSLLGSQDEIAEVGFPYFGGDGTEHFNKVELENVLLHKLPVKRLQLADGSTALVTTVYDLTLA
NYGLERGLNDVNCATSYDDVKAYTPAWAEQITGVSRSQIIRIAREFADNADKTHGRSMIIVGAGLNHWYHLDMNYRGLIN
MLIFCGCVGQSGGGWAHYVGQEKLRPQTGWQPLAFALDWQRPARHMNSTSYFYNHSSQWRYETVTAEELLSPMADKSRYT
GHLIDFNVRAERMGWLPSAPQLGTNPLTIAGEAEKAGMNPVDYTVKSLKEGSIRFAAEQPENGKNHPRNLFIWRSNLLGS
SGKGHEFMLKYLLGTEHGIQGKDLGQQGGVKPEEVDWQDNGLEGKLDLVVTLDFRLSSTCLYSDIILPTATWYEKDDMNT
SDMHPFIHPLSAAVDPAWEAKSDWEIYKAIAKKFSEVCVGHLGKETDIVTLPIQHDSAAELAQPLDVKDWKKGECDLIPG
KTAPHIMVVERDYPATYERFTSIGPLMEKIGNGGKGIAWNTQSEMDLLRKLNYTKAEGPAKGQPMLNTAIDAAEMILTLA
PETNGQVAVKAWAALSEFTGRDHTHLALNKEDEKIRFRDIQAQPRKIISSPTWSGLEDEHVSYNAGYTNVHELIPWRTLS
GRQQLYQDHQWMRDFGESLLVYRPPIDTRSVKEVIGQKSNGNQEKALNFLTPHQKWGIHSTYSDNLLMLTLGRGGPVVWL
SEADAKDLGIADNDWIEVFNSNGALTARAVVSQRVPAGMTMMYHAQERIVNLPGSEITQQRGGIHNSVTRITPKPTHMIG
GYAHLAYGFNYYGTVGSNRDEFVVVRKMKNIDWLDGEGNDQVQESVK
;
A
2 'polypeptide(L)'
;MKIRSQVGMVLNLDKCIGCHTCSVTCKNVWTSREGVEYAWFNNVETKPGQGFPTDWENQEKYKGGWIRKINGKLQPRMGN
RAMLLGKIFANPHLPGIDDYYEPFDFDYQNLHTAPEGSKSQPIARPRSLITGERMAKIEKGPNWEDDLGGEFDKLAKDKN
FDNIQKAMYSQFENTFMMYLPRLCEHCLNPACVATCPSGAIYKREEDGIVLIDQDKCRGWRMCITGCPYKKIYFNWKSGK
SEKCIFCYPRIEAGQPTVCSETCVGRIRYLGVLLYDADAIERAASTENEKDLYQRQLDVFLDPNDPKVIEQAIKDGIPLS
VIEAAQQSPVYKMAMEWKLALPLHPEYRTLPMVWYVPPLSPIQSAADAGELGSNGILPDVESLRIPVQYLANLLTAGDTK
PVLRALKRMLAMRHYKRAETVDGKVDTRALEEVGLTEAQAQEMYRYLAIANYEDRFVVPSSHRELAREAFPEKNGCGFTF
GDGCHGSDTKFNLFNSRRIDAIDVTSKTEPHP
;
B
3 'polypeptide(L)'
;(FME)QFLNMFFFDIYPYIAGAVFLIGSWLRYDYGQYTWRAASSQMLDRKGMNLASNLFHIGILGIFVGHFFGMLTPHWM
YEAWLPIEVKQKMAMFAGGASGVLCLIGGVLLLKRRLFSPRVRATTTGADILILSLLVIQCALGLLTIPFSAQHMDGSEM
MKLVGWAQSVVTFHGGASQHLDGVAFIFRLHLVLGMTLFLLFPFSRLIHIWSVPVEYLTRKYQLVRARH
;
C
#
loop_
_chem_comp.id
_chem_comp.type
_chem_comp.name
_chem_comp.formula
6MO non-polymer 'MOLYBDENUM(VI) ION' 'Mo 6'
AGA non-polymer '(1S)-2-{[{[(2S)-2,3-DIHYDROXYPROPYL]OXY}(HYDROXY)PHOSPHORYL]OXY}-1-[(PENTANOYLOXY)METHYL]ETHYL OCTANOATE' 'C19 H36 O10 P -1'
F3S non-polymer 'FE3-S4 CLUSTER' 'Fe3 S4'
HEM non-polymer 'PROTOPORPHYRIN IX CONTAINING FE' 'C34 H32 Fe N4 O4'
MD1 non-polymer 'PHOSPHORIC ACID 4-(2-AMINO-4-OXO-3,4,5,6,-TETRAHYDRO-PTERIDIN-6-YL)-2-HYDROXY-3,4-DIMERCAPTO-BUT-3-EN-YL ESTER GUANYLATE ESTER' 'C20 H26 N10 O13 P2 S2'
SF4 non-polymer 'IRON/SULFUR CLUSTER' 'Fe4 S4'
#
# COMPACT_ATOMS: atom_id res chain seq x y z
N SER A 2 -48.54 -6.07 15.10
CA SER A 2 -48.40 -4.65 15.54
C SER A 2 -47.33 -4.48 16.61
N LYS A 3 -46.28 -3.73 16.28
CA LYS A 3 -45.21 -3.48 17.24
C LYS A 3 -45.78 -2.72 18.43
N PHE A 4 -46.86 -1.97 18.20
CA PHE A 4 -47.50 -1.21 19.26
C PHE A 4 -48.18 -2.17 20.24
N LEU A 5 -48.92 -3.13 19.70
CA LEU A 5 -49.61 -4.09 20.55
C LEU A 5 -48.60 -4.95 21.32
N ASP A 6 -47.41 -5.16 20.74
CA ASP A 6 -46.39 -5.97 21.40
C ASP A 6 -45.97 -5.40 22.75
N ARG A 7 -46.04 -4.07 22.90
CA ARG A 7 -45.68 -3.44 24.16
C ARG A 7 -46.54 -3.93 25.33
N PHE A 8 -47.66 -4.58 25.01
CA PHE A 8 -48.55 -5.11 26.03
C PHE A 8 -48.09 -6.49 26.52
N PHE A 11 -44.94 -8.04 30.19
CA PHE A 11 -44.74 -9.12 31.17
C PHE A 11 -44.39 -10.46 30.53
N LYS A 12 -45.19 -10.89 29.56
CA LYS A 12 -45.00 -12.17 28.86
C LYS A 12 -43.60 -12.43 28.28
N GLN A 13 -42.96 -11.39 27.75
CA GLN A 13 -41.65 -11.55 27.14
C GLN A 13 -40.47 -11.62 28.13
N LYS A 14 -40.77 -11.76 29.43
CA LYS A 14 -39.73 -11.83 30.47
C LYS A 14 -39.43 -13.23 31.00
N GLY A 15 -38.26 -13.75 30.64
CA GLY A 15 -37.85 -15.07 31.08
C GLY A 15 -37.06 -15.03 32.39
N GLU A 16 -36.17 -16.00 32.57
CA GLU A 16 -35.36 -16.08 33.78
C GLU A 16 -34.30 -14.99 33.93
N THR A 17 -34.04 -14.60 35.17
CA THR A 17 -33.01 -13.62 35.48
C THR A 17 -31.75 -14.46 35.64
N PHE A 18 -30.60 -13.81 35.83
CA PHE A 18 -29.37 -14.55 36.05
C PHE A 18 -28.38 -13.67 36.81
N ALA A 19 -27.31 -14.28 37.31
CA ALA A 19 -26.29 -13.56 38.06
C ALA A 19 -26.89 -12.79 39.24
N ASP A 20 -27.78 -13.45 39.97
CA ASP A 20 -28.45 -12.86 41.14
C ASP A 20 -29.11 -11.52 40.85
N GLY A 21 -30.00 -11.51 39.86
CA GLY A 21 -30.71 -10.28 39.53
C GLY A 21 -29.91 -9.20 38.84
N HIS A 22 -28.71 -9.53 38.34
CA HIS A 22 -27.90 -8.53 37.66
C HIS A 22 -28.27 -8.54 36.18
N GLY A 23 -28.90 -9.63 35.76
CA GLY A 23 -29.31 -9.78 34.38
C GLY A 23 -30.71 -10.33 34.20
N GLN A 24 -31.26 -10.09 33.01
CA GLN A 24 -32.60 -10.55 32.65
C GLN A 24 -32.63 -11.13 31.23
N LEU A 25 -33.14 -12.34 31.08
CA LEU A 25 -33.25 -12.94 29.76
C LEU A 25 -34.62 -12.58 29.21
N LEU A 26 -34.64 -11.92 28.05
CA LEU A 26 -35.90 -11.52 27.42
C LEU A 26 -36.19 -12.42 26.22
N ASN A 27 -37.47 -12.67 25.95
CA ASN A 27 -37.87 -13.49 24.81
C ASN A 27 -38.63 -12.56 23.87
N THR A 28 -37.91 -11.58 23.33
CA THR A 28 -38.55 -10.62 22.44
C THR A 28 -38.10 -10.70 20.98
N ASN A 29 -38.87 -10.06 20.10
CA ASN A 29 -38.61 -10.05 18.66
C ASN A 29 -37.22 -9.55 18.26
N ARG A 30 -36.65 -10.19 17.25
CA ARG A 30 -35.32 -9.84 16.75
C ARG A 30 -35.28 -9.66 15.22
N ASP A 31 -36.45 -9.65 14.60
CA ASP A 31 -36.56 -9.49 13.14
C ASP A 31 -35.74 -8.32 12.61
N TRP A 32 -35.59 -7.26 13.38
CA TRP A 32 -34.84 -6.09 12.94
C TRP A 32 -33.42 -6.46 12.50
N GLU A 33 -32.88 -7.55 13.04
CA GLU A 33 -31.53 -7.99 12.69
C GLU A 33 -31.38 -8.24 11.19
N ASP A 34 -32.50 -8.42 10.49
CA ASP A 34 -32.44 -8.64 9.05
C ASP A 34 -31.78 -7.41 8.38
N GLY A 35 -31.91 -6.26 9.03
CA GLY A 35 -31.33 -5.03 8.53
C GLY A 35 -29.88 -5.10 8.08
N TYR A 36 -29.01 -5.71 8.89
CA TYR A 36 -27.62 -5.82 8.50
C TYR A 36 -27.41 -7.03 7.61
N ARG A 37 -28.24 -8.06 7.79
CA ARG A 37 -28.11 -9.25 6.96
C ARG A 37 -28.25 -8.91 5.49
N GLN A 38 -29.26 -8.10 5.15
CA GLN A 38 -29.50 -7.71 3.76
C GLN A 38 -28.45 -6.76 3.20
N ARG A 39 -27.55 -6.27 4.04
CA ARG A 39 -26.49 -5.41 3.54
C ARG A 39 -25.37 -6.35 3.08
N TRP A 40 -25.10 -7.36 3.90
CA TRP A 40 -24.05 -8.30 3.58
C TRP A 40 -24.34 -9.12 2.32
N GLN A 41 -25.61 -9.48 2.12
CA GLN A 41 -26.01 -10.27 0.97
C GLN A 41 -25.63 -9.62 -0.35
N HIS A 42 -25.25 -10.44 -1.32
CA HIS A 42 -24.83 -9.93 -2.62
C HIS A 42 -25.26 -10.82 -3.78
N ASP A 43 -25.07 -10.31 -4.99
CA ASP A 43 -25.46 -10.99 -6.22
C ASP A 43 -24.49 -12.11 -6.61
N LYS A 44 -23.21 -11.89 -6.36
CA LYS A 44 -22.19 -12.87 -6.72
C LYS A 44 -20.82 -12.33 -6.34
N ILE A 45 -19.81 -13.19 -6.45
CA ILE A 45 -18.43 -12.80 -6.18
C ILE A 45 -17.67 -13.21 -7.45
N VAL A 46 -16.79 -12.33 -7.92
CA VAL A 46 -16.00 -12.58 -9.10
C VAL A 46 -14.53 -12.52 -8.69
N ARG A 47 -13.69 -13.37 -9.27
CA ARG A 47 -12.27 -13.33 -8.91
C ARG A 47 -11.53 -12.31 -9.76
N SER A 48 -10.71 -11.49 -9.11
CA SER A 48 -9.93 -10.50 -9.84
C SER A 48 -8.77 -10.08 -8.96
N THR A 49 -7.81 -9.35 -9.52
CA THR A 49 -6.66 -8.89 -8.75
C THR A 49 -6.44 -7.41 -9.06
N HIS A 50 -5.25 -6.90 -8.76
CA HIS A 50 -4.98 -5.49 -9.00
C HIS A 50 -3.84 -5.24 -9.98
N GLY A 51 -4.08 -4.39 -10.97
CA GLY A 51 -3.06 -4.09 -11.95
C GLY A 51 -2.25 -2.87 -11.55
N VAL A 52 -1.61 -2.97 -10.39
CA VAL A 52 -0.78 -1.89 -9.87
C VAL A 52 0.57 -2.46 -9.51
N ASN A 53 1.61 -1.64 -9.56
CA ASN A 53 2.97 -2.10 -9.27
C ASN A 53 3.27 -2.19 -7.76
N CYS A 54 2.97 -3.35 -7.18
CA CYS A 54 3.16 -3.57 -5.75
C CYS A 54 3.79 -4.91 -5.38
N THR A 55 3.91 -5.80 -6.35
CA THR A 55 4.46 -7.15 -6.14
C THR A 55 3.46 -7.97 -5.33
N GLY A 56 2.35 -7.34 -4.95
CA GLY A 56 1.34 -8.04 -4.19
C GLY A 56 0.79 -9.24 -4.96
N SER A 57 0.12 -8.96 -6.07
CA SER A 57 -0.45 -10.03 -6.88
C SER A 57 -1.40 -10.86 -6.03
N CYS A 58 -2.36 -10.21 -5.39
CA CYS A 58 -3.32 -10.87 -4.52
C CYS A 58 -4.67 -11.10 -5.21
N SER A 59 -5.23 -12.28 -5.04
CA SER A 59 -6.51 -12.58 -5.65
C SER A 59 -7.63 -12.15 -4.71
N TRP A 60 -8.59 -11.38 -5.23
CA TRP A 60 -9.70 -10.91 -4.41
C TRP A 60 -11.06 -11.41 -4.86
N LYS A 61 -12.03 -11.29 -3.96
CA LYS A 61 -13.40 -11.66 -4.25
C LYS A 61 -14.05 -10.32 -4.52
N ILE A 62 -14.54 -10.11 -5.72
CA ILE A 62 -15.20 -8.85 -6.02
C ILE A 62 -16.69 -9.08 -5.80
N TYR A 63 -17.27 -8.31 -4.90
CA TYR A 63 -18.68 -8.46 -4.61
C TYR A 63 -19.57 -7.56 -5.45
N VAL A 64 -20.54 -8.16 -6.14
CA VAL A 64 -21.50 -7.39 -6.91
C VAL A 64 -22.85 -7.52 -6.20
N LYS A 65 -23.49 -6.38 -5.97
CA LYS A 65 -24.76 -6.33 -5.26
C LYS A 65 -25.59 -5.22 -5.91
N ASN A 66 -26.85 -5.50 -6.23
CA ASN A 66 -27.70 -4.52 -6.88
C ASN A 66 -27.10 -4.18 -8.25
N GLY A 67 -26.44 -5.16 -8.86
CA GLY A 67 -25.83 -4.96 -10.17
C GLY A 67 -24.66 -3.99 -10.16
N LEU A 68 -24.06 -3.77 -8.98
CA LEU A 68 -22.91 -2.86 -8.88
C LEU A 68 -21.79 -3.46 -8.02
N VAL A 69 -20.55 -3.03 -8.25
CA VAL A 69 -19.43 -3.49 -7.44
C VAL A 69 -19.56 -2.72 -6.13
N THR A 70 -19.64 -3.43 -5.00
CA THR A 70 -19.79 -2.76 -3.71
C THR A 70 -18.60 -2.91 -2.74
N TRP A 71 -17.88 -4.02 -2.80
CA TRP A 71 -16.72 -4.20 -1.92
C TRP A 71 -15.92 -5.42 -2.29
N GLU A 72 -14.83 -5.62 -1.59
CA GLU A 72 -13.98 -6.77 -1.85
C GLU A 72 -13.36 -7.33 -0.58
N THR A 73 -13.03 -8.63 -0.61
CA THR A 73 -12.36 -9.33 0.50
C THR A 73 -11.44 -10.35 -0.17
N GLN A 74 -10.32 -10.69 0.48
CA GLN A 74 -9.37 -11.63 -0.09
C GLN A 74 -9.84 -13.04 -0.36
N GLN A 75 -9.34 -13.61 -1.45
CA GLN A 75 -9.64 -15.00 -1.80
C GLN A 75 -8.68 -15.75 -0.87
N THR A 76 -9.09 -16.89 -0.34
CA THR A 76 -8.22 -17.66 0.55
C THR A 76 -7.93 -19.03 -0.01
N ASP A 77 -8.27 -19.26 -1.27
CA ASP A 77 -8.10 -20.57 -1.87
C ASP A 77 -6.83 -20.87 -2.67
N TYR A 78 -5.75 -20.14 -2.41
CA TYR A 78 -4.51 -20.43 -3.10
C TYR A 78 -4.11 -21.87 -2.80
N PRO A 79 -3.45 -22.53 -3.75
CA PRO A 79 -3.02 -23.92 -3.50
C PRO A 79 -2.09 -23.81 -2.30
N ARG A 80 -2.35 -24.60 -1.26
CA ARG A 80 -1.55 -24.57 -0.05
C ARG A 80 -0.09 -25.03 -0.18
N THR A 81 0.79 -24.38 0.57
CA THR A 81 2.21 -24.71 0.58
C THR A 81 2.43 -25.94 1.44
N ARG A 82 3.65 -26.47 1.44
CA ARG A 82 3.96 -27.66 2.22
C ARG A 82 3.40 -27.54 3.63
N PRO A 83 3.17 -28.66 4.29
CA PRO A 83 2.64 -28.70 5.65
C PRO A 83 3.52 -27.97 6.68
N ASP A 84 4.83 -27.95 6.42
CA ASP A 84 5.80 -27.33 7.32
C ASP A 84 6.01 -25.85 7.04
N LEU A 85 5.25 -25.31 6.10
CA LEU A 85 5.33 -23.90 5.75
C LEU A 85 3.96 -23.27 5.93
N PRO A 86 3.93 -21.97 6.32
CA PRO A 86 2.60 -21.38 6.46
C PRO A 86 2.12 -21.10 5.04
N ASN A 87 0.80 -20.98 4.88
CA ASN A 87 0.23 -20.71 3.57
C ASN A 87 0.20 -19.21 3.28
N HIS A 88 -0.22 -18.83 2.08
CA HIS A 88 -0.29 -17.44 1.67
C HIS A 88 -1.54 -16.66 2.10
N GLU A 89 -2.70 -17.31 2.06
CA GLU A 89 -3.95 -16.63 2.42
C GLU A 89 -3.78 -15.81 3.70
N PRO A 90 -4.42 -14.63 3.76
CA PRO A 90 -5.26 -14.06 2.72
C PRO A 90 -4.56 -13.04 1.83
N ARG A 91 -3.32 -12.70 2.15
CA ARG A 91 -2.59 -11.68 1.40
C ARG A 91 -3.43 -10.41 1.47
N GLY A 92 -3.20 -9.47 0.56
CA GLY A 92 -3.95 -8.23 0.57
C GLY A 92 -3.20 -7.11 1.26
N CYS A 93 -3.79 -5.90 1.26
CA CYS A 93 -3.23 -4.72 1.91
C CYS A 93 -4.35 -3.68 1.93
N PRO A 94 -4.14 -2.53 2.60
CA PRO A 94 -5.18 -1.49 2.67
C PRO A 94 -5.61 -0.87 1.35
N SER A 95 -4.64 -0.48 0.53
CA SER A 95 -4.95 0.12 -0.76
C SER A 95 -5.83 -0.85 -1.53
N GLY A 96 -5.35 -2.09 -1.61
CA GLY A 96 -6.09 -3.13 -2.30
C GLY A 96 -7.54 -3.17 -1.85
N ALA A 97 -7.75 -3.16 -0.53
CA ALA A 97 -9.08 -3.20 0.03
C ALA A 97 -9.95 -1.99 -0.29
N SER A 98 -9.35 -0.93 -0.81
CA SER A 98 -10.12 0.27 -1.10
C SER A 98 -10.38 0.53 -2.58
N TYR A 99 -9.87 -0.33 -3.45
CA TYR A 99 -10.03 -0.10 -4.88
C TYR A 99 -11.48 0.13 -5.31
N SER A 100 -12.39 -0.68 -4.77
CA SER A 100 -13.80 -0.56 -5.08
C SER A 100 -14.28 0.90 -5.14
N TRP A 101 -13.68 1.76 -4.33
CA TRP A 101 -14.03 3.18 -4.28
C TRP A 101 -13.99 3.88 -5.65
N TYR A 102 -12.98 3.54 -6.44
CA TYR A 102 -12.79 4.14 -7.75
C TYR A 102 -13.94 4.04 -8.75
N LEU A 103 -14.48 2.83 -8.93
CA LEU A 103 -15.55 2.60 -9.91
C LEU A 103 -16.60 3.68 -10.19
N TYR A 104 -17.20 4.26 -9.17
CA TYR A 104 -18.21 5.30 -9.41
C TYR A 104 -17.86 6.56 -8.64
N SER A 105 -16.60 6.68 -8.20
CA SER A 105 -16.18 7.85 -7.44
C SER A 105 -16.23 9.12 -8.27
N ALA A 106 -16.14 10.26 -7.61
CA ALA A 106 -16.19 11.57 -8.26
C ALA A 106 -14.97 11.84 -9.14
N ASN A 107 -14.01 10.93 -9.13
CA ASN A 107 -12.82 11.14 -9.95
C ASN A 107 -12.66 10.11 -11.07
N ARG A 108 -13.72 9.38 -11.35
CA ARG A 108 -13.73 8.37 -12.41
C ARG A 108 -13.77 9.07 -13.76
N LEU A 109 -13.00 8.57 -14.72
CA LEU A 109 -12.99 9.13 -16.08
C LEU A 109 -14.04 8.31 -16.83
N LYS A 110 -15.08 8.97 -17.31
CA LYS A 110 -16.16 8.28 -17.98
C LYS A 110 -16.17 8.38 -19.51
N TYR A 111 -15.65 9.47 -20.04
CA TYR A 111 -15.67 9.68 -21.48
C TYR A 111 -14.35 10.17 -22.00
N PRO A 112 -14.09 9.94 -23.29
CA PRO A 112 -12.82 10.44 -23.81
C PRO A 112 -12.90 11.97 -23.77
N MET A 113 -11.81 12.61 -23.31
CA MET A 113 -11.77 14.06 -23.19
C MET A 113 -10.67 14.63 -24.08
N MET A 114 -10.84 15.89 -24.46
CA MET A 114 -9.85 16.57 -25.29
C MET A 114 -9.76 18.02 -24.83
N ARG A 115 -8.54 18.57 -24.86
CA ARG A 115 -8.32 19.97 -24.46
C ARG A 115 -9.19 20.81 -25.40
N LYS A 116 -10.02 21.69 -24.85
CA LYS A 116 -10.90 22.52 -25.67
C LYS A 116 -10.19 23.20 -26.84
N ARG A 117 -9.08 23.87 -26.56
CA ARG A 117 -8.34 24.56 -27.59
C ARG A 117 -7.92 23.63 -28.72
N LEU A 118 -7.57 22.39 -28.39
CA LEU A 118 -7.16 21.44 -29.42
C LEU A 118 -8.34 20.96 -30.25
N MET A 119 -9.48 20.77 -29.60
CA MET A 119 -10.69 20.31 -30.27
C MET A 119 -11.17 21.38 -31.26
N LYS A 120 -11.13 22.64 -30.84
CA LYS A 120 -11.57 23.72 -31.69
C LYS A 120 -10.75 23.79 -32.97
N MET A 121 -9.43 23.64 -32.87
CA MET A 121 -8.60 23.70 -34.07
C MET A 121 -8.70 22.43 -34.92
N TRP A 122 -9.04 21.32 -34.28
CA TRP A 122 -9.20 20.04 -34.96
C TRP A 122 -10.43 20.07 -35.88
N ARG A 123 -11.56 20.48 -35.31
CA ARG A 123 -12.83 20.55 -36.05
C ARG A 123 -12.84 21.63 -37.12
N GLU A 124 -12.01 22.65 -36.94
CA GLU A 124 -11.92 23.73 -37.91
C GLU A 124 -10.94 23.30 -39.00
N ALA A 125 -9.93 22.53 -38.63
CA ALA A 125 -8.94 22.03 -39.58
C ALA A 125 -9.53 20.92 -40.45
N LYS A 126 -10.48 20.16 -39.89
CA LYS A 126 -11.11 19.07 -40.63
C LYS A 126 -12.07 19.63 -41.67
N ALA A 127 -12.56 20.85 -41.42
CA ALA A 127 -13.49 21.50 -42.34
C ALA A 127 -12.77 21.99 -43.60
N LEU A 128 -11.45 22.07 -43.54
CA LEU A 128 -10.66 22.54 -44.67
C LEU A 128 -9.79 21.44 -45.25
N HIS A 129 -9.73 20.30 -44.56
CA HIS A 129 -8.92 19.18 -45.02
C HIS A 129 -9.65 17.86 -44.80
N SER A 130 -10.29 17.38 -45.86
CA SER A 130 -11.05 16.13 -45.82
C SER A 130 -10.20 14.99 -45.25
N ASP A 131 -8.91 14.99 -45.55
CA ASP A 131 -8.01 13.96 -45.04
C ASP A 131 -7.49 14.38 -43.67
N PRO A 132 -7.73 13.55 -42.63
CA PRO A 132 -7.28 13.88 -41.28
C PRO A 132 -5.78 14.07 -41.11
N VAL A 133 -4.98 13.36 -41.88
CA VAL A 133 -3.53 13.52 -41.77
C VAL A 133 -3.17 14.96 -42.12
N GLU A 134 -3.78 15.47 -43.17
CA GLU A 134 -3.52 16.83 -43.63
C GLU A 134 -4.16 17.87 -42.72
N ALA A 135 -5.17 17.45 -41.96
CA ALA A 135 -5.82 18.34 -41.01
C ALA A 135 -4.84 18.53 -39.85
N TRP A 136 -4.21 17.44 -39.43
CA TRP A 136 -3.25 17.48 -38.33
C TRP A 136 -2.06 18.34 -38.76
N ALA A 137 -1.62 18.15 -40.00
CA ALA A 137 -0.52 18.91 -40.54
C ALA A 137 -0.79 20.41 -40.42
N SER A 138 -1.98 20.84 -40.83
CA SER A 138 -2.35 22.25 -40.79
C SER A 138 -2.25 22.87 -39.39
N ILE A 139 -2.38 22.03 -38.36
CA ILE A 139 -2.31 22.54 -37.00
C ILE A 139 -0.90 22.44 -36.44
N ILE A 140 -0.28 21.28 -36.58
CA ILE A 140 1.06 21.09 -36.03
C ILE A 140 2.20 21.88 -36.70
N GLU A 141 2.05 22.22 -37.98
CA GLU A 141 3.07 22.96 -38.71
C GLU A 141 2.91 24.47 -38.58
N ASP A 142 1.91 24.88 -37.79
CA ASP A 142 1.62 26.27 -37.54
C ASP A 142 2.15 26.54 -36.12
N ALA A 143 3.09 27.46 -35.99
CA ALA A 143 3.69 27.77 -34.69
C ALA A 143 2.71 28.30 -33.64
N ASP A 144 1.78 29.14 -34.05
CA ASP A 144 0.82 29.72 -33.10
C ASP A 144 -0.31 28.78 -32.72
N LYS A 145 -0.59 27.81 -33.58
CA LYS A 145 -1.65 26.85 -33.30
C LYS A 145 -1.07 25.82 -32.34
N ALA A 146 0.06 25.24 -32.71
CA ALA A 146 0.72 24.24 -31.89
C ALA A 146 0.88 24.78 -30.47
N LYS A 147 1.41 25.99 -30.38
CA LYS A 147 1.66 26.64 -29.11
C LYS A 147 0.38 26.89 -28.30
N SER A 148 -0.71 27.24 -28.98
CA SER A 148 -1.94 27.54 -28.26
C SER A 148 -2.51 26.40 -27.42
N PHE A 149 -2.31 25.15 -27.83
CA PHE A 149 -2.83 24.04 -27.04
C PHE A 149 -1.78 23.40 -26.14
N LYS A 150 -0.49 23.53 -26.50
CA LYS A 150 0.58 22.98 -25.67
C LYS A 150 0.75 23.81 -24.40
N GLN A 151 0.36 25.08 -24.48
CA GLN A 151 0.47 25.98 -23.34
C GLN A 151 -0.82 25.96 -22.54
N ALA A 152 -1.76 25.13 -22.98
CA ALA A 152 -3.03 24.99 -22.28
C ALA A 152 -2.92 23.74 -21.40
N ARG A 153 -1.88 22.94 -21.66
CA ARG A 153 -1.67 21.72 -20.89
C ARG A 153 -1.57 22.01 -19.39
N GLY A 154 -2.39 21.31 -18.62
CA GLY A 154 -2.41 21.47 -17.18
C GLY A 154 -3.14 22.74 -16.75
N ARG A 155 -3.87 23.37 -17.67
CA ARG A 155 -4.58 24.59 -17.34
C ARG A 155 -6.09 24.55 -17.60
N GLY A 156 -6.67 23.36 -17.41
CA GLY A 156 -8.11 23.19 -17.58
C GLY A 156 -8.58 23.15 -19.02
N GLY A 157 -9.89 23.20 -19.19
CA GLY A 157 -10.46 23.19 -20.53
C GLY A 157 -10.80 21.85 -21.15
N PHE A 158 -10.86 20.79 -20.35
CA PHE A 158 -11.21 19.50 -20.93
C PHE A 158 -12.69 19.49 -21.30
N VAL A 159 -12.99 18.99 -22.50
CA VAL A 159 -14.36 18.90 -22.94
C VAL A 159 -14.62 17.48 -23.41
N ARG A 160 -15.87 17.05 -23.29
CA ARG A 160 -16.25 15.70 -23.69
C ARG A 160 -16.14 15.50 -25.19
N SER A 161 -15.51 14.40 -25.59
CA SER A 161 -15.32 14.08 -26.99
C SER A 161 -15.99 12.74 -27.24
N SER A 162 -15.51 11.99 -28.22
CA SER A 162 -16.09 10.68 -28.51
C SER A 162 -14.96 9.78 -29.03
N TRP A 163 -15.15 8.47 -28.94
CA TRP A 163 -14.13 7.53 -29.40
C TRP A 163 -13.85 7.73 -30.88
N GLN A 164 -14.88 8.09 -31.63
CA GLN A 164 -14.74 8.29 -33.06
C GLN A 164 -13.76 9.44 -33.30
N GLU A 165 -14.00 10.56 -32.63
CA GLU A 165 -13.15 11.73 -32.79
C GLU A 165 -11.71 11.57 -32.34
N VAL A 166 -11.50 11.07 -31.13
CA VAL A 166 -10.15 10.92 -30.63
C VAL A 166 -9.36 9.82 -31.35
N ASN A 167 -10.03 8.74 -31.75
CA ASN A 167 -9.34 7.68 -32.44
C ASN A 167 -8.79 8.17 -33.77
N GLU A 168 -9.55 9.02 -34.46
CA GLU A 168 -9.11 9.55 -35.73
C GLU A 168 -7.97 10.54 -35.55
N LEU A 169 -8.10 11.45 -34.58
CA LEU A 169 -7.05 12.43 -34.34
C LEU A 169 -5.75 11.73 -33.94
N ILE A 170 -5.86 10.66 -33.17
CA ILE A 170 -4.68 9.93 -32.72
C ILE A 170 -4.04 9.21 -33.90
N ALA A 171 -4.85 8.54 -34.70
CA ALA A 171 -4.37 7.82 -35.86
C ALA A 171 -3.73 8.79 -36.86
N ALA A 172 -4.44 9.88 -37.15
CA ALA A 172 -3.96 10.87 -38.10
C ALA A 172 -2.60 11.40 -37.65
N SER A 173 -2.53 11.78 -36.38
CA SER A 173 -1.29 12.30 -35.82
C SER A 173 -0.15 11.29 -35.91
N ASN A 174 -0.43 10.02 -35.62
CA ASN A 174 0.59 8.98 -35.70
C ASN A 174 1.10 8.84 -37.13
N VAL A 175 0.18 8.82 -38.08
CA VAL A 175 0.52 8.70 -39.49
C VAL A 175 1.46 9.84 -39.92
N TYR A 176 1.03 11.07 -39.65
CA TYR A 176 1.82 12.25 -39.99
C TYR A 176 3.21 12.19 -39.40
N THR A 177 3.29 11.88 -38.12
CA THR A 177 4.57 11.80 -37.45
C THR A 177 5.51 10.74 -38.03
N ILE A 178 4.97 9.57 -38.34
CA ILE A 178 5.78 8.48 -38.88
C ILE A 178 6.27 8.78 -40.29
N LYS A 179 5.38 9.31 -41.11
CA LYS A 179 5.67 9.65 -42.49
C LYS A 179 6.67 10.77 -42.65
N ASN A 180 6.53 11.83 -41.87
CA ASN A 180 7.42 12.97 -41.98
C ASN A 180 8.68 12.98 -41.12
N TYR A 181 8.68 12.25 -40.02
CA TYR A 181 9.88 12.24 -39.18
C TYR A 181 10.43 10.84 -38.96
N GLY A 182 9.54 9.88 -38.77
CA GLY A 182 9.99 8.52 -38.56
C GLY A 182 9.14 7.79 -37.54
N PRO A 183 9.02 6.46 -37.65
CA PRO A 183 8.21 5.71 -36.68
C PRO A 183 8.68 5.91 -35.25
N ASP A 184 10.01 5.96 -35.07
CA ASP A 184 10.60 6.13 -33.75
C ASP A 184 10.42 7.53 -33.16
N ARG A 185 9.49 8.30 -33.70
CA ARG A 185 9.20 9.64 -33.19
C ARG A 185 7.84 9.53 -32.48
N VAL A 186 7.32 8.30 -32.45
CA VAL A 186 6.07 7.97 -31.78
C VAL A 186 6.53 7.00 -30.71
N ALA A 187 6.10 7.22 -29.48
CA ALA A 187 6.50 6.34 -28.38
C ALA A 187 5.41 6.10 -27.35
N GLY A 188 5.63 5.06 -26.55
CA GLY A 188 4.69 4.74 -25.51
C GLY A 188 5.42 4.38 -24.23
N PHE A 189 4.83 4.77 -23.10
CA PHE A 189 5.40 4.43 -21.81
C PHE A 189 4.37 3.71 -20.96
N SER A 190 4.70 2.49 -20.57
CA SER A 190 3.83 1.66 -19.74
C SER A 190 4.82 0.78 -18.99
N PRO A 191 4.62 0.61 -17.67
CA PRO A 191 5.57 -0.22 -16.93
C PRO A 191 5.07 -1.57 -16.49
N ILE A 192 5.91 -2.22 -15.68
CA ILE A 192 5.65 -3.51 -15.05
C ILE A 192 4.49 -4.31 -15.66
N PRO A 193 4.78 -5.10 -16.70
CA PRO A 193 3.75 -5.91 -17.35
C PRO A 193 3.20 -7.06 -16.49
N ALA A 194 3.98 -7.54 -15.53
CA ALA A 194 3.54 -8.64 -14.68
C ALA A 194 2.21 -8.33 -14.00
N MET A 195 1.97 -7.07 -13.65
CA MET A 195 0.72 -6.70 -12.98
C MET A 195 -0.52 -6.76 -13.86
N SER A 196 -0.32 -6.75 -15.18
CA SER A 196 -1.43 -6.83 -16.12
C SER A 196 -0.88 -7.03 -17.54
N MET A 197 -0.38 -8.24 -17.75
CA MET A 197 0.25 -8.70 -18.99
C MET A 197 -0.34 -8.26 -20.30
N VAL A 198 -1.64 -8.49 -20.48
CA VAL A 198 -2.29 -8.11 -21.73
C VAL A 198 -2.55 -6.63 -21.81
N SER A 199 -2.85 -5.99 -20.68
CA SER A 199 -3.11 -4.56 -20.70
C SER A 199 -1.89 -3.77 -21.16
N TYR A 200 -0.71 -4.27 -20.81
CA TYR A 200 0.54 -3.65 -21.20
C TYR A 200 0.77 -4.00 -22.67
N ALA A 201 0.57 -5.28 -22.99
CA ALA A 201 0.74 -5.77 -24.34
C ALA A 201 -0.03 -4.96 -25.39
N SER A 202 -1.21 -4.46 -25.01
CA SER A 202 -2.03 -3.70 -25.95
C SER A 202 -1.30 -2.57 -26.65
N GLY A 203 -0.78 -1.62 -25.90
CA GLY A 203 -0.08 -0.52 -26.53
C GLY A 203 1.27 -0.92 -27.10
N ALA A 204 2.00 -1.76 -26.37
CA ALA A 204 3.31 -2.19 -26.83
C ALA A 204 3.24 -2.88 -28.19
N ARG A 205 2.19 -3.67 -28.39
CA ARG A 205 2.00 -4.39 -29.64
C ARG A 205 1.73 -3.45 -30.81
N TYR A 206 0.79 -2.53 -30.62
CA TYR A 206 0.48 -1.55 -31.67
C TYR A 206 1.73 -0.74 -31.99
N LEU A 207 2.42 -0.24 -30.96
CA LEU A 207 3.63 0.55 -31.17
C LEU A 207 4.71 -0.23 -31.91
N SER A 208 4.91 -1.49 -31.55
CA SER A 208 5.92 -2.31 -32.22
C SER A 208 5.60 -2.48 -33.70
N LEU A 209 4.36 -2.84 -34.00
CA LEU A 209 3.96 -3.04 -35.38
C LEU A 209 4.26 -1.81 -36.23
N ILE A 210 3.94 -0.62 -35.73
CA ILE A 210 4.18 0.59 -36.48
C ILE A 210 5.60 1.14 -36.34
N GLY A 211 6.44 0.43 -35.58
CA GLY A 211 7.82 0.86 -35.40
C GLY A 211 8.13 1.87 -34.30
N GLY A 212 7.13 2.26 -33.52
CA GLY A 212 7.36 3.22 -32.43
C GLY A 212 8.23 2.67 -31.31
N THR A 213 8.73 3.55 -30.44
CA THR A 213 9.59 3.11 -29.37
C THR A 213 8.85 2.68 -28.10
N CYS A 214 9.31 1.60 -27.50
CA CYS A 214 8.75 1.07 -26.26
C CYS A 214 9.77 1.41 -25.16
N LEU A 215 9.42 2.35 -24.30
CA LEU A 215 10.31 2.79 -23.23
C LEU A 215 10.38 1.82 -22.06
N SER A 216 11.55 1.73 -21.43
CA SER A 216 11.78 0.83 -20.29
C SER A 216 11.26 1.39 -18.97
N PHE A 217 11.26 0.57 -17.94
CA PHE A 217 10.76 0.99 -16.63
C PHE A 217 11.55 0.52 -15.41
N TYR A 218 12.09 -0.70 -15.47
CA TYR A 218 12.82 -1.24 -14.33
C TYR A 218 14.02 -0.39 -13.93
N ASP A 219 14.78 0.06 -14.93
CA ASP A 219 15.94 0.90 -14.65
C ASP A 219 15.50 2.34 -14.35
N TRP A 220 14.53 2.83 -15.13
CA TRP A 220 13.99 4.17 -14.97
C TRP A 220 13.50 4.45 -13.54
N TYR A 221 12.86 3.45 -12.95
CA TYR A 221 12.32 3.56 -11.60
C TYR A 221 13.37 3.31 -10.53
N CYS A 222 14.54 2.85 -10.96
CA CYS A 222 15.64 2.52 -10.07
C CYS A 222 15.37 1.27 -9.24
N ASP A 223 14.69 0.31 -9.86
CA ASP A 223 14.38 -0.97 -9.24
C ASP A 223 15.42 -1.95 -9.70
N LEU A 224 15.98 -1.65 -10.87
CA LEU A 224 17.02 -2.47 -11.44
C LEU A 224 18.25 -2.24 -10.59
N PRO A 225 18.81 -3.33 -10.04
CA PRO A 225 20.01 -3.15 -9.23
C PRO A 225 21.15 -3.59 -10.16
N PRO A 226 21.81 -2.62 -10.83
CA PRO A 226 22.90 -2.93 -11.76
C PRO A 226 23.88 -3.98 -11.23
N ALA A 227 24.06 -3.99 -9.92
CA ALA A 227 24.94 -4.96 -9.28
C ALA A 227 24.57 -6.39 -9.66
N SER A 228 23.27 -6.64 -9.86
CA SER A 228 22.80 -7.98 -10.22
C SER A 228 23.36 -8.41 -11.57
N PRO A 229 23.15 -7.60 -12.61
CA PRO A 229 23.71 -8.01 -13.91
C PRO A 229 25.23 -8.14 -13.79
N GLN A 230 25.82 -7.26 -12.99
CA GLN A 230 27.27 -7.24 -12.78
C GLN A 230 27.80 -8.54 -12.17
N THR A 231 27.12 -9.02 -11.14
CA THR A 231 27.52 -10.20 -10.39
C THR A 231 27.03 -11.54 -10.94
N TRP A 232 25.80 -11.56 -11.46
CA TRP A 232 25.22 -12.81 -11.95
C TRP A 232 24.84 -12.83 -13.41
N GLY A 233 24.79 -11.67 -14.04
CA GLY A 233 24.42 -11.63 -15.44
C GLY A 233 22.92 -11.87 -15.55
N GLU A 234 22.19 -11.54 -14.48
CA GLU A 234 20.74 -11.68 -14.42
C GLU A 234 20.08 -10.38 -13.96
N GLN A 235 19.09 -9.95 -14.72
CA GLN A 235 18.36 -8.73 -14.40
C GLN A 235 17.94 -8.71 -12.95
N THR A 236 17.18 -9.73 -12.55
CA THR A 236 16.70 -9.87 -11.17
C THR A 236 15.95 -11.18 -11.00
N ASP A 237 16.41 -11.99 -10.06
CA ASP A 237 15.79 -13.26 -9.76
C ASP A 237 15.98 -13.41 -8.26
N VAL A 238 14.90 -13.64 -7.54
CA VAL A 238 14.99 -13.71 -6.10
C VAL A 238 14.14 -14.83 -5.51
N PRO A 239 14.42 -15.22 -4.25
CA PRO A 239 13.62 -16.29 -3.67
C PRO A 239 12.21 -15.77 -3.36
N GLU A 240 11.24 -16.67 -3.31
CA GLU A 240 9.86 -16.27 -3.01
C GLU A 240 9.74 -16.04 -1.51
N SER A 241 8.74 -15.28 -1.09
CA SER A 241 8.55 -15.00 0.33
C SER A 241 8.44 -16.26 1.20
N ALA A 242 7.84 -17.30 0.65
CA ALA A 242 7.69 -18.53 1.39
C ALA A 242 9.08 -19.03 1.80
N ASP A 243 10.06 -18.83 0.93
CA ASP A 243 11.41 -19.26 1.21
C ASP A 243 12.04 -18.58 2.42
N TRP A 244 11.53 -17.39 2.79
CA TRP A 244 12.05 -16.70 3.96
C TRP A 244 11.87 -17.62 5.16
N TYR A 245 10.82 -18.42 5.12
CA TYR A 245 10.50 -19.33 6.22
C TYR A 245 11.47 -20.50 6.37
N ASN A 246 12.37 -20.65 5.40
CA ASN A 246 13.37 -21.72 5.45
C ASN A 246 14.69 -21.14 5.91
N SER A 247 14.70 -19.85 6.21
CA SER A 247 15.91 -19.16 6.67
C SER A 247 15.96 -19.12 8.19
N SER A 248 17.16 -19.27 8.75
CA SER A 248 17.30 -19.26 10.20
C SER A 248 17.95 -17.98 10.72
N TYR A 249 18.26 -17.06 9.80
CA TYR A 249 18.84 -15.76 10.14
C TYR A 249 18.57 -14.76 9.00
N ILE A 250 17.81 -13.70 9.31
CA ILE A 250 17.44 -12.70 8.30
C ILE A 250 17.74 -11.26 8.70
N ILE A 251 18.19 -10.48 7.74
CA ILE A 251 18.46 -9.07 7.95
C ILE A 251 17.62 -8.29 6.94
N ALA A 252 16.75 -7.42 7.43
CA ALA A 252 15.93 -6.59 6.55
C ALA A 252 16.73 -5.30 6.45
N TRP A 253 17.45 -5.15 5.35
CA TRP A 253 18.29 -3.99 5.12
C TRP A 253 17.66 -3.03 4.13
N GLY A 254 17.22 -1.87 4.60
CA GLY A 254 16.61 -0.89 3.71
C GLY A 254 15.37 -1.45 3.03
N SER A 255 14.66 -2.30 3.75
CA SER A 255 13.43 -2.90 3.26
C SER A 255 12.40 -2.84 4.37
N ASN A 256 11.37 -2.03 4.16
CA ASN A 256 10.31 -1.85 5.15
C ASN A 256 9.22 -2.90 4.89
N VAL A 257 9.60 -4.17 5.06
CA VAL A 257 8.73 -5.31 4.83
C VAL A 257 7.24 -5.17 5.16
N PRO A 258 6.91 -4.83 6.41
CA PRO A 258 5.49 -4.70 6.78
C PRO A 258 4.68 -3.64 6.02
N GLN A 259 5.36 -2.64 5.48
CA GLN A 259 4.71 -1.57 4.75
C GLN A 259 4.76 -1.71 3.22
N THR A 260 5.88 -2.23 2.71
CA THR A 260 6.07 -2.39 1.26
C THR A 260 5.97 -3.83 0.73
N ARG A 261 5.77 -4.79 1.62
CA ARG A 261 5.62 -6.19 1.23
C ARG A 261 4.55 -6.78 2.15
N THR A 262 3.57 -5.93 2.47
CA THR A 262 2.48 -6.27 3.36
C THR A 262 1.90 -7.69 3.24
N PRO A 263 1.41 -8.07 2.05
CA PRO A 263 0.84 -9.41 1.89
C PRO A 263 1.79 -10.55 2.18
N ASP A 264 3.09 -10.27 2.28
CA ASP A 264 4.06 -11.33 2.56
C ASP A 264 4.71 -11.23 3.94
N ALA A 265 4.45 -10.14 4.65
CA ALA A 265 5.04 -9.91 5.95
C ALA A 265 4.92 -11.05 6.93
N HIS A 266 3.78 -11.71 6.97
CA HIS A 266 3.59 -12.80 7.90
C HIS A 266 4.66 -13.88 7.81
N PHE A 267 5.25 -14.12 6.64
CA PHE A 267 6.28 -15.14 6.54
C PHE A 267 7.45 -14.72 7.42
N PHE A 268 7.63 -13.41 7.52
CA PHE A 268 8.69 -12.82 8.32
C PHE A 268 8.32 -12.85 9.81
N THR A 269 7.10 -12.46 10.18
CA THR A 269 6.74 -12.47 11.60
C THR A 269 6.61 -13.89 12.14
N GLU A 270 6.24 -14.82 11.26
CA GLU A 270 6.06 -16.20 11.66
C GLU A 270 7.35 -17.02 11.72
N VAL A 271 8.29 -16.78 10.81
CA VAL A 271 9.54 -17.54 10.83
C VAL A 271 10.28 -17.29 12.13
N ARG A 272 9.94 -16.20 12.81
CA ARG A 272 10.56 -15.88 14.08
C ARG A 272 10.22 -16.95 15.12
N TYR A 273 8.98 -17.45 15.08
CA TYR A 273 8.55 -18.47 16.02
C TYR A 273 9.23 -19.81 15.79
N LYS A 274 9.96 -19.94 14.69
CA LYS A 274 10.68 -21.17 14.33
C LYS A 274 12.10 -21.11 14.88
N GLY A 275 12.45 -19.96 15.45
CA GLY A 275 13.78 -19.78 16.01
C GLY A 275 14.68 -18.85 15.21
N THR A 276 14.17 -18.33 14.10
CA THR A 276 14.95 -17.44 13.26
C THR A 276 15.12 -16.07 13.91
N LYS A 277 16.34 -15.54 13.85
CA LYS A 277 16.61 -14.21 14.40
C LYS A 277 16.47 -13.19 13.28
N THR A 278 15.91 -12.05 13.61
CA THR A 278 15.73 -11.02 12.60
C THR A 278 16.44 -9.74 13.03
N VAL A 279 17.00 -9.04 12.05
CA VAL A 279 17.71 -7.78 12.30
C VAL A 279 17.26 -6.74 11.27
N ALA A 280 16.86 -5.58 11.77
CA ALA A 280 16.42 -4.46 10.93
C ALA A 280 17.53 -3.43 10.84
N VAL A 281 17.80 -2.94 9.64
CA VAL A 281 18.83 -1.91 9.45
C VAL A 281 18.20 -0.73 8.73
N THR A 282 17.78 0.27 9.51
CA THR A 282 17.16 1.47 8.97
C THR A 282 17.59 2.69 9.80
N PRO A 283 17.84 3.84 9.13
CA PRO A 283 18.25 5.06 9.82
C PRO A 283 17.19 5.59 10.76
N ASP A 284 15.93 5.42 10.39
CA ASP A 284 14.80 5.85 11.20
C ASP A 284 14.20 4.64 11.89
N TYR A 285 13.30 4.89 12.84
CA TYR A 285 12.64 3.78 13.51
C TYR A 285 11.45 3.45 12.62
N ALA A 286 11.72 2.68 11.59
CA ALA A 286 10.71 2.27 10.63
C ALA A 286 9.82 1.14 11.15
N GLU A 287 8.73 0.90 10.43
CA GLU A 287 7.81 -0.17 10.81
C GLU A 287 8.54 -1.51 10.88
N ILE A 288 9.51 -1.72 9.99
CA ILE A 288 10.26 -2.98 9.97
C ILE A 288 10.92 -3.28 11.32
N ALA A 289 11.36 -2.22 12.00
CA ALA A 289 12.01 -2.38 13.29
C ALA A 289 11.10 -3.03 14.33
N LYS A 290 9.84 -2.61 14.32
CA LYS A 290 8.87 -3.13 15.28
C LYS A 290 8.79 -4.66 15.32
N LEU A 291 9.18 -5.31 14.21
CA LEU A 291 9.12 -6.76 14.09
C LEU A 291 10.46 -7.48 14.28
N CYS A 292 11.53 -6.77 14.57
CA CYS A 292 12.80 -7.46 14.71
C CYS A 292 13.35 -7.60 16.12
N ASP A 293 14.43 -8.36 16.24
CA ASP A 293 15.07 -8.58 17.53
C ASP A 293 16.14 -7.55 17.79
N LEU A 294 16.63 -6.92 16.73
CA LEU A 294 17.68 -5.91 16.84
C LEU A 294 17.49 -4.80 15.84
N TRP A 295 17.72 -3.56 16.26
CA TRP A 295 17.59 -2.41 15.35
C TRP A 295 18.88 -1.61 15.21
N LEU A 296 19.50 -1.67 14.03
CA LEU A 296 20.72 -0.92 13.77
C LEU A 296 20.35 0.31 12.93
N ALA A 297 20.84 1.48 13.30
CA ALA A 297 20.48 2.68 12.57
C ALA A 297 21.64 3.43 11.93
N PRO A 298 22.23 2.88 10.86
CA PRO A 298 23.34 3.57 10.23
C PRO A 298 22.86 4.87 9.61
N LYS A 299 23.78 5.80 9.41
CA LYS A 299 23.47 7.08 8.78
C LYS A 299 23.07 6.74 7.34
N GLN A 300 21.93 7.24 6.89
CA GLN A 300 21.47 6.95 5.53
C GLN A 300 22.59 7.13 4.49
N GLY A 301 22.63 6.22 3.52
CA GLY A 301 23.63 6.29 2.46
C GLY A 301 25.00 5.71 2.78
N THR A 302 25.25 5.41 4.04
CA THR A 302 26.55 4.87 4.45
C THR A 302 26.60 3.36 4.56
N ASP A 303 25.47 2.71 4.32
CA ASP A 303 25.34 1.25 4.43
C ASP A 303 26.47 0.38 3.84
N ALA A 304 26.99 0.77 2.69
CA ALA A 304 28.06 0.00 2.07
C ALA A 304 29.18 -0.16 3.09
N ALA A 305 29.43 0.88 3.87
CA ALA A 305 30.48 0.87 4.88
C ALA A 305 30.28 -0.29 5.85
N MET A 306 29.07 -0.40 6.38
CA MET A 306 28.73 -1.45 7.33
C MET A 306 28.96 -2.81 6.69
N ALA A 307 28.48 -2.98 5.46
CA ALA A 307 28.63 -4.24 4.73
C ALA A 307 30.10 -4.64 4.61
N LEU A 308 30.95 -3.68 4.23
CA LEU A 308 32.36 -3.94 4.08
C LEU A 308 32.98 -4.46 5.37
N ALA A 309 32.67 -3.78 6.47
CA ALA A 309 33.17 -4.17 7.79
C ALA A 309 32.73 -5.58 8.11
N MET A 310 31.45 -5.88 7.88
CA MET A 310 30.92 -7.21 8.15
C MET A 310 31.60 -8.24 7.25
N GLY A 311 31.89 -7.85 6.01
CA GLY A 311 32.55 -8.78 5.12
C GLY A 311 33.94 -9.07 5.66
N HIS A 312 34.54 -8.02 6.22
CA HIS A 312 35.88 -8.10 6.79
C HIS A 312 35.94 -9.16 7.87
N VAL A 313 35.08 -9.03 8.87
CA VAL A 313 35.04 -9.97 9.97
C VAL A 313 34.84 -11.38 9.47
N MET A 314 33.89 -11.56 8.56
CA MET A 314 33.61 -12.88 8.01
C MET A 314 34.85 -13.50 7.37
N LEU A 315 35.49 -12.77 6.45
CA LEU A 315 36.68 -13.28 5.78
C LEU A 315 37.73 -13.64 6.82
N ARG A 316 37.95 -12.73 7.76
CA ARG A 316 38.93 -12.93 8.82
C ARG A 316 38.67 -14.19 9.63
N GLU A 317 37.46 -14.30 10.13
CA GLU A 317 37.09 -15.41 10.98
C GLU A 317 36.66 -16.74 10.35
N PHE A 318 35.99 -16.71 9.20
CA PHE A 318 35.52 -17.95 8.58
C PHE A 318 36.22 -18.34 7.29
N HIS A 319 37.26 -17.59 6.93
CA HIS A 319 38.00 -17.89 5.71
C HIS A 319 39.51 -18.00 5.97
N LEU A 320 40.01 -17.16 6.86
CA LEU A 320 41.44 -17.16 7.20
C LEU A 320 41.76 -17.94 8.48
N ASP A 321 41.44 -17.36 9.63
CA ASP A 321 41.75 -17.98 10.92
C ASP A 321 41.24 -19.41 11.04
N ASN A 322 39.93 -19.58 11.16
CA ASN A 322 39.36 -20.91 11.25
C ASN A 322 38.52 -21.16 9.98
N PRO A 323 39.20 -21.45 8.87
CA PRO A 323 38.52 -21.70 7.59
C PRO A 323 37.37 -22.68 7.66
N SER A 324 36.24 -22.28 7.08
CA SER A 324 35.03 -23.10 7.04
C SER A 324 35.05 -23.95 5.77
N GLN A 325 34.83 -25.25 5.92
CA GLN A 325 34.83 -26.15 4.78
C GLN A 325 33.72 -25.78 3.81
N TYR A 326 32.52 -25.57 4.32
CA TYR A 326 31.42 -25.20 3.45
C TYR A 326 31.70 -23.91 2.67
N PHE A 327 32.08 -22.84 3.36
CA PHE A 327 32.35 -21.57 2.67
C PHE A 327 33.48 -21.69 1.66
N THR A 328 34.58 -22.35 2.06
CA THR A 328 35.72 -22.50 1.17
C THR A 328 35.37 -23.23 -0.14
N ASP A 329 34.76 -24.40 -0.03
CA ASP A 329 34.37 -25.16 -1.22
C ASP A 329 33.42 -24.32 -2.08
N TYR A 330 32.52 -23.63 -1.42
CA TYR A 330 31.53 -22.79 -2.07
C TYR A 330 32.17 -21.70 -2.94
N VAL A 331 33.00 -20.83 -2.36
CA VAL A 331 33.61 -19.78 -3.17
C VAL A 331 34.60 -20.31 -4.20
N ARG A 332 35.11 -21.52 -3.97
CA ARG A 332 36.06 -22.13 -4.90
C ARG A 332 35.34 -22.48 -6.19
N ARG A 333 34.21 -23.15 -6.05
CA ARG A 333 33.43 -23.59 -7.22
C ARG A 333 32.44 -22.59 -7.83
N TYR A 334 31.96 -21.62 -7.05
CA TYR A 334 30.96 -20.70 -7.55
C TYR A 334 31.29 -19.23 -7.77
N THR A 335 32.51 -18.82 -7.46
CA THR A 335 32.86 -17.41 -7.66
C THR A 335 34.06 -17.32 -8.59
N ASP A 336 34.41 -16.10 -8.99
CA ASP A 336 35.55 -15.90 -9.88
C ASP A 336 36.83 -15.65 -9.07
N MET A 337 36.73 -15.90 -7.76
CA MET A 337 37.85 -15.69 -6.87
C MET A 337 39.18 -16.33 -7.32
N PRO A 338 39.14 -17.60 -7.77
CA PRO A 338 40.38 -18.25 -8.21
C PRO A 338 40.84 -17.79 -9.61
N MET A 339 40.01 -16.96 -10.25
CA MET A 339 40.32 -16.44 -11.58
C MET A 339 41.52 -15.47 -11.55
N LEU A 340 42.39 -15.59 -12.55
CA LEU A 340 43.59 -14.76 -12.65
C LEU A 340 43.44 -13.37 -13.26
N VAL A 341 43.95 -12.36 -12.54
CA VAL A 341 43.89 -10.97 -12.99
C VAL A 341 45.28 -10.47 -13.39
N MET A 342 45.37 -9.83 -14.55
CA MET A 342 46.64 -9.27 -15.03
C MET A 342 46.92 -7.94 -14.34
N LEU A 343 48.19 -7.71 -13.98
CA LEU A 343 48.58 -6.46 -13.33
C LEU A 343 49.20 -5.48 -14.32
N GLU A 344 48.77 -4.22 -14.23
CA GLU A 344 49.28 -3.18 -15.11
C GLU A 344 50.35 -2.39 -14.36
N GLU A 345 51.36 -1.93 -15.09
CA GLU A 345 52.44 -1.16 -14.47
C GLU A 345 52.14 0.33 -14.38
N ARG A 346 52.16 0.84 -13.15
CA ARG A 346 51.92 2.25 -12.89
C ARG A 346 53.27 2.90 -12.58
N ASP A 347 53.31 3.76 -11.56
CA ASP A 347 54.55 4.43 -11.18
C ASP A 347 55.01 4.03 -9.77
N GLY A 348 55.84 3.00 -9.70
CA GLY A 348 56.33 2.54 -8.41
C GLY A 348 55.41 1.50 -7.77
N TYR A 349 54.28 1.27 -8.43
CA TYR A 349 53.28 0.31 -7.95
C TYR A 349 52.46 -0.19 -9.12
N TYR A 350 51.73 -1.29 -8.90
CA TYR A 350 50.89 -1.86 -9.93
C TYR A 350 49.41 -1.54 -9.69
N ALA A 351 48.62 -1.71 -10.73
CA ALA A 351 47.17 -1.49 -10.67
C ALA A 351 46.54 -2.75 -11.26
N ALA A 352 45.37 -3.13 -10.74
CA ALA A 352 44.69 -4.33 -11.23
C ALA A 352 44.10 -4.05 -12.61
N GLY A 353 44.48 -4.85 -13.60
CA GLY A 353 43.97 -4.67 -14.95
C GLY A 353 42.86 -5.64 -15.30
N ARG A 354 42.75 -6.02 -16.58
CA ARG A 354 41.70 -6.95 -16.98
C ARG A 354 42.09 -8.35 -16.55
N MET A 355 41.15 -9.28 -16.65
CA MET A 355 41.40 -10.66 -16.26
C MET A 355 42.17 -11.40 -17.35
N LEU A 356 42.98 -12.37 -16.93
CA LEU A 356 43.77 -13.17 -17.86
C LEU A 356 42.78 -13.97 -18.70
N ARG A 357 43.11 -14.15 -19.98
CA ARG A 357 42.29 -14.91 -20.91
C ARG A 357 43.12 -16.01 -21.55
N ALA A 358 42.49 -17.14 -21.84
CA ALA A 358 43.18 -18.25 -22.47
C ALA A 358 44.06 -17.74 -23.61
N ALA A 359 43.50 -16.85 -24.42
CA ALA A 359 44.19 -16.26 -25.57
C ALA A 359 45.58 -15.71 -25.22
N ASP A 360 45.69 -15.09 -24.05
CA ASP A 360 46.95 -14.51 -23.60
C ASP A 360 48.11 -15.51 -23.50
N LEU A 361 47.80 -16.76 -23.15
CA LEU A 361 48.82 -17.79 -23.03
C LEU A 361 49.22 -18.35 -24.40
N VAL A 362 50.44 -18.88 -24.46
CA VAL A 362 51.01 -19.41 -25.70
C VAL A 362 50.12 -20.35 -26.52
N ASP A 363 49.93 -21.57 -26.06
CA ASP A 363 49.10 -22.51 -26.81
C ASP A 363 47.62 -22.17 -26.66
N ALA A 364 47.34 -21.05 -26.00
CA ALA A 364 45.97 -20.61 -25.76
C ALA A 364 45.24 -21.67 -24.94
N LEU A 365 46.01 -22.37 -24.10
CA LEU A 365 45.45 -23.42 -23.26
C LEU A 365 44.60 -24.40 -24.04
N GLY A 366 44.89 -24.51 -25.34
CA GLY A 366 44.16 -25.42 -26.21
C GLY A 366 42.80 -24.92 -26.65
N GLN A 367 42.49 -23.68 -26.31
CA GLN A 367 41.21 -23.09 -26.66
C GLN A 367 41.16 -22.45 -28.04
N GLU A 368 40.62 -23.18 -29.00
CA GLU A 368 40.50 -22.67 -30.36
C GLU A 368 39.32 -21.69 -30.41
N ASN A 369 38.18 -22.10 -29.85
CA ASN A 369 36.97 -21.28 -29.85
C ASN A 369 36.91 -20.23 -28.74
N ASN A 370 36.67 -18.98 -29.13
CA ASN A 370 36.58 -17.84 -28.20
C ASN A 370 37.62 -17.89 -27.10
N PRO A 371 38.90 -18.02 -27.46
CA PRO A 371 39.96 -18.08 -26.44
C PRO A 371 40.08 -16.78 -25.63
N GLU A 372 39.74 -15.67 -26.27
CA GLU A 372 39.81 -14.37 -25.61
C GLU A 372 38.63 -14.13 -24.65
N TRP A 373 37.64 -15.03 -24.69
CA TRP A 373 36.48 -14.91 -23.82
C TRP A 373 36.41 -15.98 -22.75
N LYS A 374 37.56 -16.57 -22.41
CA LYS A 374 37.61 -17.60 -21.39
C LYS A 374 38.63 -17.27 -20.31
N THR A 375 38.17 -17.25 -19.05
CA THR A 375 39.03 -16.93 -17.93
C THR A 375 39.95 -18.07 -17.55
N VAL A 376 41.06 -17.72 -16.88
CA VAL A 376 42.07 -18.70 -16.49
C VAL A 376 42.32 -18.76 -14.99
N ALA A 377 42.64 -19.95 -14.49
CA ALA A 377 42.91 -20.12 -13.07
C ALA A 377 43.97 -21.18 -12.87
N PHE A 378 44.42 -21.30 -11.62
CA PHE A 378 45.43 -22.27 -11.24
C PHE A 378 44.78 -23.41 -10.48
N ASN A 379 45.14 -24.64 -10.83
CA ASN A 379 44.60 -25.78 -10.09
C ASN A 379 45.53 -26.03 -8.91
N THR A 380 45.09 -26.84 -7.95
CA THR A 380 45.91 -27.11 -6.77
C THR A 380 47.27 -27.73 -7.08
N ASN A 381 47.49 -28.13 -8.32
CA ASN A 381 48.76 -28.72 -8.69
C ASN A 381 49.66 -27.72 -9.42
N GLY A 382 49.43 -26.44 -9.18
CA GLY A 382 50.22 -25.40 -9.80
C GLY A 382 50.03 -25.18 -11.29
N GLU A 383 49.32 -26.08 -11.95
CA GLU A 383 49.09 -25.95 -13.38
C GLU A 383 48.03 -24.90 -13.68
N MET A 384 48.18 -24.24 -14.83
CA MET A 384 47.25 -23.21 -15.27
C MET A 384 46.14 -23.89 -16.06
N VAL A 385 44.93 -23.34 -16.03
CA VAL A 385 43.84 -23.96 -16.77
C VAL A 385 42.64 -23.04 -17.03
N ALA A 386 41.93 -23.32 -18.11
CA ALA A 386 40.73 -22.57 -18.47
C ALA A 386 39.60 -23.50 -18.05
N PRO A 387 38.95 -23.20 -16.92
CA PRO A 387 37.86 -24.01 -16.39
C PRO A 387 36.53 -23.85 -17.15
N ASN A 388 35.72 -24.90 -17.13
CA ASN A 388 34.42 -24.90 -17.79
C ASN A 388 33.55 -23.75 -17.31
N GLY A 389 32.55 -23.39 -18.12
CA GLY A 389 31.62 -22.35 -17.71
C GLY A 389 31.89 -20.93 -18.10
N SER A 390 33.14 -20.58 -18.44
CA SER A 390 33.42 -19.20 -18.83
C SER A 390 32.51 -18.89 -20.03
N ILE A 391 32.14 -17.62 -20.18
CA ILE A 391 31.23 -17.20 -21.25
C ILE A 391 31.68 -17.59 -22.65
N GLY A 392 32.95 -17.95 -22.78
CA GLY A 392 33.48 -18.33 -24.08
C GLY A 392 32.93 -19.66 -24.56
N PHE A 393 32.53 -20.53 -23.62
CA PHE A 393 31.98 -21.84 -23.97
C PHE A 393 30.50 -21.80 -24.29
N ARG A 394 29.87 -20.63 -24.14
CA ARG A 394 28.44 -20.53 -24.39
C ARG A 394 28.08 -20.51 -25.86
N TRP A 395 28.90 -19.87 -26.67
CA TRP A 395 28.65 -19.79 -28.11
C TRP A 395 29.80 -20.39 -28.91
N GLY A 396 29.52 -20.82 -30.14
CA GLY A 396 30.55 -21.41 -30.97
C GLY A 396 30.88 -22.87 -30.69
N GLU A 397 30.47 -23.37 -29.53
CA GLU A 397 30.70 -24.76 -29.16
C GLU A 397 29.58 -25.23 -28.25
N LYS A 398 29.61 -26.49 -27.81
CA LYS A 398 28.57 -27.01 -26.93
C LYS A 398 29.07 -28.07 -25.95
N GLY A 399 28.40 -28.17 -24.80
CA GLY A 399 28.74 -29.17 -23.81
C GLY A 399 29.70 -28.79 -22.69
N LYS A 400 30.27 -27.59 -22.75
CA LYS A 400 31.21 -27.16 -21.73
C LYS A 400 30.80 -25.91 -20.97
N TRP A 401 29.59 -25.43 -21.21
CA TRP A 401 29.10 -24.26 -20.49
C TRP A 401 28.39 -24.74 -19.23
N ASN A 402 29.17 -25.20 -18.25
CA ASN A 402 28.63 -25.69 -17.00
C ASN A 402 29.62 -25.42 -15.87
N LEU A 403 29.19 -25.67 -14.64
CA LEU A 403 30.05 -25.44 -13.48
C LEU A 403 30.69 -26.71 -12.92
N GLU A 404 30.88 -27.71 -13.77
CA GLU A 404 31.55 -28.95 -13.33
C GLU A 404 33.00 -28.52 -13.21
N GLN A 405 33.62 -28.73 -12.06
CA GLN A 405 35.00 -28.33 -11.89
C GLN A 405 35.93 -29.14 -12.79
N ARG A 406 35.97 -28.79 -14.07
CA ARG A 406 36.80 -29.48 -15.05
C ARG A 406 37.68 -28.55 -15.88
N ASP A 407 38.69 -29.15 -16.52
CA ASP A 407 39.62 -28.44 -17.38
C ASP A 407 38.98 -28.25 -18.76
N GLY A 408 38.86 -26.99 -19.19
CA GLY A 408 38.27 -26.69 -20.46
C GLY A 408 38.97 -27.31 -21.66
N LYS A 409 40.20 -27.79 -21.46
CA LYS A 409 40.94 -28.41 -22.55
C LYS A 409 40.80 -29.94 -22.58
N THR A 410 41.34 -30.61 -21.57
CA THR A 410 41.31 -32.07 -21.47
C THR A 410 39.98 -32.65 -21.01
N GLY A 411 39.15 -31.81 -20.37
CA GLY A 411 37.87 -32.28 -19.89
C GLY A 411 38.00 -33.16 -18.66
N GLU A 412 39.09 -32.97 -17.92
CA GLU A 412 39.36 -33.75 -16.72
C GLU A 412 39.02 -32.97 -15.45
N GLU A 413 38.87 -33.69 -14.34
CA GLU A 413 38.55 -33.09 -13.06
C GLU A 413 39.72 -32.37 -12.40
N THR A 414 39.64 -31.04 -12.36
CA THR A 414 40.66 -30.23 -11.74
C THR A 414 40.13 -29.63 -10.46
N GLU A 415 40.98 -28.88 -9.76
CA GLU A 415 40.60 -28.23 -8.51
C GLU A 415 41.28 -26.88 -8.54
N LEU A 416 40.50 -25.82 -8.62
CA LEU A 416 41.06 -24.49 -8.66
C LEU A 416 41.62 -24.10 -7.30
N GLN A 417 42.77 -23.45 -7.30
CA GLN A 417 43.40 -23.01 -6.06
C GLN A 417 42.94 -21.58 -5.87
N LEU A 418 42.72 -21.18 -4.61
CA LEU A 418 42.25 -19.84 -4.31
C LEU A 418 43.31 -18.75 -4.19
N SER A 419 44.21 -18.89 -3.23
CA SER A 419 45.24 -17.89 -3.03
C SER A 419 46.62 -18.30 -3.53
N LEU A 420 47.34 -17.35 -4.11
CA LEU A 420 48.69 -17.59 -4.60
C LEU A 420 49.67 -17.46 -3.44
N LEU A 421 49.19 -16.96 -2.30
CA LEU A 421 50.04 -16.83 -1.12
C LEU A 421 50.53 -18.20 -0.74
N GLY A 422 51.81 -18.48 -1.03
CA GLY A 422 52.37 -19.77 -0.71
C GLY A 422 52.99 -20.39 -1.95
N SER A 423 53.02 -19.63 -3.02
CA SER A 423 53.59 -20.10 -4.27
C SER A 423 53.83 -18.91 -5.19
N GLN A 424 54.00 -17.73 -4.59
CA GLN A 424 54.25 -16.51 -5.36
C GLN A 424 55.72 -16.47 -5.76
N ASP A 425 56.00 -15.73 -6.84
CA ASP A 425 57.36 -15.57 -7.35
C ASP A 425 57.96 -14.30 -6.76
N GLU A 426 57.09 -13.50 -6.16
CA GLU A 426 57.48 -12.24 -5.53
C GLU A 426 56.25 -11.49 -5.07
N ILE A 427 56.47 -10.47 -4.26
CA ILE A 427 55.39 -9.65 -3.73
C ILE A 427 55.35 -8.32 -4.45
N ALA A 428 54.20 -7.99 -5.03
CA ALA A 428 54.05 -6.73 -5.74
C ALA A 428 53.13 -5.85 -4.91
N GLU A 429 53.24 -4.55 -5.11
CA GLU A 429 52.38 -3.61 -4.39
C GLU A 429 51.34 -3.12 -5.37
N VAL A 430 50.06 -3.33 -5.03
CA VAL A 430 48.96 -2.92 -5.89
C VAL A 430 48.15 -1.79 -5.26
N GLY A 431 47.82 -0.79 -6.07
CA GLY A 431 47.05 0.34 -5.56
C GLY A 431 45.55 0.12 -5.67
N PHE A 432 44.84 0.47 -4.61
CA PHE A 432 43.38 0.35 -4.56
C PHE A 432 42.78 1.72 -4.27
N PRO A 433 41.75 2.10 -5.06
CA PRO A 433 41.10 3.40 -4.87
C PRO A 433 40.33 3.43 -3.56
N TYR A 434 40.36 4.58 -2.87
CA TYR A 434 39.66 4.75 -1.60
C TYR A 434 38.93 6.08 -1.58
N PHE A 435 37.61 6.04 -1.50
CA PHE A 435 36.82 7.28 -1.50
C PHE A 435 36.20 7.60 -0.15
N GLY A 436 36.52 6.80 0.87
CA GLY A 436 35.97 7.03 2.19
C GLY A 436 36.32 8.38 2.78
N GLY A 437 37.20 9.13 2.13
CA GLY A 437 37.58 10.42 2.65
C GLY A 437 36.85 11.60 2.02
N ASP A 438 36.20 11.36 0.88
CA ASP A 438 35.49 12.44 0.22
C ASP A 438 34.06 12.54 0.75
N GLY A 439 33.23 13.37 0.12
CA GLY A 439 31.86 13.51 0.57
C GLY A 439 31.50 14.88 1.08
N THR A 440 30.21 15.11 1.29
CA THR A 440 29.73 16.39 1.78
C THR A 440 29.93 16.50 3.29
N GLU A 441 29.43 17.58 3.86
CA GLU A 441 29.53 17.86 5.28
C GLU A 441 28.49 17.08 6.07
N HIS A 442 27.49 16.57 5.37
CA HIS A 442 26.40 15.84 6.00
C HIS A 442 26.69 14.38 6.37
N PHE A 443 27.80 13.86 5.90
CA PHE A 443 28.18 12.47 6.21
C PHE A 443 29.60 12.42 6.73
N ASN A 444 29.82 11.64 7.79
CA ASN A 444 31.15 11.50 8.37
C ASN A 444 32.05 10.84 7.32
N LYS A 445 33.33 11.18 7.36
CA LYS A 445 34.30 10.62 6.42
C LYS A 445 35.57 10.26 7.16
N VAL A 446 36.39 9.43 6.54
CA VAL A 446 37.63 9.01 7.17
C VAL A 446 38.80 9.14 6.22
N GLU A 447 39.76 9.98 6.59
CA GLU A 447 40.94 10.23 5.76
C GLU A 447 42.00 9.13 5.85
N LEU A 448 42.49 8.74 4.67
CA LEU A 448 43.53 7.73 4.56
C LEU A 448 44.37 8.17 3.37
N GLU A 449 44.11 7.58 2.21
CA GLU A 449 44.82 7.92 0.98
C GLU A 449 43.91 7.58 -0.18
N ASN A 450 43.89 8.43 -1.21
CA ASN A 450 43.05 8.16 -2.37
C ASN A 450 43.47 6.83 -2.96
N VAL A 451 44.72 6.43 -2.73
CA VAL A 451 45.22 5.17 -3.23
C VAL A 451 45.94 4.41 -2.12
N LEU A 452 45.34 3.30 -1.71
CA LEU A 452 45.91 2.47 -0.66
C LEU A 452 46.73 1.37 -1.32
N LEU A 453 47.99 1.24 -0.93
CA LEU A 453 48.83 0.19 -1.50
C LEU A 453 48.86 -1.03 -0.62
N HIS A 454 48.67 -2.19 -1.24
CA HIS A 454 48.69 -3.45 -0.51
C HIS A 454 49.73 -4.38 -1.13
N LYS A 455 50.18 -5.35 -0.34
CA LYS A 455 51.16 -6.32 -0.81
C LYS A 455 50.41 -7.56 -1.27
N LEU A 456 50.50 -7.85 -2.57
CA LEU A 456 49.82 -8.99 -3.17
C LEU A 456 50.80 -10.06 -3.66
N PRO A 457 50.50 -11.33 -3.41
CA PRO A 457 51.40 -12.40 -3.89
C PRO A 457 51.17 -12.57 -5.39
N VAL A 458 52.24 -12.61 -6.17
CA VAL A 458 52.08 -12.75 -7.61
C VAL A 458 52.92 -13.85 -8.25
N LYS A 459 52.81 -13.95 -9.58
CA LYS A 459 53.54 -14.92 -10.38
C LYS A 459 53.73 -14.31 -11.76
N ARG A 460 54.91 -14.52 -12.33
CA ARG A 460 55.23 -13.98 -13.64
C ARG A 460 54.93 -15.02 -14.71
N LEU A 461 54.26 -14.58 -15.78
CA LEU A 461 53.89 -15.47 -16.89
C LEU A 461 54.46 -14.99 -18.21
N GLN A 462 54.71 -15.94 -19.11
CA GLN A 462 55.22 -15.63 -20.44
C GLN A 462 54.05 -15.61 -21.42
N LEU A 463 53.62 -14.41 -21.78
CA LEU A 463 52.49 -14.22 -22.68
C LEU A 463 52.75 -14.63 -24.13
N ALA A 464 51.68 -15.10 -24.76
CA ALA A 464 51.70 -15.57 -26.14
C ALA A 464 52.26 -14.58 -27.15
N ASP A 465 52.41 -13.32 -26.75
CA ASP A 465 52.93 -12.31 -27.67
C ASP A 465 54.38 -11.98 -27.35
N GLY A 466 55.00 -12.82 -26.53
CA GLY A 466 56.40 -12.60 -26.18
C GLY A 466 56.65 -11.87 -24.88
N SER A 467 55.84 -10.84 -24.60
CA SER A 467 56.01 -10.06 -23.37
C SER A 467 55.76 -10.92 -22.14
N THR A 468 55.89 -10.30 -20.97
CA THR A 468 55.68 -11.00 -19.72
C THR A 468 54.72 -10.16 -18.88
N ALA A 469 54.11 -10.77 -17.87
CA ALA A 469 53.17 -10.03 -17.03
C ALA A 469 52.97 -10.68 -15.67
N LEU A 470 52.61 -9.86 -14.69
CA LEU A 470 52.36 -10.34 -13.34
C LEU A 470 50.85 -10.58 -13.16
N VAL A 471 50.50 -11.63 -12.42
CA VAL A 471 49.11 -11.96 -12.19
C VAL A 471 48.82 -12.31 -10.72
N THR A 472 47.54 -12.30 -10.36
CA THR A 472 47.11 -12.65 -9.01
C THR A 472 45.62 -12.98 -9.06
N THR A 473 45.13 -13.69 -8.05
CA THR A 473 43.73 -14.08 -8.03
C THR A 473 42.79 -13.02 -7.46
N VAL A 474 41.55 -13.05 -7.95
CA VAL A 474 40.50 -12.15 -7.50
C VAL A 474 40.46 -12.31 -5.98
N TYR A 475 40.63 -13.55 -5.54
CA TYR A 475 40.63 -13.89 -4.12
C TYR A 475 41.64 -13.03 -3.36
N ASP A 476 42.91 -13.13 -3.76
CA ASP A 476 43.96 -12.35 -3.11
C ASP A 476 43.63 -10.87 -3.17
N LEU A 477 43.26 -10.42 -4.37
CA LEU A 477 42.89 -9.02 -4.58
C LEU A 477 41.74 -8.61 -3.64
N THR A 478 40.84 -9.56 -3.38
CA THR A 478 39.69 -9.32 -2.51
C THR A 478 40.03 -9.17 -1.04
N LEU A 479 40.94 -10.00 -0.55
CA LEU A 479 41.35 -9.93 0.84
C LEU A 479 42.12 -8.63 1.12
N ALA A 480 42.82 -8.14 0.09
CA ALA A 480 43.60 -6.92 0.23
C ALA A 480 42.66 -5.72 0.28
N ASN A 481 41.69 -5.71 -0.65
CA ASN A 481 40.73 -4.64 -0.73
C ASN A 481 40.00 -4.52 0.61
N TYR A 482 39.77 -5.66 1.27
CA TYR A 482 39.10 -5.67 2.57
C TYR A 482 40.01 -5.33 3.74
N GLY A 483 41.31 -5.24 3.48
CA GLY A 483 42.25 -4.89 4.54
C GLY A 483 42.65 -6.02 5.47
N LEU A 484 42.71 -7.24 4.94
CA LEU A 484 43.10 -8.37 5.78
C LEU A 484 44.61 -8.62 5.75
N GLU A 485 45.23 -8.58 6.93
CA GLU A 485 46.65 -8.81 7.07
C GLU A 485 46.89 -10.29 6.81
N ARG A 486 47.74 -10.60 5.83
CA ARG A 486 48.01 -11.99 5.47
C ARG A 486 49.45 -12.45 5.73
N GLY A 487 50.20 -11.70 6.52
CA GLY A 487 51.56 -12.10 6.84
C GLY A 487 52.69 -11.36 6.14
N LEU A 488 52.35 -10.47 5.20
CA LEU A 488 53.37 -9.72 4.49
C LEU A 488 53.62 -8.37 5.18
N ASN A 489 52.95 -8.18 6.31
CA ASN A 489 53.07 -6.95 7.08
C ASN A 489 52.76 -5.78 6.14
N ASP A 490 51.47 -5.49 5.99
CA ASP A 490 50.98 -4.42 5.14
C ASP A 490 50.47 -3.30 6.03
N VAL A 491 51.13 -2.14 5.97
CA VAL A 491 50.75 -1.00 6.79
C VAL A 491 49.31 -0.52 6.55
N ASN A 492 48.72 -0.90 5.43
CA ASN A 492 47.35 -0.51 5.14
C ASN A 492 46.33 -1.60 5.50
N CYS A 493 46.82 -2.71 6.03
CA CYS A 493 45.95 -3.81 6.45
C CYS A 493 45.71 -3.66 7.94
N ALA A 494 44.59 -4.21 8.42
CA ALA A 494 44.22 -4.12 9.81
C ALA A 494 45.03 -5.03 10.71
N THR A 495 45.25 -4.58 11.95
CA THR A 495 45.98 -5.36 12.94
C THR A 495 44.98 -5.85 13.99
N SER A 496 43.81 -5.24 13.98
CA SER A 496 42.73 -5.59 14.90
C SER A 496 41.48 -4.93 14.35
N TYR A 497 40.33 -5.35 14.83
CA TYR A 497 39.09 -4.75 14.35
C TYR A 497 39.02 -3.28 14.79
N ASP A 498 39.83 -2.91 15.79
CA ASP A 498 39.85 -1.52 16.30
C ASP A 498 40.79 -0.64 15.47
N ASP A 499 41.60 -1.27 14.62
CA ASP A 499 42.54 -0.57 13.75
C ASP A 499 41.76 0.19 12.67
N VAL A 500 41.90 1.52 12.60
CA VAL A 500 41.18 2.27 11.59
C VAL A 500 41.82 2.12 10.21
N LYS A 501 41.46 1.06 9.50
CA LYS A 501 42.01 0.81 8.17
C LYS A 501 40.94 0.51 7.13
N ALA A 502 41.39 0.14 5.95
CA ALA A 502 40.53 -0.18 4.82
C ALA A 502 39.47 -1.22 5.15
N TYR A 503 38.36 -0.74 5.73
CA TYR A 503 37.18 -1.53 6.04
C TYR A 503 37.20 -2.45 7.26
N THR A 504 37.41 -1.84 8.42
CA THR A 504 37.42 -2.58 9.67
C THR A 504 36.19 -2.11 10.44
N PRO A 505 35.78 -2.88 11.46
CA PRO A 505 34.61 -2.46 12.23
C PRO A 505 34.80 -1.06 12.82
N ALA A 506 36.02 -0.75 13.25
CA ALA A 506 36.30 0.56 13.82
C ALA A 506 36.16 1.65 12.77
N TRP A 507 36.59 1.33 11.55
CA TRP A 507 36.51 2.27 10.44
C TRP A 507 35.06 2.60 10.11
N ALA A 508 34.25 1.57 9.96
CA ALA A 508 32.84 1.75 9.63
C ALA A 508 32.06 2.44 10.74
N GLU A 509 32.50 2.26 11.99
CA GLU A 509 31.81 2.90 13.10
C GLU A 509 31.83 4.40 12.89
N GLN A 510 32.94 4.92 12.38
CA GLN A 510 33.06 6.34 12.13
C GLN A 510 32.20 6.80 10.96
N ILE A 511 32.20 6.04 9.87
CA ILE A 511 31.41 6.40 8.70
C ILE A 511 29.92 6.27 8.93
N THR A 512 29.52 5.11 9.44
CA THR A 512 28.13 4.77 9.67
C THR A 512 27.51 5.23 10.96
N GLY A 513 28.28 5.16 12.05
CA GLY A 513 27.77 5.56 13.35
C GLY A 513 27.24 4.35 14.12
N VAL A 514 27.36 3.17 13.52
CA VAL A 514 26.90 1.93 14.16
C VAL A 514 28.03 1.36 15.00
N SER A 515 27.76 1.10 16.27
CA SER A 515 28.76 0.56 17.19
C SER A 515 29.56 -0.61 16.62
N ARG A 516 30.89 -0.49 16.60
CA ARG A 516 31.74 -1.55 16.08
C ARG A 516 31.42 -2.94 16.64
N SER A 517 31.11 -3.02 17.93
CA SER A 517 30.80 -4.32 18.52
C SER A 517 29.51 -4.89 17.93
N GLN A 518 28.58 -4.03 17.57
CA GLN A 518 27.33 -4.48 16.95
C GLN A 518 27.66 -5.11 15.60
N ILE A 519 28.47 -4.43 14.82
CA ILE A 519 28.87 -4.90 13.50
C ILE A 519 29.53 -6.27 13.62
N ILE A 520 30.45 -6.39 14.55
CA ILE A 520 31.16 -7.64 14.76
C ILE A 520 30.23 -8.77 15.20
N ARG A 521 29.39 -8.49 16.19
CA ARG A 521 28.48 -9.49 16.69
C ARG A 521 27.53 -10.04 15.63
N ILE A 522 26.92 -9.16 14.87
CA ILE A 522 25.99 -9.59 13.83
C ILE A 522 26.70 -10.24 12.65
N ALA A 523 27.89 -9.75 12.32
CA ALA A 523 28.64 -10.35 11.22
C ALA A 523 28.95 -11.79 11.65
N ARG A 524 29.38 -11.94 12.89
CA ARG A 524 29.72 -13.26 13.41
C ARG A 524 28.51 -14.19 13.43
N GLU A 525 27.40 -13.76 14.03
CA GLU A 525 26.19 -14.59 14.07
C GLU A 525 25.74 -15.02 12.67
N PHE A 526 25.63 -14.07 11.76
CA PHE A 526 25.21 -14.34 10.40
C PHE A 526 26.06 -15.44 9.74
N ALA A 527 27.38 -15.28 9.82
CA ALA A 527 28.29 -16.25 9.22
C ALA A 527 28.26 -17.60 9.94
N ASP A 528 28.16 -17.55 11.26
CA ASP A 528 28.12 -18.76 12.07
C ASP A 528 26.88 -19.55 11.68
N ASN A 529 25.76 -18.84 11.54
CA ASN A 529 24.50 -19.46 11.16
C ASN A 529 24.67 -20.12 9.79
N ALA A 530 25.19 -19.36 8.83
CA ALA A 530 25.38 -19.86 7.47
C ALA A 530 26.25 -21.10 7.45
N ASP A 531 27.26 -21.13 8.32
CA ASP A 531 28.14 -22.27 8.41
C ASP A 531 27.36 -23.47 8.92
N LYS A 532 26.63 -23.27 10.02
CA LYS A 532 25.81 -24.31 10.66
C LYS A 532 24.67 -24.85 9.80
N THR A 533 24.19 -24.07 8.84
CA THR A 533 23.05 -24.51 8.04
C THR A 533 23.33 -24.69 6.57
N HIS A 534 24.56 -24.42 6.17
CA HIS A 534 24.94 -24.51 4.77
C HIS A 534 24.23 -23.46 3.93
N GLY A 535 24.37 -22.20 4.35
CA GLY A 535 23.81 -21.09 3.60
C GLY A 535 22.40 -20.59 3.90
N ARG A 536 21.85 -20.91 5.06
CA ARG A 536 20.49 -20.43 5.35
C ARG A 536 20.45 -19.09 6.08
N SER A 537 21.20 -18.12 5.54
CA SER A 537 21.22 -16.76 6.06
C SER A 537 20.73 -15.94 4.87
N MET A 538 19.89 -14.96 5.13
CA MET A 538 19.31 -14.18 4.04
C MET A 538 19.19 -12.71 4.35
N ILE A 539 19.31 -11.90 3.30
CA ILE A 539 19.19 -10.46 3.45
C ILE A 539 18.13 -9.93 2.51
N ILE A 540 17.10 -9.32 3.09
CA ILE A 540 16.01 -8.73 2.34
C ILE A 540 16.40 -7.26 2.19
N VAL A 541 16.65 -6.84 0.95
CA VAL A 541 17.06 -5.47 0.69
C VAL A 541 16.09 -4.78 -0.25
N GLY A 542 16.00 -3.46 -0.15
CA GLY A 542 15.10 -2.71 -1.01
C GLY A 542 15.57 -1.31 -1.36
N ALA A 543 14.66 -0.50 -1.87
CA ALA A 543 14.94 0.88 -2.27
C ALA A 543 15.67 1.71 -1.23
N GLY A 544 15.70 1.27 0.02
CA GLY A 544 16.39 2.01 1.05
C GLY A 544 17.85 2.14 0.66
N LEU A 545 18.34 1.16 -0.08
CA LEU A 545 19.73 1.14 -0.53
C LEU A 545 19.83 1.32 -2.04
N ASN A 546 18.91 0.70 -2.77
CA ASN A 546 18.94 0.75 -4.23
C ASN A 546 18.61 2.06 -4.94
N HIS A 547 18.19 3.08 -4.19
CA HIS A 547 17.87 4.35 -4.81
C HIS A 547 18.93 5.43 -4.61
N TRP A 548 20.10 4.99 -4.17
CA TRP A 548 21.22 5.89 -4.00
C TRP A 548 22.02 5.82 -5.29
N TYR A 549 22.74 6.88 -5.62
CA TYR A 549 23.54 6.92 -6.83
C TYR A 549 24.55 5.76 -6.85
N HIS A 550 25.06 5.40 -5.68
CA HIS A 550 26.03 4.31 -5.57
C HIS A 550 25.39 3.00 -5.15
N LEU A 551 24.15 2.79 -5.58
CA LEU A 551 23.43 1.58 -5.23
C LEU A 551 24.27 0.32 -5.45
N ASP A 552 25.09 0.30 -6.50
CA ASP A 552 25.92 -0.87 -6.78
C ASP A 552 26.85 -1.22 -5.63
N MET A 553 27.42 -0.20 -4.99
CA MET A 553 28.31 -0.45 -3.88
C MET A 553 27.49 -0.96 -2.71
N ASN A 554 26.38 -0.30 -2.42
CA ASN A 554 25.51 -0.74 -1.33
C ASN A 554 25.15 -2.20 -1.53
N TYR A 555 24.76 -2.56 -2.74
CA TYR A 555 24.39 -3.94 -3.04
C TYR A 555 25.52 -4.94 -3.04
N ARG A 556 26.61 -4.66 -3.76
CA ARG A 556 27.73 -5.60 -3.78
C ARG A 556 28.26 -5.84 -2.37
N GLY A 557 28.04 -4.89 -1.49
CA GLY A 557 28.47 -5.06 -0.12
C GLY A 557 27.68 -6.20 0.48
N LEU A 558 26.35 -6.14 0.34
CA LEU A 558 25.48 -7.19 0.85
C LEU A 558 25.70 -8.50 0.11
N ILE A 559 25.90 -8.40 -1.20
CA ILE A 559 26.12 -9.59 -2.01
C ILE A 559 27.37 -10.35 -1.62
N ASN A 560 28.46 -9.65 -1.33
CA ASN A 560 29.68 -10.32 -0.92
C ASN A 560 29.49 -11.12 0.38
N MET A 561 28.80 -10.51 1.34
CA MET A 561 28.53 -11.19 2.61
C MET A 561 27.84 -12.54 2.37
N LEU A 562 26.83 -12.53 1.51
CA LEU A 562 26.09 -13.75 1.19
C LEU A 562 26.95 -14.76 0.43
N ILE A 563 27.76 -14.29 -0.52
CA ILE A 563 28.62 -15.19 -1.26
C ILE A 563 29.69 -15.80 -0.33
N PHE A 564 30.33 -14.96 0.48
CA PHE A 564 31.35 -15.43 1.40
C PHE A 564 30.81 -16.54 2.31
N CYS A 565 29.54 -16.43 2.69
CA CYS A 565 28.92 -17.42 3.57
C CYS A 565 28.16 -18.48 2.77
N GLY A 566 28.42 -18.52 1.47
CA GLY A 566 27.78 -19.50 0.62
C GLY A 566 26.26 -19.57 0.72
N CYS A 567 25.59 -18.43 0.80
CA CYS A 567 24.14 -18.39 0.93
C CYS A 567 23.33 -18.31 -0.36
N VAL A 568 23.92 -17.81 -1.44
CA VAL A 568 23.18 -17.73 -2.70
C VAL A 568 23.01 -19.11 -3.33
N GLY A 569 21.80 -19.39 -3.81
CA GLY A 569 21.50 -20.66 -4.43
C GLY A 569 21.01 -21.73 -3.47
N GLN A 570 20.89 -21.40 -2.19
CA GLN A 570 20.42 -22.33 -1.17
C GLN A 570 19.10 -21.88 -0.55
N SER A 571 18.12 -22.78 -0.51
CA SER A 571 16.82 -22.44 0.05
C SER A 571 17.02 -21.90 1.45
N GLY A 572 16.41 -20.74 1.73
CA GLY A 572 16.55 -20.14 3.05
C GLY A 572 17.73 -19.19 3.14
N GLY A 573 18.44 -19.00 2.03
CA GLY A 573 19.57 -18.10 2.06
C GLY A 573 19.68 -17.29 0.79
N GLY A 574 20.51 -16.24 0.79
CA GLY A 574 20.66 -15.47 -0.42
C GLY A 574 20.27 -14.02 -0.41
N TRP A 575 20.26 -13.46 -1.61
CA TRP A 575 19.95 -12.06 -1.88
C TRP A 575 18.47 -11.88 -2.25
N ALA A 576 17.67 -11.37 -1.32
CA ALA A 576 16.26 -11.18 -1.56
C ALA A 576 15.91 -9.70 -1.83
N HIS A 577 16.07 -9.32 -3.08
CA HIS A 577 15.79 -7.98 -3.58
C HIS A 577 14.31 -7.84 -3.95
N TYR A 578 13.61 -6.91 -3.31
CA TYR A 578 12.19 -6.68 -3.59
C TYR A 578 11.90 -5.19 -3.73
N VAL A 579 11.52 -4.81 -4.95
CA VAL A 579 11.20 -3.42 -5.29
C VAL A 579 9.88 -3.46 -6.07
N GLY A 580 9.98 -3.35 -7.40
CA GLY A 580 8.81 -3.39 -8.24
C GLY A 580 8.43 -4.83 -8.56
N GLN A 581 7.26 -5.01 -9.14
CA GLN A 581 6.75 -6.34 -9.49
C GLN A 581 7.25 -6.75 -10.87
N GLU A 582 8.56 -6.93 -11.02
CA GLU A 582 9.09 -7.27 -12.34
C GLU A 582 9.09 -8.75 -12.76
N LYS A 583 8.66 -9.66 -11.90
CA LYS A 583 8.68 -11.05 -12.30
C LYS A 583 7.43 -11.55 -13.02
N LEU A 584 7.37 -11.28 -14.31
CA LEU A 584 6.29 -11.75 -15.15
C LEU A 584 6.82 -13.14 -15.51
N ARG A 585 6.34 -14.15 -14.81
CA ARG A 585 6.80 -15.51 -15.00
C ARG A 585 6.71 -16.12 -16.41
N PRO A 586 5.55 -16.03 -17.07
CA PRO A 586 5.44 -16.61 -18.42
C PRO A 586 6.10 -15.72 -19.49
N GLN A 587 7.35 -15.35 -19.23
CA GLN A 587 8.14 -14.48 -20.11
C GLN A 587 8.10 -14.71 -21.62
N THR A 588 8.69 -15.80 -22.07
CA THR A 588 8.74 -16.06 -23.50
C THR A 588 7.41 -16.31 -24.18
N GLY A 589 6.35 -16.35 -23.39
CA GLY A 589 5.03 -16.56 -23.97
C GLY A 589 4.41 -15.20 -24.18
N TRP A 590 4.87 -14.27 -23.35
CA TRP A 590 4.39 -12.89 -23.35
C TRP A 590 5.16 -11.93 -24.28
N GLN A 591 6.48 -12.11 -24.39
CA GLN A 591 7.29 -11.20 -25.22
C GLN A 591 6.82 -11.09 -26.66
N PRO A 592 6.54 -12.22 -27.32
CA PRO A 592 6.09 -12.11 -28.72
C PRO A 592 4.76 -11.36 -28.87
N LEU A 593 3.89 -11.47 -27.86
CA LEU A 593 2.61 -10.79 -27.91
C LEU A 593 2.78 -9.30 -27.72
N ALA A 594 3.55 -8.90 -26.73
CA ALA A 594 3.73 -7.49 -26.42
C ALA A 594 4.56 -6.70 -27.42
N PHE A 595 5.48 -7.36 -28.12
CA PHE A 595 6.32 -6.63 -29.06
C PHE A 595 6.13 -7.05 -30.52
N ALA A 596 5.06 -7.78 -30.77
CA ALA A 596 4.72 -8.23 -32.12
C ALA A 596 5.87 -9.01 -32.77
N LEU A 597 6.55 -9.81 -31.98
CA LEU A 597 7.66 -10.61 -32.49
C LEU A 597 7.13 -11.83 -33.25
N ASP A 598 5.81 -11.97 -33.26
CA ASP A 598 5.18 -13.07 -33.98
C ASP A 598 5.03 -12.62 -35.45
N TRP A 599 5.23 -11.33 -35.69
CA TRP A 599 5.13 -10.75 -37.03
C TRP A 599 6.42 -10.11 -37.55
N GLN A 600 7.06 -9.30 -36.71
CA GLN A 600 8.28 -8.61 -37.11
C GLN A 600 9.34 -8.65 -36.03
N ARG A 601 10.59 -8.78 -36.47
CA ARG A 601 11.75 -8.82 -35.59
C ARG A 601 12.86 -7.91 -36.14
N PRO A 602 13.42 -7.02 -35.31
CA PRO A 602 13.11 -6.81 -33.89
C PRO A 602 12.21 -5.58 -33.71
N ALA A 603 11.91 -5.27 -32.45
CA ALA A 603 11.08 -4.12 -32.11
C ALA A 603 12.03 -3.00 -31.69
N ARG A 604 11.49 -1.85 -31.31
CA ARG A 604 12.30 -0.72 -30.89
C ARG A 604 12.29 -0.44 -29.38
N HIS A 605 13.12 -1.15 -28.64
CA HIS A 605 13.21 -0.97 -27.19
C HIS A 605 14.16 0.18 -26.86
N MET A 606 13.89 0.86 -25.76
CA MET A 606 14.70 1.99 -25.34
C MET A 606 14.81 2.07 -23.84
N ASN A 607 16.01 2.36 -23.33
CA ASN A 607 16.19 2.50 -21.89
C ASN A 607 15.77 3.92 -21.51
N SER A 608 14.66 4.02 -20.77
CA SER A 608 14.08 5.31 -20.38
C SER A 608 14.87 6.41 -19.68
N THR A 609 15.82 6.06 -18.81
CA THR A 609 16.57 7.09 -18.11
C THR A 609 17.34 7.97 -19.10
N SER A 610 18.02 7.35 -20.06
CA SER A 610 18.79 8.09 -21.06
C SER A 610 17.83 8.88 -21.95
N TYR A 611 16.68 8.28 -22.21
CA TYR A 611 15.66 8.89 -23.05
C TYR A 611 15.13 10.20 -22.47
N PHE A 612 14.75 10.20 -21.20
CA PHE A 612 14.22 11.41 -20.59
C PHE A 612 15.33 12.39 -20.24
N TYR A 613 16.49 11.86 -19.88
CA TYR A 613 17.64 12.70 -19.55
C TYR A 613 17.92 13.58 -20.78
N ASN A 614 17.82 12.95 -21.94
CA ASN A 614 18.06 13.63 -23.20
C ASN A 614 16.92 14.52 -23.68
N HIS A 615 15.72 13.96 -23.82
CA HIS A 615 14.59 14.72 -24.32
C HIS A 615 13.93 15.71 -23.38
N SER A 616 13.99 15.50 -22.08
CA SER A 616 13.40 16.50 -21.19
C SER A 616 14.54 17.47 -20.84
N SER A 617 15.63 17.34 -21.59
CA SER A 617 16.83 18.17 -21.49
C SER A 617 17.41 18.32 -20.09
N GLN A 618 17.31 17.29 -19.27
CA GLN A 618 17.84 17.40 -17.93
C GLN A 618 19.38 17.45 -17.90
N TRP A 619 20.01 17.12 -19.04
CA TRP A 619 21.47 17.16 -19.15
C TRP A 619 21.97 18.60 -19.20
N ARG A 620 21.13 19.51 -19.70
CA ARG A 620 21.50 20.92 -19.81
C ARG A 620 21.67 21.59 -18.45
N TYR A 621 21.40 20.85 -17.37
CA TYR A 621 21.54 21.39 -16.03
C TYR A 621 22.44 20.52 -15.17
N GLU A 622 23.09 19.55 -15.80
CA GLU A 622 23.97 18.61 -15.09
C GLU A 622 25.06 19.27 -14.23
N THR A 623 25.10 18.91 -12.96
CA THR A 623 26.09 19.47 -12.03
C THR A 623 27.18 18.44 -11.71
N VAL A 624 26.94 17.18 -12.05
CA VAL A 624 27.91 16.12 -11.78
C VAL A 624 28.78 15.89 -13.01
N THR A 625 30.08 15.69 -12.80
CA THR A 625 31.01 15.45 -13.90
C THR A 625 31.52 14.02 -13.81
N ALA A 626 31.83 13.42 -14.95
CA ALA A 626 32.35 12.07 -14.96
C ALA A 626 33.71 12.09 -14.26
N GLU A 627 34.45 13.16 -14.49
CA GLU A 627 35.78 13.34 -13.92
C GLU A 627 35.84 13.11 -12.41
N GLU A 628 34.86 13.67 -11.70
CA GLU A 628 34.84 13.53 -10.25
C GLU A 628 34.44 12.14 -9.74
N LEU A 629 34.14 11.21 -10.66
CA LEU A 629 33.76 9.85 -10.30
C LEU A 629 34.86 8.89 -10.74
N LEU A 630 35.80 9.43 -11.50
CA LEU A 630 36.91 8.66 -12.03
C LEU A 630 37.81 8.10 -10.93
N SER A 631 38.42 6.95 -11.20
CA SER A 631 39.35 6.33 -10.28
C SER A 631 40.58 7.21 -10.25
N PRO A 632 41.26 7.29 -9.09
CA PRO A 632 42.45 8.13 -9.04
C PRO A 632 43.57 7.55 -9.89
N MET A 633 43.43 6.27 -10.23
CA MET A 633 44.43 5.58 -11.04
C MET A 633 44.07 5.51 -12.51
N ALA A 634 43.11 6.34 -12.92
CA ALA A 634 42.68 6.34 -14.32
C ALA A 634 43.22 7.56 -15.06
N ASP A 635 43.47 7.40 -16.37
CA ASP A 635 43.99 8.47 -17.20
C ASP A 635 42.86 9.49 -17.49
N LYS A 636 42.74 10.49 -16.62
CA LYS A 636 41.70 11.52 -16.74
C LYS A 636 41.44 12.09 -18.13
N SER A 637 42.47 12.17 -18.95
CA SER A 637 42.31 12.73 -20.29
C SER A 637 41.60 11.77 -21.24
N ARG A 638 41.53 10.49 -20.88
CA ARG A 638 40.85 9.52 -21.73
C ARG A 638 39.34 9.54 -21.52
N TYR A 639 38.89 10.29 -20.52
CA TYR A 639 37.46 10.37 -20.21
C TYR A 639 36.93 11.80 -20.09
N THR A 640 37.11 12.59 -21.13
CA THR A 640 36.62 13.96 -21.08
C THR A 640 35.19 13.95 -21.61
N GLY A 641 34.48 15.04 -21.35
CA GLY A 641 33.12 15.16 -21.85
C GLY A 641 32.03 15.18 -20.78
N HIS A 642 30.84 15.60 -21.21
CA HIS A 642 29.66 15.67 -20.37
C HIS A 642 29.18 14.24 -20.15
N LEU A 643 28.47 14.00 -19.05
CA LEU A 643 27.98 12.64 -18.80
C LEU A 643 27.15 12.12 -19.98
N ILE A 644 26.44 13.02 -20.67
CA ILE A 644 25.65 12.61 -21.83
C ILE A 644 26.53 12.19 -23.01
N ASP A 645 27.77 12.67 -23.04
CA ASP A 645 28.69 12.31 -24.13
C ASP A 645 28.99 10.82 -24.05
N PHE A 646 29.14 10.30 -22.84
CA PHE A 646 29.43 8.89 -22.67
C PHE A 646 28.23 8.08 -23.16
N ASN A 647 27.04 8.65 -23.01
CA ASN A 647 25.84 7.94 -23.43
C ASN A 647 25.81 7.84 -24.95
N VAL A 648 26.10 8.95 -25.61
CA VAL A 648 26.11 8.98 -27.07
C VAL A 648 27.15 8.02 -27.63
N ARG A 649 28.32 7.96 -27.01
CA ARG A 649 29.38 7.06 -27.47
C ARG A 649 28.91 5.64 -27.26
N ALA A 650 28.28 5.41 -26.11
CA ALA A 650 27.78 4.09 -25.76
C ALA A 650 26.77 3.66 -26.81
N GLU A 651 25.96 4.59 -27.28
CA GLU A 651 24.98 4.27 -28.29
C GLU A 651 25.63 3.86 -29.61
N ARG A 652 26.56 4.68 -30.10
CA ARG A 652 27.20 4.38 -31.37
C ARG A 652 28.08 3.14 -31.34
N MET A 653 28.42 2.67 -30.14
CA MET A 653 29.24 1.48 -30.00
C MET A 653 28.40 0.21 -29.83
N GLY A 654 27.09 0.35 -29.97
CA GLY A 654 26.19 -0.78 -29.83
C GLY A 654 25.92 -1.24 -28.40
N TRP A 655 26.29 -0.40 -27.43
CA TRP A 655 26.10 -0.72 -26.03
C TRP A 655 24.67 -0.48 -25.53
N LEU A 656 24.16 0.73 -25.77
CA LEU A 656 22.80 1.12 -25.36
C LEU A 656 21.91 1.44 -26.55
N PRO A 657 20.58 1.36 -26.36
CA PRO A 657 19.63 1.65 -27.45
C PRO A 657 19.48 3.14 -27.71
N SER A 658 18.88 3.48 -28.83
CA SER A 658 18.68 4.87 -29.21
C SER A 658 17.23 5.17 -29.55
N ALA A 659 16.81 6.43 -29.34
CA ALA A 659 15.43 6.81 -29.65
C ALA A 659 15.17 8.32 -29.55
N PRO A 660 14.92 8.98 -30.70
CA PRO A 660 14.88 8.38 -32.03
C PRO A 660 16.27 7.82 -32.34
N GLN A 661 16.35 6.89 -33.28
CA GLN A 661 17.63 6.28 -33.59
C GLN A 661 18.54 7.13 -34.46
N LEU A 662 18.07 7.47 -35.67
CA LEU A 662 18.86 8.26 -36.60
C LEU A 662 18.29 9.64 -36.84
N GLY A 663 19.12 10.53 -37.38
CA GLY A 663 18.72 11.89 -37.66
C GLY A 663 17.93 12.01 -38.96
N THR A 664 17.71 10.87 -39.61
CA THR A 664 16.97 10.85 -40.85
C THR A 664 15.84 9.82 -40.72
N ASN A 665 14.68 10.10 -41.33
CA ASN A 665 13.54 9.18 -41.27
C ASN A 665 13.99 7.78 -41.68
N PRO A 666 13.95 6.83 -40.75
CA PRO A 666 14.37 5.45 -41.03
C PRO A 666 13.57 4.71 -42.12
N LEU A 667 12.49 5.31 -42.60
CA LEU A 667 11.68 4.67 -43.64
C LEU A 667 12.19 5.09 -45.03
N THR A 668 12.98 6.16 -45.10
CA THR A 668 13.50 6.67 -46.38
C THR A 668 14.87 6.12 -46.76
N ILE A 669 15.60 5.61 -45.77
CA ILE A 669 16.93 5.06 -46.00
C ILE A 669 17.01 3.97 -47.08
N ALA A 670 15.99 3.15 -47.20
CA ALA A 670 15.98 2.06 -48.19
C ALA A 670 15.87 2.59 -49.61
N GLY A 671 15.01 3.57 -49.80
CA GLY A 671 14.84 4.15 -51.13
C GLY A 671 16.13 4.81 -51.61
N GLU A 672 16.92 5.31 -50.66
CA GLU A 672 18.17 5.97 -50.99
C GLU A 672 19.29 4.98 -51.27
N ALA A 673 19.23 3.81 -50.64
CA ALA A 673 20.24 2.79 -50.86
C ALA A 673 20.01 2.19 -52.25
N GLU A 674 18.74 2.14 -52.65
CA GLU A 674 18.35 1.60 -53.95
C GLU A 674 18.95 2.45 -55.06
N LYS A 675 18.97 3.77 -54.87
CA LYS A 675 19.53 4.70 -55.85
C LYS A 675 21.06 4.69 -55.80
N ALA A 676 21.62 4.55 -54.61
CA ALA A 676 23.07 4.52 -54.46
C ALA A 676 23.63 3.21 -55.02
N GLY A 677 22.74 2.31 -55.42
CA GLY A 677 23.19 1.04 -55.98
C GLY A 677 23.70 0.02 -54.99
N MET A 678 23.33 0.16 -53.72
CA MET A 678 23.76 -0.79 -52.70
C MET A 678 22.62 -1.14 -51.76
N ASN A 679 22.74 -2.27 -51.07
CA ASN A 679 21.68 -2.68 -50.14
C ASN A 679 21.65 -1.74 -48.93
N PRO A 680 20.47 -1.60 -48.30
CA PRO A 680 20.24 -0.73 -47.13
C PRO A 680 21.24 -0.83 -45.99
N VAL A 681 21.59 -2.05 -45.59
CA VAL A 681 22.55 -2.20 -44.50
C VAL A 681 23.87 -1.51 -44.82
N ASP A 682 24.56 -1.98 -45.86
CA ASP A 682 25.83 -1.41 -46.27
C ASP A 682 25.78 0.09 -46.51
N TYR A 683 24.69 0.57 -47.11
CA TYR A 683 24.54 1.99 -47.39
C TYR A 683 24.45 2.81 -46.10
N THR A 684 23.91 2.22 -45.05
CA THR A 684 23.77 2.93 -43.78
C THR A 684 25.15 3.02 -43.09
N VAL A 685 25.91 1.94 -43.14
CA VAL A 685 27.24 1.93 -42.53
C VAL A 685 28.16 2.92 -43.25
N LYS A 686 28.02 3.04 -44.56
CA LYS A 686 28.83 3.96 -45.34
C LYS A 686 28.48 5.39 -44.97
N SER A 687 27.18 5.65 -44.78
CA SER A 687 26.71 6.98 -44.43
C SER A 687 27.09 7.32 -42.98
N LEU A 688 27.10 6.32 -42.11
CA LEU A 688 27.45 6.55 -40.72
C LEU A 688 28.93 6.90 -40.60
N LYS A 689 29.75 6.27 -41.43
CA LYS A 689 31.19 6.54 -41.42
C LYS A 689 31.42 7.90 -42.06
N GLU A 690 30.72 8.17 -43.15
CA GLU A 690 30.84 9.44 -43.85
C GLU A 690 30.22 10.61 -43.10
N GLY A 691 29.19 10.31 -42.32
CA GLY A 691 28.52 11.35 -41.56
C GLY A 691 27.35 11.95 -42.30
N SER A 692 26.95 11.32 -43.41
CA SER A 692 25.83 11.79 -44.21
C SER A 692 24.52 11.47 -43.49
N ILE A 693 24.58 10.45 -42.63
CA ILE A 693 23.46 10.02 -41.79
C ILE A 693 24.07 9.98 -40.39
N ARG A 694 23.42 10.61 -39.43
CA ARG A 694 23.97 10.64 -38.07
C ARG A 694 23.02 10.05 -37.03
N PHE A 695 23.58 9.63 -35.89
CA PHE A 695 22.77 9.10 -34.79
C PHE A 695 22.03 10.32 -34.26
N ALA A 696 20.72 10.18 -34.07
CA ALA A 696 19.90 11.30 -33.60
C ALA A 696 20.37 11.87 -32.27
N ALA A 697 21.01 11.04 -31.44
CA ALA A 697 21.48 11.49 -30.15
C ALA A 697 22.44 12.68 -30.24
N GLU A 698 23.19 12.76 -31.35
CA GLU A 698 24.15 13.84 -31.52
C GLU A 698 23.51 15.23 -31.65
N GLN A 699 22.28 15.31 -32.14
CA GLN A 699 21.60 16.59 -32.31
C GLN A 699 20.13 16.52 -31.88
N PRO A 700 19.89 16.30 -30.59
CA PRO A 700 18.55 16.18 -30.00
C PRO A 700 17.63 17.40 -30.10
N GLU A 701 18.13 18.52 -30.60
CA GLU A 701 17.30 19.70 -30.69
C GLU A 701 17.21 20.32 -32.09
N ASN A 702 17.67 19.61 -33.11
CA ASN A 702 17.62 20.17 -34.46
C ASN A 702 16.22 20.27 -35.02
N GLY A 703 15.25 19.63 -34.37
CA GLY A 703 13.87 19.70 -34.82
C GLY A 703 13.30 18.43 -35.43
N LYS A 704 14.13 17.40 -35.55
CA LYS A 704 13.69 16.15 -36.14
C LYS A 704 14.09 14.94 -35.29
N ASN A 705 14.79 15.18 -34.20
CA ASN A 705 15.25 14.07 -33.39
C ASN A 705 14.64 13.97 -31.99
N HIS A 706 13.48 14.60 -31.82
CA HIS A 706 12.78 14.54 -30.55
C HIS A 706 11.44 13.85 -30.76
N PRO A 707 11.02 13.00 -29.81
CA PRO A 707 9.74 12.31 -29.97
C PRO A 707 8.60 13.34 -30.10
N ARG A 708 7.57 12.99 -30.87
CA ARG A 708 6.46 13.91 -31.08
C ARG A 708 5.11 13.41 -30.59
N ASN A 709 4.95 12.10 -30.49
CA ASN A 709 3.69 11.52 -30.03
C ASN A 709 3.98 10.57 -28.88
N LEU A 710 3.33 10.79 -27.74
CA LEU A 710 3.54 9.92 -26.59
C LEU A 710 2.26 9.37 -25.97
N PHE A 711 2.22 8.04 -25.84
CA PHE A 711 1.10 7.31 -25.24
C PHE A 711 1.52 6.94 -23.82
N ILE A 712 0.64 7.20 -22.86
CA ILE A 712 0.95 6.85 -21.48
C ILE A 712 -0.22 6.09 -20.90
N TRP A 713 0.03 4.86 -20.43
CA TRP A 713 -1.03 4.04 -19.85
C TRP A 713 -0.47 3.10 -18.78
N ARG A 714 -1.24 2.91 -17.70
CA ARG A 714 -0.81 2.08 -16.57
C ARG A 714 0.40 2.79 -15.97
N SER A 715 0.42 4.12 -16.09
CA SER A 715 1.51 4.96 -15.61
C SER A 715 1.02 6.37 -15.30
N ASN A 716 1.68 7.01 -14.33
CA ASN A 716 1.34 8.37 -13.94
C ASN A 716 2.64 9.17 -14.06
N LEU A 717 3.39 8.87 -15.12
CA LEU A 717 4.67 9.48 -15.43
C LEU A 717 4.87 10.92 -14.95
N LEU A 718 3.90 11.79 -15.24
CA LEU A 718 4.01 13.19 -14.84
C LEU A 718 3.43 13.54 -13.45
N GLY A 719 3.58 12.63 -12.49
CA GLY A 719 3.09 12.88 -11.15
C GLY A 719 3.59 11.80 -10.21
N SER A 720 4.46 10.97 -10.73
CA SER A 720 5.01 9.90 -9.93
C SER A 720 6.44 9.64 -10.37
N SER A 721 6.62 8.64 -11.22
CA SER A 721 7.94 8.27 -11.70
C SER A 721 8.77 9.38 -12.32
N GLY A 722 8.12 10.36 -12.90
CA GLY A 722 8.84 11.44 -13.55
C GLY A 722 9.89 12.24 -12.78
N LYS A 723 11.11 11.73 -12.71
CA LYS A 723 12.19 12.47 -12.03
C LYS A 723 12.41 13.74 -12.83
N GLY A 724 12.60 14.87 -12.15
CA GLY A 724 12.81 16.11 -12.86
C GLY A 724 11.52 16.55 -13.51
N HIS A 725 10.45 16.55 -12.70
CA HIS A 725 9.11 16.93 -13.10
C HIS A 725 9.05 18.29 -13.81
N GLU A 726 9.63 19.30 -13.19
CA GLU A 726 9.61 20.65 -13.78
C GLU A 726 10.28 20.70 -15.15
N PHE A 727 11.28 19.85 -15.37
CA PHE A 727 11.98 19.81 -16.66
C PHE A 727 11.10 19.17 -17.73
N MET A 728 10.25 18.23 -17.32
CA MET A 728 9.34 17.58 -18.25
C MET A 728 8.27 18.56 -18.67
N LEU A 729 7.74 19.32 -17.71
CA LEU A 729 6.72 20.29 -18.01
C LEU A 729 7.25 21.35 -18.97
N LYS A 730 8.51 21.73 -18.81
CA LYS A 730 9.10 22.75 -19.66
C LYS A 730 9.57 22.29 -21.04
N TYR A 731 10.40 21.25 -21.09
CA TYR A 731 10.91 20.80 -22.37
C TYR A 731 10.05 19.81 -23.16
N LEU A 732 9.30 18.95 -22.47
CA LEU A 732 8.45 17.99 -23.17
C LEU A 732 7.03 18.52 -23.40
N LEU A 733 6.49 19.23 -22.42
CA LEU A 733 5.14 19.74 -22.53
C LEU A 733 5.01 21.17 -23.06
N GLY A 734 5.96 22.05 -22.71
CA GLY A 734 5.90 23.41 -23.17
C GLY A 734 4.98 24.30 -22.34
N THR A 735 4.76 23.93 -21.08
CA THR A 735 3.91 24.72 -20.19
C THR A 735 4.76 25.42 -19.14
N GLU A 736 4.14 26.24 -18.31
CA GLU A 736 4.86 26.93 -17.25
C GLU A 736 5.55 25.85 -16.41
N HIS A 737 6.66 26.21 -15.78
CA HIS A 737 7.39 25.25 -14.97
C HIS A 737 7.97 25.98 -13.77
N GLY A 738 8.52 25.23 -12.82
CA GLY A 738 9.08 25.85 -11.64
C GLY A 738 10.56 25.65 -11.45
N ILE A 739 11.28 25.33 -12.53
CA ILE A 739 12.72 25.14 -12.43
C ILE A 739 13.27 26.42 -11.82
N GLN A 740 14.17 26.28 -10.85
CA GLN A 740 14.75 27.45 -10.18
C GLN A 740 16.19 27.80 -10.57
N GLY A 741 16.95 26.82 -11.05
CA GLY A 741 18.34 27.09 -11.44
C GLY A 741 18.57 27.42 -12.90
N LYS A 742 19.81 27.84 -13.21
CA LYS A 742 20.20 28.19 -14.57
C LYS A 742 20.89 27.01 -15.24
N ASP A 743 20.88 26.97 -16.57
CA ASP A 743 21.52 25.86 -17.28
C ASP A 743 23.02 26.13 -17.57
N LEU A 744 23.71 25.12 -18.10
CA LEU A 744 25.13 25.23 -18.44
C LEU A 744 25.44 26.52 -19.20
N GLY A 745 24.58 26.85 -20.16
CA GLY A 745 24.78 28.06 -20.94
C GLY A 745 24.73 29.34 -20.13
N GLN A 746 23.75 29.45 -19.24
CA GLN A 746 23.60 30.62 -18.39
C GLN A 746 24.72 30.78 -17.36
N GLN A 747 25.27 29.66 -16.92
CA GLN A 747 26.35 29.68 -15.95
C GLN A 747 27.67 29.71 -16.70
N GLY A 748 27.59 29.59 -18.02
CA GLY A 748 28.78 29.62 -18.85
C GLY A 748 29.70 28.43 -18.67
N GLY A 749 29.14 27.26 -18.41
CA GLY A 749 29.94 26.07 -18.22
C GLY A 749 30.40 25.45 -19.52
N VAL A 750 31.17 24.37 -19.43
CA VAL A 750 31.67 23.69 -20.61
C VAL A 750 30.58 22.82 -21.24
N LYS A 751 30.40 23.03 -22.54
CA LYS A 751 29.39 22.32 -23.32
C LYS A 751 29.85 20.91 -23.67
N PRO A 752 28.91 19.96 -23.85
CA PRO A 752 29.28 18.58 -24.19
C PRO A 752 30.09 18.51 -25.48
N GLU A 753 30.94 17.50 -25.62
CA GLU A 753 31.74 17.39 -26.83
C GLU A 753 31.17 16.42 -27.85
N GLU A 754 29.96 15.92 -27.60
CA GLU A 754 29.33 14.97 -28.52
C GLU A 754 27.94 15.43 -28.92
N VAL A 755 27.44 16.47 -28.28
CA VAL A 755 26.10 16.96 -28.54
C VAL A 755 26.05 18.46 -28.81
N ASP A 756 25.32 18.85 -29.84
CA ASP A 756 25.21 20.27 -30.20
C ASP A 756 24.69 21.08 -29.04
N TRP A 757 25.14 22.33 -28.95
CA TRP A 757 24.65 23.19 -27.91
C TRP A 757 23.91 24.37 -28.51
N GLN A 758 22.90 24.84 -27.79
CA GLN A 758 22.16 26.01 -28.20
C GLN A 758 21.63 26.63 -26.92
N ASP A 759 21.89 27.92 -26.76
CA ASP A 759 21.48 28.62 -25.56
C ASP A 759 20.01 28.50 -25.21
N ASN A 760 19.14 28.71 -26.19
CA ASN A 760 17.70 28.62 -25.95
C ASN A 760 17.20 27.24 -26.34
N GLY A 761 17.05 26.37 -25.34
CA GLY A 761 16.61 25.01 -25.58
C GLY A 761 15.23 24.84 -26.22
N LEU A 762 15.07 23.76 -26.97
CA LEU A 762 13.80 23.49 -27.63
C LEU A 762 12.78 23.06 -26.57
N GLU A 763 11.63 23.71 -26.57
CA GLU A 763 10.56 23.42 -25.62
C GLU A 763 9.37 22.76 -26.32
N GLY A 764 8.40 22.28 -25.53
CA GLY A 764 7.21 21.63 -26.07
C GLY A 764 7.41 20.66 -27.21
N LYS A 765 8.38 19.76 -27.07
CA LYS A 765 8.69 18.78 -28.12
C LYS A 765 7.55 17.80 -28.40
N LEU A 766 6.69 17.57 -27.42
CA LEU A 766 5.60 16.65 -27.65
C LEU A 766 4.41 17.32 -28.34
N ASP A 767 4.08 16.79 -29.52
CA ASP A 767 2.98 17.29 -30.34
C ASP A 767 1.64 16.78 -29.83
N LEU A 768 1.64 15.59 -29.24
CA LEU A 768 0.39 15.01 -28.77
C LEU A 768 0.67 14.01 -27.66
N VAL A 769 0.09 14.25 -26.50
CA VAL A 769 0.22 13.38 -25.32
C VAL A 769 -1.14 12.73 -25.06
N VAL A 770 -1.18 11.40 -25.13
CA VAL A 770 -2.42 10.65 -24.93
C VAL A 770 -2.33 9.78 -23.71
N THR A 771 -3.24 9.97 -22.78
CA THR A 771 -3.22 9.15 -21.57
C THR A 771 -4.47 8.33 -21.35
N LEU A 772 -4.27 7.05 -21.03
CA LEU A 772 -5.36 6.12 -20.73
C LEU A 772 -5.38 5.91 -19.21
N ASP A 773 -6.55 6.05 -18.58
CA ASP A 773 -6.67 5.88 -17.15
C ASP A 773 -8.14 5.83 -16.72
N PHE A 774 -8.40 5.36 -15.50
CA PHE A 774 -9.77 5.27 -14.99
C PHE A 774 -10.07 6.40 -14.01
N ARG A 775 -9.02 7.09 -13.58
CA ARG A 775 -9.16 8.22 -12.66
C ARG A 775 -8.37 9.37 -13.27
N LEU A 776 -8.81 10.59 -13.05
CA LEU A 776 -8.12 11.74 -13.62
C LEU A 776 -6.85 12.03 -12.82
N SER A 777 -5.75 11.41 -13.24
CA SER A 777 -4.46 11.56 -12.56
C SER A 777 -3.76 12.86 -12.93
N SER A 778 -2.58 13.06 -12.36
CA SER A 778 -1.80 14.25 -12.63
C SER A 778 -1.36 14.23 -14.08
N THR A 779 -0.99 13.05 -14.56
CA THR A 779 -0.58 12.93 -15.94
C THR A 779 -1.75 13.34 -16.84
N CYS A 780 -2.93 12.79 -16.58
CA CYS A 780 -4.10 13.14 -17.37
C CYS A 780 -4.32 14.65 -17.41
N LEU A 781 -4.22 15.28 -16.25
CA LEU A 781 -4.42 16.71 -16.11
C LEU A 781 -3.52 17.52 -17.07
N TYR A 782 -2.37 16.94 -17.44
CA TYR A 782 -1.44 17.62 -18.34
C TYR A 782 -1.39 17.05 -19.76
N SER A 783 -2.37 16.22 -20.10
CA SER A 783 -2.41 15.60 -21.42
C SER A 783 -3.30 16.38 -22.39
N ASP A 784 -3.33 15.95 -23.64
CA ASP A 784 -4.14 16.59 -24.67
C ASP A 784 -5.44 15.78 -24.83
N ILE A 785 -5.30 14.46 -24.72
CA ILE A 785 -6.41 13.53 -24.85
C ILE A 785 -6.39 12.50 -23.72
N ILE A 786 -7.52 12.37 -23.03
CA ILE A 786 -7.68 11.41 -21.94
C ILE A 786 -8.63 10.32 -22.42
N LEU A 787 -8.20 9.07 -22.35
CA LEU A 787 -9.03 7.95 -22.77
C LEU A 787 -9.51 7.17 -21.56
N PRO A 788 -10.83 7.15 -21.32
CA PRO A 788 -11.38 6.41 -20.17
C PRO A 788 -11.17 4.91 -20.31
N THR A 789 -10.33 4.36 -19.44
CA THR A 789 -10.04 2.93 -19.49
C THR A 789 -10.75 2.20 -18.34
N ALA A 790 -10.89 0.89 -18.51
CA ALA A 790 -11.56 0.06 -17.52
C ALA A 790 -10.73 -0.21 -16.26
N THR A 791 -11.40 -0.25 -15.12
CA THR A 791 -10.75 -0.52 -13.85
C THR A 791 -10.40 -2.01 -13.82
N TRP A 792 -9.60 -2.42 -12.84
CA TRP A 792 -9.20 -3.82 -12.74
C TRP A 792 -10.36 -4.76 -12.45
N TYR A 793 -11.52 -4.19 -12.13
CA TYR A 793 -12.69 -5.02 -11.85
C TYR A 793 -13.63 -5.06 -13.06
N GLU A 794 -13.15 -4.56 -14.19
CA GLU A 794 -13.96 -4.53 -15.40
C GLU A 794 -13.27 -5.07 -16.65
N LYS A 795 -12.26 -5.94 -16.48
CA LYS A 795 -11.56 -6.51 -17.62
C LYS A 795 -10.80 -7.80 -17.31
N ASP A 796 -10.50 -8.57 -18.34
CA ASP A 796 -9.77 -9.82 -18.17
C ASP A 796 -8.30 -9.59 -18.44
N ASP A 797 -7.45 -10.27 -17.67
CA ASP A 797 -6.02 -10.15 -17.85
C ASP A 797 -5.38 -11.08 -16.86
N MET A 798 -4.05 -11.10 -16.81
CA MET A 798 -3.35 -11.97 -15.87
C MET A 798 -2.29 -11.23 -15.07
N ASN A 799 -1.90 -11.83 -13.95
CA ASN A 799 -0.95 -11.21 -13.03
C ASN A 799 -0.09 -12.25 -12.31
N THR A 800 1.22 -11.98 -12.21
CA THR A 800 2.15 -12.84 -11.49
C THR A 800 3.10 -11.93 -10.72
N SER A 801 3.86 -12.49 -9.78
CA SER A 801 4.78 -11.70 -8.97
C SER A 801 6.00 -12.50 -8.52
N ASP A 802 7.03 -11.79 -8.04
CA ASP A 802 8.25 -12.42 -7.53
C ASP A 802 7.96 -13.12 -6.22
N MET A 803 6.99 -12.60 -5.48
CA MET A 803 6.64 -13.11 -4.15
C MET A 803 6.08 -14.53 -4.06
N HIS A 804 5.26 -14.93 -5.02
CA HIS A 804 4.69 -16.27 -5.01
C HIS A 804 4.66 -16.83 -6.42
N PRO A 805 4.52 -18.16 -6.56
CA PRO A 805 4.50 -18.83 -7.87
C PRO A 805 3.15 -19.00 -8.55
N PHE A 806 2.12 -18.35 -8.04
CA PHE A 806 0.78 -18.49 -8.63
C PHE A 806 0.47 -17.50 -9.75
N ILE A 807 -0.24 -17.96 -10.77
CA ILE A 807 -0.65 -17.08 -11.85
C ILE A 807 -2.18 -17.05 -11.77
N HIS A 808 -2.75 -15.87 -11.60
CA HIS A 808 -4.20 -15.73 -11.50
C HIS A 808 -4.70 -14.59 -12.38
N PRO A 809 -6.01 -14.45 -12.53
CA PRO A 809 -6.54 -13.39 -13.40
C PRO A 809 -7.20 -12.14 -12.81
N LEU A 810 -7.47 -11.21 -13.73
CA LEU A 810 -8.20 -9.97 -13.46
C LEU A 810 -9.44 -10.33 -14.27
N SER A 811 -10.63 -10.12 -13.73
CA SER A 811 -11.85 -10.43 -14.50
C SER A 811 -12.84 -9.30 -14.39
N ALA A 812 -13.74 -9.21 -15.36
CA ALA A 812 -14.74 -8.16 -15.31
C ALA A 812 -15.89 -8.61 -14.43
N ALA A 813 -16.11 -7.90 -13.34
CA ALA A 813 -17.20 -8.23 -12.45
C ALA A 813 -18.45 -7.77 -13.21
N VAL A 814 -18.29 -6.67 -13.93
CA VAL A 814 -19.35 -6.07 -14.73
C VAL A 814 -18.68 -5.43 -15.94
N ASP A 815 -19.46 -5.07 -16.97
CA ASP A 815 -18.89 -4.40 -18.14
C ASP A 815 -18.39 -3.03 -17.74
N PRO A 816 -17.32 -2.53 -18.38
CA PRO A 816 -16.79 -1.21 -18.06
C PRO A 816 -17.93 -0.20 -17.97
N ALA A 817 -17.95 0.61 -16.91
CA ALA A 817 -18.99 1.62 -16.73
C ALA A 817 -18.83 2.78 -17.70
N TRP A 818 -19.93 3.52 -17.90
CA TRP A 818 -19.95 4.64 -18.82
C TRP A 818 -19.29 4.28 -20.15
N GLU A 819 -18.44 5.14 -20.70
CA GLU A 819 -17.84 4.81 -21.98
C GLU A 819 -16.43 4.21 -21.90
N ALA A 820 -16.08 3.66 -20.76
CA ALA A 820 -14.74 3.09 -20.60
C ALA A 820 -14.54 1.83 -21.42
N LYS A 821 -13.27 1.54 -21.71
CA LYS A 821 -12.89 0.36 -22.48
C LYS A 821 -11.57 -0.15 -21.94
N SER A 822 -11.36 -1.45 -22.02
CA SER A 822 -10.12 -2.03 -21.54
C SER A 822 -8.97 -1.51 -22.39
N ASP A 823 -7.76 -1.53 -21.84
CA ASP A 823 -6.60 -1.06 -22.58
C ASP A 823 -6.49 -1.84 -23.90
N TRP A 824 -6.77 -3.14 -23.83
CA TRP A 824 -6.71 -3.97 -25.02
C TRP A 824 -7.65 -3.49 -26.13
N GLU A 825 -8.87 -3.09 -25.78
CA GLU A 825 -9.84 -2.66 -26.77
C GLU A 825 -9.57 -1.24 -27.26
N ILE A 826 -8.91 -0.45 -26.43
CA ILE A 826 -8.60 0.92 -26.82
C ILE A 826 -7.57 0.90 -27.93
N TYR A 827 -6.50 0.15 -27.74
CA TYR A 827 -5.47 0.08 -28.76
C TYR A 827 -5.93 -0.68 -30.01
N LYS A 828 -6.79 -1.67 -29.83
CA LYS A 828 -7.29 -2.42 -30.98
C LYS A 828 -8.04 -1.44 -31.89
N ALA A 829 -8.88 -0.61 -31.28
CA ALA A 829 -9.67 0.39 -32.02
C ALA A 829 -8.76 1.43 -32.69
N ILE A 830 -7.69 1.81 -32.00
CA ILE A 830 -6.77 2.79 -32.56
C ILE A 830 -6.02 2.16 -33.73
N ALA A 831 -5.58 0.93 -33.57
CA ALA A 831 -4.88 0.26 -34.65
C ALA A 831 -5.82 0.14 -35.85
N LYS A 832 -7.10 -0.05 -35.57
CA LYS A 832 -8.08 -0.19 -36.63
C LYS A 832 -8.25 1.10 -37.42
N LYS A 833 -8.41 2.21 -36.72
CA LYS A 833 -8.59 3.50 -37.37
C LYS A 833 -7.29 3.88 -38.06
N PHE A 834 -6.18 3.44 -37.48
CA PHE A 834 -4.88 3.72 -38.04
C PHE A 834 -4.74 3.05 -39.40
N SER A 835 -5.16 1.78 -39.47
CA SER A 835 -5.05 1.00 -40.71
C SER A 835 -5.78 1.64 -41.87
N GLU A 836 -6.87 2.36 -41.59
CA GLU A 836 -7.59 2.98 -42.69
C GLU A 836 -7.06 4.39 -42.95
N VAL A 837 -6.84 5.16 -41.89
CA VAL A 837 -6.34 6.53 -42.06
C VAL A 837 -4.99 6.57 -42.77
N CYS A 838 -4.16 5.55 -42.55
CA CYS A 838 -2.83 5.52 -43.17
C CYS A 838 -2.82 5.21 -44.67
N VAL A 839 -3.93 4.68 -45.20
CA VAL A 839 -3.98 4.35 -46.61
C VAL A 839 -3.70 5.57 -47.49
N GLY A 840 -2.62 5.47 -48.29
CA GLY A 840 -2.24 6.57 -49.15
C GLY A 840 -1.00 7.29 -48.65
N HIS A 841 -0.73 7.17 -47.35
CA HIS A 841 0.42 7.81 -46.74
C HIS A 841 1.53 6.79 -46.43
N LEU A 842 1.10 5.60 -46.00
CA LEU A 842 2.06 4.55 -45.69
C LEU A 842 1.52 3.24 -46.24
N GLY A 843 2.40 2.45 -46.84
CA GLY A 843 1.99 1.18 -47.39
C GLY A 843 2.94 0.13 -46.88
N LYS A 844 3.47 -0.69 -47.79
CA LYS A 844 4.43 -1.71 -47.39
C LYS A 844 5.79 -1.02 -47.41
N GLU A 845 6.17 -0.49 -46.25
CA GLU A 845 7.42 0.24 -46.09
C GLU A 845 8.57 -0.65 -45.66
N THR A 846 9.78 -0.13 -45.82
CA THR A 846 10.98 -0.85 -45.41
C THR A 846 11.62 0.06 -44.38
N ASP A 847 11.84 -0.48 -43.19
CA ASP A 847 12.38 0.27 -42.07
C ASP A 847 13.78 -0.21 -41.70
N ILE A 848 14.67 0.74 -41.43
CA ILE A 848 16.02 0.41 -41.01
C ILE A 848 16.01 0.62 -39.50
N VAL A 849 16.25 -0.44 -38.76
CA VAL A 849 16.23 -0.35 -37.31
C VAL A 849 17.57 -0.72 -36.69
N THR A 850 18.00 0.09 -35.72
CA THR A 850 19.25 -0.19 -35.02
C THR A 850 18.87 -1.02 -33.81
N LEU A 851 19.72 -1.97 -33.46
CA LEU A 851 19.49 -2.83 -32.31
C LEU A 851 20.84 -3.02 -31.61
N PRO A 852 20.94 -2.54 -30.36
CA PRO A 852 22.20 -2.69 -29.64
C PRO A 852 22.56 -4.17 -29.43
N ILE A 853 23.84 -4.42 -29.15
CA ILE A 853 24.33 -5.76 -28.92
C ILE A 853 23.58 -6.33 -27.71
N GLN A 854 22.91 -7.46 -27.92
CA GLN A 854 22.09 -8.08 -26.88
C GLN A 854 22.77 -9.11 -25.96
N HIS A 855 22.50 -8.99 -24.67
CA HIS A 855 23.01 -9.93 -23.67
C HIS A 855 22.25 -11.23 -23.98
N ASP A 856 22.85 -12.37 -23.70
CA ASP A 856 22.22 -13.66 -23.97
C ASP A 856 22.10 -13.98 -25.47
N SER A 857 22.83 -13.26 -26.31
CA SER A 857 22.85 -13.54 -27.74
C SER A 857 24.32 -13.80 -28.00
N ALA A 858 24.66 -14.44 -29.11
CA ALA A 858 26.06 -14.73 -29.40
C ALA A 858 26.90 -13.46 -29.49
N ALA A 859 26.30 -12.40 -30.02
CA ALA A 859 26.99 -11.12 -30.17
C ALA A 859 27.47 -10.47 -28.85
N GLU A 860 26.97 -10.95 -27.70
CA GLU A 860 27.40 -10.36 -26.43
C GLU A 860 28.91 -10.40 -26.29
N LEU A 861 29.55 -11.29 -27.06
CA LEU A 861 31.00 -11.45 -27.07
C LEU A 861 31.59 -10.44 -28.07
N ALA A 862 31.37 -9.16 -27.80
CA ALA A 862 31.83 -8.08 -28.68
C ALA A 862 33.30 -7.67 -28.50
N GLN A 863 33.54 -6.77 -27.55
CA GLN A 863 34.90 -6.26 -27.29
C GLN A 863 35.51 -6.90 -26.05
N PRO A 864 36.30 -7.97 -26.24
CA PRO A 864 36.95 -8.72 -25.17
C PRO A 864 37.99 -8.07 -24.27
N LEU A 865 38.91 -7.28 -24.83
CA LEU A 865 39.97 -6.69 -24.01
C LEU A 865 39.94 -5.20 -23.71
N ASP A 866 39.25 -4.42 -24.54
CA ASP A 866 39.20 -2.98 -24.28
C ASP A 866 38.08 -2.28 -25.04
N VAL A 867 38.06 -0.96 -24.95
CA VAL A 867 37.03 -0.19 -25.62
C VAL A 867 37.54 0.57 -26.83
N LYS A 868 36.88 0.35 -27.97
CA LYS A 868 37.26 1.01 -29.22
C LYS A 868 36.09 1.75 -29.89
N ASP A 869 36.24 3.06 -30.01
CA ASP A 869 35.25 3.95 -30.60
C ASP A 869 35.50 4.11 -32.10
N TRP A 870 34.70 3.46 -32.93
CA TRP A 870 34.92 3.56 -34.37
C TRP A 870 34.95 4.99 -34.90
N LYS A 871 34.13 5.87 -34.34
CA LYS A 871 34.08 7.26 -34.81
C LYS A 871 35.43 7.96 -34.56
N LYS A 872 36.19 7.44 -33.60
CA LYS A 872 37.50 7.98 -33.28
C LYS A 872 38.57 7.21 -34.05
N GLY A 873 38.14 6.41 -35.02
CA GLY A 873 39.06 5.65 -35.85
C GLY A 873 39.79 4.52 -35.15
N GLU A 874 39.44 4.23 -33.90
CA GLU A 874 40.11 3.18 -33.14
C GLU A 874 39.77 1.77 -33.65
N CYS A 875 38.82 1.68 -34.55
CA CYS A 875 38.40 0.40 -35.14
C CYS A 875 37.39 0.68 -36.23
N ASP A 876 37.02 -0.34 -36.99
CA ASP A 876 36.04 -0.12 -38.05
C ASP A 876 34.64 -0.17 -37.44
N LEU A 877 33.66 0.32 -38.20
CA LEU A 877 32.29 0.32 -37.77
C LEU A 877 31.68 -1.01 -38.22
N ILE A 878 31.72 -1.98 -37.31
CA ILE A 878 31.20 -3.32 -37.56
C ILE A 878 29.89 -3.52 -36.77
N PRO A 879 28.74 -3.33 -37.43
CA PRO A 879 27.46 -3.51 -36.72
C PRO A 879 27.34 -4.88 -36.03
N GLY A 880 26.85 -4.87 -34.80
CA GLY A 880 26.71 -6.10 -34.06
C GLY A 880 27.93 -6.46 -33.24
N LYS A 881 28.97 -5.63 -33.30
CA LYS A 881 30.19 -5.87 -32.54
C LYS A 881 30.82 -4.61 -31.96
N THR A 882 31.08 -3.62 -32.82
CA THR A 882 31.68 -2.38 -32.35
C THR A 882 30.71 -1.25 -32.60
N ALA A 883 29.47 -1.64 -32.89
CA ALA A 883 28.37 -0.72 -33.15
C ALA A 883 27.10 -1.55 -33.07
N PRO A 884 25.93 -0.90 -33.12
CA PRO A 884 24.68 -1.66 -33.06
C PRO A 884 24.34 -2.39 -34.36
N HIS A 885 23.59 -3.49 -34.25
CA HIS A 885 23.16 -4.23 -35.43
C HIS A 885 22.31 -3.27 -36.24
N ILE A 886 22.34 -3.40 -37.56
CA ILE A 886 21.51 -2.57 -38.40
C ILE A 886 20.59 -3.55 -39.10
N MET A 887 19.37 -3.65 -38.60
CA MET A 887 18.37 -4.58 -39.10
C MET A 887 17.37 -4.02 -40.09
N VAL A 888 16.88 -4.91 -40.96
CA VAL A 888 15.89 -4.54 -41.97
C VAL A 888 14.54 -5.10 -41.52
N VAL A 889 13.55 -4.22 -41.40
CA VAL A 889 12.23 -4.64 -40.99
C VAL A 889 11.16 -4.15 -41.96
N GLU A 890 10.41 -5.09 -42.52
CA GLU A 890 9.33 -4.72 -43.45
C GLU A 890 8.06 -4.44 -42.63
N ARG A 891 7.37 -3.35 -42.95
CA ARG A 891 6.14 -3.03 -42.24
C ARG A 891 4.97 -2.85 -43.21
N ASP A 892 3.85 -3.48 -42.89
CA ASP A 892 2.64 -3.42 -43.71
C ASP A 892 1.65 -2.55 -42.95
N TYR A 893 1.86 -1.24 -42.99
CA TYR A 893 1.00 -0.31 -42.29
C TYR A 893 -0.50 -0.47 -42.51
N PRO A 894 -0.91 -0.81 -43.74
CA PRO A 894 -2.37 -0.97 -43.90
C PRO A 894 -2.89 -2.21 -43.16
N ALA A 895 -2.02 -3.18 -42.98
CA ALA A 895 -2.39 -4.43 -42.31
C ALA A 895 -2.09 -4.42 -40.81
N THR A 896 -1.87 -3.25 -40.25
CA THR A 896 -1.56 -3.13 -38.82
C THR A 896 -2.60 -3.82 -37.95
N TYR A 897 -3.86 -3.48 -38.18
CA TYR A 897 -4.97 -4.05 -37.42
C TYR A 897 -5.09 -5.56 -37.55
N GLU A 898 -5.00 -6.07 -38.78
CA GLU A 898 -5.11 -7.52 -38.96
C GLU A 898 -3.96 -8.25 -38.27
N ARG A 899 -2.77 -7.64 -38.24
CA ARG A 899 -1.63 -8.28 -37.57
C ARG A 899 -1.82 -8.26 -36.06
N PHE A 900 -2.31 -7.13 -35.56
CA PHE A 900 -2.58 -6.93 -34.14
C PHE A 900 -3.58 -8.00 -33.63
N THR A 901 -4.63 -8.21 -34.42
CA THR A 901 -5.67 -9.16 -34.05
C THR A 901 -5.43 -10.59 -34.49
N SER A 902 -4.16 -10.97 -34.65
CA SER A 902 -3.82 -12.34 -35.03
C SER A 902 -2.38 -12.69 -34.67
N ILE A 903 -2.13 -13.96 -34.36
CA ILE A 903 -0.79 -14.41 -34.01
C ILE A 903 0.00 -14.64 -35.30
N GLY A 904 1.08 -13.88 -35.47
CA GLY A 904 1.92 -13.96 -36.65
C GLY A 904 2.57 -15.27 -37.05
N PRO A 905 3.05 -15.35 -38.31
CA PRO A 905 3.69 -16.53 -38.89
C PRO A 905 5.11 -16.81 -38.41
N LEU A 906 5.75 -15.83 -37.80
CA LEU A 906 7.12 -16.04 -37.33
C LEU A 906 7.27 -17.10 -36.23
N MET A 907 6.21 -17.31 -35.44
CA MET A 907 6.30 -18.31 -34.37
C MET A 907 6.48 -19.70 -34.99
N GLU A 908 5.96 -19.87 -36.19
CA GLU A 908 6.05 -21.13 -36.89
C GLU A 908 7.28 -21.18 -37.79
N LYS A 909 7.55 -20.07 -38.48
CA LYS A 909 8.68 -20.00 -39.40
C LYS A 909 10.03 -20.03 -38.68
N ILE A 910 10.19 -19.15 -37.70
CA ILE A 910 11.43 -19.03 -36.94
C ILE A 910 11.42 -19.76 -35.59
N GLY A 911 10.31 -19.69 -34.87
CA GLY A 911 10.24 -20.34 -33.57
C GLY A 911 10.08 -19.34 -32.45
N ASN A 912 10.37 -19.78 -31.23
CA ASN A 912 10.23 -18.91 -30.07
C ASN A 912 11.40 -19.17 -29.14
N GLY A 913 11.61 -18.29 -28.17
CA GLY A 913 12.71 -18.48 -27.25
C GLY A 913 13.08 -17.26 -26.43
N GLY A 914 14.15 -17.39 -25.65
CA GLY A 914 14.61 -16.30 -24.81
C GLY A 914 15.74 -16.77 -23.92
N LYS A 915 16.45 -15.84 -23.31
CA LYS A 915 17.58 -16.15 -22.43
C LYS A 915 18.63 -17.06 -23.11
N GLY A 916 18.92 -16.76 -24.36
CA GLY A 916 19.92 -17.52 -25.09
C GLY A 916 19.58 -18.94 -25.49
N ILE A 917 18.28 -19.25 -25.60
CA ILE A 917 17.85 -20.59 -26.01
C ILE A 917 16.62 -20.47 -26.91
N ALA A 918 16.43 -21.47 -27.76
CA ALA A 918 15.29 -21.46 -28.67
C ALA A 918 14.71 -22.85 -28.80
N TRP A 919 13.43 -22.91 -29.12
CA TRP A 919 12.76 -24.20 -29.27
C TRP A 919 11.69 -24.09 -30.32
N ASN A 920 11.16 -25.23 -30.74
CA ASN A 920 10.12 -25.26 -31.75
C ASN A 920 8.78 -25.14 -31.06
N THR A 921 7.93 -24.24 -31.53
CA THR A 921 6.65 -24.06 -30.89
C THR A 921 5.48 -24.23 -31.86
N GLN A 922 5.60 -25.22 -32.74
CA GLN A 922 4.57 -25.51 -33.73
C GLN A 922 3.32 -26.10 -33.10
N SER A 923 3.51 -27.11 -32.25
CA SER A 923 2.38 -27.74 -31.61
C SER A 923 1.52 -26.71 -30.86
N GLU A 924 2.17 -25.74 -30.21
CA GLU A 924 1.42 -24.72 -29.49
C GLU A 924 0.56 -23.92 -30.44
N MET A 925 1.11 -23.54 -31.58
CA MET A 925 0.34 -22.78 -32.55
C MET A 925 -0.85 -23.56 -33.06
N ASP A 926 -0.72 -24.88 -33.18
CA ASP A 926 -1.83 -25.69 -33.65
C ASP A 926 -2.94 -25.69 -32.59
N LEU A 927 -2.54 -25.74 -31.32
CA LEU A 927 -3.52 -25.73 -30.25
C LEU A 927 -4.25 -24.38 -30.23
N LEU A 928 -3.49 -23.31 -30.44
CA LEU A 928 -4.05 -21.97 -30.43
C LEU A 928 -5.05 -21.74 -31.56
N ARG A 929 -4.86 -22.44 -32.68
CA ARG A 929 -5.79 -22.28 -33.80
C ARG A 929 -7.14 -22.88 -33.40
N LYS A 930 -7.12 -23.84 -32.49
CA LYS A 930 -8.34 -24.49 -32.04
C LYS A 930 -9.02 -23.73 -30.89
N LEU A 931 -8.24 -23.03 -30.08
CA LEU A 931 -8.77 -22.28 -28.95
C LEU A 931 -9.24 -20.87 -29.29
N ASN A 932 -8.49 -20.19 -30.17
CA ASN A 932 -8.82 -18.81 -30.54
C ASN A 932 -9.51 -18.71 -31.90
N TYR A 933 -9.59 -19.82 -32.63
CA TYR A 933 -10.19 -19.81 -33.96
C TYR A 933 -9.21 -19.12 -34.91
N THR A 934 -9.51 -19.07 -36.20
CA THR A 934 -8.58 -18.46 -37.14
C THR A 934 -9.20 -17.43 -38.07
N LYS A 935 -8.36 -16.56 -38.63
CA LYS A 935 -8.82 -15.53 -39.57
C LYS A 935 -9.42 -16.18 -40.82
N ALA A 936 -10.66 -15.81 -41.15
CA ALA A 936 -11.36 -16.35 -42.31
C ALA A 936 -10.69 -15.93 -43.62
N GLU A 937 -10.24 -14.67 -43.67
CA GLU A 937 -9.58 -14.15 -44.85
C GLU A 937 -8.65 -12.98 -44.48
N GLY A 938 -8.38 -12.12 -45.46
CA GLY A 938 -7.50 -10.99 -45.23
C GLY A 938 -6.04 -11.43 -45.25
N PRO A 939 -5.10 -10.52 -44.93
CA PRO A 939 -3.66 -10.76 -44.90
C PRO A 939 -3.20 -11.85 -43.94
N ALA A 940 -3.91 -12.02 -42.83
CA ALA A 940 -3.56 -13.00 -41.82
C ALA A 940 -4.36 -14.30 -41.88
N LYS A 941 -5.06 -14.51 -42.99
CA LYS A 941 -5.88 -15.70 -43.15
C LYS A 941 -5.19 -16.97 -42.64
N GLY A 942 -5.94 -17.76 -41.87
CA GLY A 942 -5.41 -19.00 -41.33
C GLY A 942 -4.64 -18.94 -40.03
N GLN A 943 -4.31 -17.73 -39.58
CA GLN A 943 -3.56 -17.58 -38.34
C GLN A 943 -4.49 -17.49 -37.14
N PRO A 944 -4.03 -17.93 -35.96
CA PRO A 944 -4.89 -17.86 -34.77
C PRO A 944 -5.30 -16.42 -34.53
N MET A 945 -6.45 -16.24 -33.89
CA MET A 945 -6.99 -14.92 -33.62
C MET A 945 -6.59 -14.32 -32.27
N LEU A 946 -6.68 -13.00 -32.21
CA LEU A 946 -6.41 -12.22 -31.02
C LEU A 946 -7.43 -11.09 -31.00
N ASN A 947 -8.71 -11.43 -30.83
CA ASN A 947 -9.79 -10.45 -30.79
C ASN A 947 -10.00 -9.92 -29.37
N THR A 948 -10.11 -10.84 -28.42
CA THR A 948 -10.35 -10.50 -27.03
C THR A 948 -9.10 -10.61 -26.19
N ALA A 949 -9.16 -10.04 -24.99
CA ALA A 949 -8.03 -10.10 -24.07
C ALA A 949 -7.81 -11.55 -23.67
N ILE A 950 -8.87 -12.33 -23.73
CA ILE A 950 -8.76 -13.73 -23.36
C ILE A 950 -7.94 -14.51 -24.38
N ASP A 951 -8.14 -14.26 -25.67
CA ASP A 951 -7.37 -14.96 -26.70
C ASP A 951 -5.89 -14.70 -26.44
N ALA A 952 -5.58 -13.44 -26.14
CA ALA A 952 -4.22 -13.00 -25.87
C ALA A 952 -3.66 -13.71 -24.66
N ALA A 953 -4.45 -13.75 -23.59
CA ALA A 953 -4.03 -14.41 -22.37
C ALA A 953 -3.73 -15.88 -22.70
N GLU A 954 -4.60 -16.52 -23.47
CA GLU A 954 -4.39 -17.90 -23.84
C GLU A 954 -3.12 -18.06 -24.68
N MET A 955 -2.78 -17.02 -25.45
CA MET A 955 -1.58 -17.07 -26.26
C MET A 955 -0.39 -17.15 -25.33
N ILE A 956 -0.38 -16.27 -24.33
CA ILE A 956 0.69 -16.24 -23.35
C ILE A 956 0.81 -17.59 -22.59
N LEU A 957 -0.31 -18.10 -22.12
CA LEU A 957 -0.29 -19.36 -21.39
C LEU A 957 0.21 -20.54 -22.22
N THR A 958 -0.32 -20.70 -23.41
CA THR A 958 0.06 -21.79 -24.28
C THR A 958 1.52 -21.77 -24.74
N LEU A 959 2.08 -20.58 -24.96
CA LEU A 959 3.46 -20.46 -25.44
C LEU A 959 4.55 -20.50 -24.38
N ALA A 960 4.25 -20.03 -23.19
CA ALA A 960 5.26 -19.99 -22.14
C ALA A 960 5.55 -21.33 -21.51
N PRO A 961 6.82 -21.58 -21.19
CA PRO A 961 7.21 -22.83 -20.56
C PRO A 961 6.75 -22.88 -19.12
N GLU A 962 6.57 -21.71 -18.51
CA GLU A 962 6.13 -21.64 -17.12
C GLU A 962 4.69 -22.10 -16.96
N THR A 963 3.91 -22.00 -18.04
CA THR A 963 2.49 -22.39 -17.99
C THR A 963 2.11 -23.52 -18.96
N ASN A 964 3.11 -24.18 -19.52
CA ASN A 964 2.85 -25.29 -20.44
C ASN A 964 4.01 -26.27 -20.34
N GLY A 965 3.80 -27.36 -19.60
CA GLY A 965 4.83 -28.36 -19.41
C GLY A 965 5.47 -28.86 -20.69
N GLN A 966 4.68 -28.96 -21.76
CA GLN A 966 5.20 -29.41 -23.03
C GLN A 966 6.33 -28.49 -23.47
N VAL A 967 6.06 -27.19 -23.47
CA VAL A 967 7.07 -26.22 -23.86
C VAL A 967 8.21 -26.21 -22.85
N ALA A 968 7.88 -26.44 -21.58
CA ALA A 968 8.89 -26.46 -20.53
C ALA A 968 9.96 -27.52 -20.78
N VAL A 969 9.57 -28.65 -21.37
CA VAL A 969 10.54 -29.70 -21.63
C VAL A 969 11.41 -29.36 -22.84
N LYS A 970 10.79 -28.83 -23.88
CA LYS A 970 11.54 -28.44 -25.06
C LYS A 970 12.51 -27.34 -24.65
N ALA A 971 12.11 -26.53 -23.67
CA ALA A 971 12.96 -25.44 -23.21
C ALA A 971 14.17 -25.98 -22.44
N TRP A 972 13.94 -26.90 -21.51
CA TRP A 972 15.06 -27.46 -20.76
C TRP A 972 15.93 -28.29 -21.70
N ALA A 973 15.30 -28.88 -22.71
CA ALA A 973 16.05 -29.68 -23.67
C ALA A 973 17.05 -28.76 -24.35
N ALA A 974 16.55 -27.64 -24.85
CA ALA A 974 17.36 -26.64 -25.55
C ALA A 974 18.58 -26.19 -24.73
N LEU A 975 18.37 -25.90 -23.46
CA LEU A 975 19.45 -25.46 -22.59
C LEU A 975 20.46 -26.59 -22.34
N SER A 976 20.00 -27.83 -22.38
CA SER A 976 20.85 -29.00 -22.15
C SER A 976 21.94 -29.14 -23.21
N GLU A 977 21.71 -28.54 -24.36
CA GLU A 977 22.68 -28.61 -25.44
C GLU A 977 23.89 -27.77 -25.07
N PHE A 978 23.65 -26.66 -24.37
CA PHE A 978 24.71 -25.74 -23.95
C PHE A 978 25.54 -26.29 -22.79
N THR A 979 24.87 -26.81 -21.77
CA THR A 979 25.55 -27.34 -20.59
C THR A 979 26.08 -28.76 -20.73
N GLY A 980 25.47 -29.55 -21.60
CA GLY A 980 25.92 -30.93 -21.76
C GLY A 980 25.41 -31.80 -20.62
N ARG A 981 24.53 -31.21 -19.81
CA ARG A 981 23.91 -31.89 -18.67
C ARG A 981 22.39 -31.91 -18.89
N ASP A 982 21.74 -33.01 -18.54
CA ASP A 982 20.29 -33.08 -18.72
C ASP A 982 19.54 -32.24 -17.69
N HIS A 983 18.64 -31.40 -18.18
CA HIS A 983 17.84 -30.54 -17.31
C HIS A 983 16.35 -30.80 -17.52
N THR A 984 16.02 -31.72 -18.41
CA THR A 984 14.63 -32.01 -18.70
C THR A 984 13.89 -32.60 -17.51
N HIS A 985 14.61 -33.28 -16.63
CA HIS A 985 14.02 -33.90 -15.44
C HIS A 985 13.35 -32.87 -14.55
N LEU A 986 13.72 -31.61 -14.72
CA LEU A 986 13.12 -30.54 -13.92
C LEU A 986 11.66 -30.30 -14.24
N ALA A 987 11.21 -30.75 -15.42
CA ALA A 987 9.82 -30.56 -15.80
C ALA A 987 9.14 -31.79 -16.42
N LEU A 988 9.84 -32.91 -16.51
CA LEU A 988 9.24 -34.11 -17.10
C LEU A 988 7.94 -34.52 -16.38
N ASN A 989 7.95 -34.49 -15.06
CA ASN A 989 6.78 -34.88 -14.29
C ASN A 989 5.63 -33.86 -14.27
N LYS A 990 5.66 -32.90 -15.20
CA LYS A 990 4.63 -31.88 -15.33
C LYS A 990 4.44 -31.58 -16.80
N GLU A 991 5.00 -32.44 -17.65
CA GLU A 991 4.91 -32.26 -19.09
C GLU A 991 3.48 -32.14 -19.62
N ASP A 992 2.56 -32.85 -18.98
CA ASP A 992 1.16 -32.82 -19.38
C ASP A 992 0.44 -31.53 -18.92
N GLU A 993 1.03 -30.86 -17.95
CA GLU A 993 0.47 -29.63 -17.41
C GLU A 993 0.24 -28.51 -18.44
N LYS A 994 -0.96 -27.93 -18.43
CA LYS A 994 -1.33 -26.83 -19.31
C LYS A 994 -2.29 -25.89 -18.61
N ILE A 995 -1.81 -24.71 -18.25
CA ILE A 995 -2.63 -23.73 -17.56
C ILE A 995 -3.54 -22.95 -18.50
N ARG A 996 -4.85 -23.01 -18.23
CA ARG A 996 -5.83 -22.30 -19.05
C ARG A 996 -6.40 -21.11 -18.28
N PHE A 997 -6.78 -20.08 -19.03
CA PHE A 997 -7.31 -18.86 -18.42
C PHE A 997 -8.50 -19.13 -17.53
N ARG A 998 -9.45 -19.92 -18.02
CA ARG A 998 -10.63 -20.22 -17.23
C ARG A 998 -10.34 -21.07 -16.00
N ASP A 999 -9.29 -21.89 -16.05
CA ASP A 999 -8.95 -22.69 -14.88
C ASP A 999 -8.43 -21.78 -13.77
N ILE A 1000 -7.63 -20.79 -14.12
CA ILE A 1000 -7.12 -19.92 -13.08
C ILE A 1000 -8.21 -19.00 -12.52
N GLN A 1001 -9.33 -18.85 -13.22
CA GLN A 1001 -10.42 -18.03 -12.68
C GLN A 1001 -11.09 -18.84 -11.57
N ALA A 1002 -11.05 -20.17 -11.71
CA ALA A 1002 -11.65 -21.06 -10.72
C ALA A 1002 -10.72 -21.26 -9.53
N GLN A 1003 -9.41 -21.26 -9.79
CA GLN A 1003 -8.41 -21.39 -8.74
C GLN A 1003 -7.00 -21.11 -9.22
N PRO A 1004 -6.30 -20.18 -8.57
CA PRO A 1004 -4.92 -19.80 -8.92
C PRO A 1004 -4.06 -21.04 -9.09
N ARG A 1005 -3.25 -21.09 -10.13
CA ARG A 1005 -2.39 -22.25 -10.38
C ARG A 1005 -0.89 -21.97 -10.24
N LYS A 1006 -0.18 -22.93 -9.69
CA LYS A 1006 1.27 -22.82 -9.54
C LYS A 1006 1.95 -23.06 -10.88
N ILE A 1007 3.02 -22.32 -11.17
CA ILE A 1007 3.71 -22.46 -12.43
C ILE A 1007 4.72 -23.61 -12.47
N ILE A 1008 5.36 -23.78 -13.63
CA ILE A 1008 6.32 -24.86 -13.87
C ILE A 1008 7.78 -24.41 -13.91
N SER A 1009 8.65 -25.19 -13.29
CA SER A 1009 10.10 -24.89 -13.29
C SER A 1009 10.51 -24.62 -14.73
N SER A 1010 11.17 -23.48 -14.95
CA SER A 1010 11.59 -23.08 -16.28
C SER A 1010 13.01 -22.54 -16.33
N PRO A 1011 13.73 -22.81 -17.44
CA PRO A 1011 15.11 -22.36 -17.66
C PRO A 1011 15.19 -20.84 -17.72
N THR A 1012 14.03 -20.21 -17.84
CA THR A 1012 13.96 -18.76 -17.89
C THR A 1012 14.37 -18.18 -16.52
N TRP A 1013 14.25 -19.00 -15.47
CA TRP A 1013 14.62 -18.56 -14.13
C TRP A 1013 15.64 -19.51 -13.52
N SER A 1014 16.14 -19.19 -12.33
CA SER A 1014 17.14 -20.04 -11.69
C SER A 1014 16.67 -20.69 -10.39
N GLY A 1015 15.36 -20.70 -10.20
CA GLY A 1015 14.79 -21.33 -9.02
C GLY A 1015 13.86 -22.44 -9.44
N LEU A 1016 13.44 -23.26 -8.49
CA LEU A 1016 12.54 -24.35 -8.81
C LEU A 1016 11.15 -24.21 -8.21
N GLU A 1017 10.17 -24.71 -8.95
CA GLU A 1017 8.78 -24.72 -8.49
C GLU A 1017 8.67 -26.21 -8.14
N ASP A 1018 8.85 -26.51 -6.86
CA ASP A 1018 8.85 -27.89 -6.41
C ASP A 1018 8.01 -28.06 -5.15
N GLU A 1019 7.73 -29.32 -4.79
CA GLU A 1019 6.93 -29.58 -3.61
C GLU A 1019 7.74 -29.88 -2.35
N HIS A 1020 9.04 -30.01 -2.50
CA HIS A 1020 9.91 -30.29 -1.36
C HIS A 1020 10.86 -29.13 -1.09
N VAL A 1021 11.19 -28.35 -2.12
CA VAL A 1021 12.08 -27.21 -1.96
C VAL A 1021 11.42 -25.93 -2.48
N SER A 1022 11.47 -24.85 -1.70
CA SER A 1022 10.88 -23.58 -2.09
C SER A 1022 11.65 -22.95 -3.24
N TYR A 1023 11.10 -21.90 -3.83
CA TYR A 1023 11.74 -21.22 -4.94
C TYR A 1023 12.83 -20.30 -4.41
N ASN A 1024 14.07 -20.59 -4.78
CA ASN A 1024 15.21 -19.81 -4.33
C ASN A 1024 16.11 -19.49 -5.51
N ALA A 1025 16.31 -18.19 -5.75
CA ALA A 1025 17.12 -17.76 -6.88
C ALA A 1025 18.52 -18.36 -6.85
N GLY A 1026 19.03 -18.68 -8.03
CA GLY A 1026 20.36 -19.24 -8.14
C GLY A 1026 20.49 -20.69 -7.72
N TYR A 1027 19.37 -21.30 -7.36
CA TYR A 1027 19.38 -22.70 -6.94
C TYR A 1027 19.82 -23.61 -8.10
N THR A 1028 19.38 -23.30 -9.31
CA THR A 1028 19.77 -24.13 -10.46
C THR A 1028 21.27 -24.02 -10.74
N ASN A 1029 21.83 -22.82 -10.68
CA ASN A 1029 23.26 -22.65 -10.91
C ASN A 1029 24.02 -23.54 -9.95
N VAL A 1030 23.74 -23.39 -8.66
CA VAL A 1030 24.40 -24.18 -7.63
C VAL A 1030 24.12 -25.69 -7.65
N HIS A 1031 22.88 -26.08 -7.97
CA HIS A 1031 22.54 -27.51 -7.97
C HIS A 1031 22.51 -28.24 -9.31
N GLU A 1032 22.30 -27.51 -10.40
CA GLU A 1032 22.28 -28.12 -11.73
C GLU A 1032 23.55 -27.80 -12.50
N LEU A 1033 24.46 -27.08 -11.83
CA LEU A 1033 25.72 -26.68 -12.41
C LEU A 1033 25.60 -25.85 -13.67
N ILE A 1034 24.50 -25.10 -13.77
CA ILE A 1034 24.28 -24.21 -14.91
C ILE A 1034 25.00 -22.91 -14.58
N PRO A 1035 25.80 -22.40 -15.51
CA PRO A 1035 26.53 -21.16 -15.23
C PRO A 1035 25.71 -19.88 -15.16
N TRP A 1036 26.24 -18.89 -14.46
CA TRP A 1036 25.63 -17.57 -14.37
C TRP A 1036 26.13 -16.92 -15.66
N ARG A 1037 25.24 -16.25 -16.39
CA ARG A 1037 25.63 -15.62 -17.65
C ARG A 1037 26.59 -14.45 -17.49
N THR A 1038 27.76 -14.76 -16.91
CA THR A 1038 28.81 -13.78 -16.68
C THR A 1038 30.08 -14.17 -17.43
N LEU A 1039 30.99 -13.22 -17.58
CA LEU A 1039 32.25 -13.45 -18.25
C LEU A 1039 32.90 -14.77 -17.83
N SER A 1040 33.00 -14.99 -16.51
CA SER A 1040 33.62 -16.19 -15.96
C SER A 1040 32.68 -17.39 -15.74
N GLY A 1041 31.37 -17.15 -15.85
CA GLY A 1041 30.40 -18.21 -15.64
C GLY A 1041 30.03 -18.33 -14.17
N ARG A 1042 30.89 -17.80 -13.30
CA ARG A 1042 30.65 -17.83 -11.86
C ARG A 1042 30.13 -16.47 -11.39
N GLN A 1043 29.84 -16.35 -10.10
CA GLN A 1043 29.38 -15.08 -9.57
C GLN A 1043 30.60 -14.14 -9.63
N GLN A 1044 30.46 -13.03 -10.36
CA GLN A 1044 31.55 -12.08 -10.56
C GLN A 1044 31.82 -11.07 -9.46
N LEU A 1045 32.92 -11.26 -8.71
CA LEU A 1045 33.29 -10.31 -7.67
C LEU A 1045 34.13 -9.22 -8.32
N TYR A 1046 34.87 -9.61 -9.36
CA TYR A 1046 35.75 -8.70 -10.09
C TYR A 1046 35.22 -8.28 -11.46
N GLN A 1047 35.00 -6.97 -11.62
CA GLN A 1047 34.53 -6.39 -12.89
C GLN A 1047 35.75 -5.83 -13.61
N ASP A 1048 36.17 -6.49 -14.69
CA ASP A 1048 37.35 -6.07 -15.44
C ASP A 1048 37.13 -5.27 -16.73
N HIS A 1049 35.93 -4.73 -16.92
CA HIS A 1049 35.68 -3.94 -18.11
C HIS A 1049 36.41 -2.61 -17.92
N GLN A 1050 37.02 -2.12 -19.01
CA GLN A 1050 37.77 -0.87 -18.96
C GLN A 1050 37.11 0.19 -18.10
N TRP A 1051 35.87 0.52 -18.43
CA TRP A 1051 35.13 1.53 -17.69
C TRP A 1051 34.97 1.19 -16.21
N MET A 1052 34.70 -0.08 -15.92
CA MET A 1052 34.54 -0.48 -14.53
C MET A 1052 35.83 -0.23 -13.77
N ARG A 1053 36.96 -0.58 -14.39
CA ARG A 1053 38.25 -0.39 -13.76
C ARG A 1053 38.61 1.07 -13.53
N ASP A 1054 38.38 1.89 -14.54
CA ASP A 1054 38.72 3.31 -14.45
C ASP A 1054 37.76 4.17 -13.65
N PHE A 1055 36.56 3.65 -13.40
CA PHE A 1055 35.60 4.39 -12.60
C PHE A 1055 35.69 3.81 -11.19
N GLY A 1056 36.82 3.18 -10.92
CA GLY A 1056 37.11 2.61 -9.61
C GLY A 1056 36.15 1.60 -9.03
N GLU A 1057 35.57 0.77 -9.86
CA GLU A 1057 34.63 -0.21 -9.35
C GLU A 1057 34.90 -1.65 -9.77
N SER A 1058 36.17 -1.99 -9.98
CA SER A 1058 36.51 -3.36 -10.35
C SER A 1058 36.17 -4.25 -9.15
N LEU A 1059 36.38 -3.72 -7.95
CA LEU A 1059 36.03 -4.43 -6.72
C LEU A 1059 35.16 -3.40 -6.01
N LEU A 1060 34.31 -3.84 -5.08
CA LEU A 1060 33.46 -2.89 -4.37
C LEU A 1060 34.33 -2.02 -3.48
N VAL A 1061 33.84 -0.83 -3.17
CA VAL A 1061 34.55 0.12 -2.33
C VAL A 1061 33.51 1.07 -1.78
N TYR A 1062 33.82 1.70 -0.66
CA TYR A 1062 32.87 2.64 -0.08
C TYR A 1062 32.86 3.94 -0.89
N ARG A 1063 31.66 4.41 -1.22
CA ARG A 1063 31.47 5.63 -1.98
C ARG A 1063 30.45 6.52 -1.27
N PRO A 1064 30.89 7.68 -0.77
CA PRO A 1064 29.93 8.55 -0.08
C PRO A 1064 28.87 9.09 -1.02
N PRO A 1065 27.71 9.50 -0.47
CA PRO A 1065 26.65 10.04 -1.32
C PRO A 1065 27.19 11.24 -2.11
N ILE A 1066 26.79 11.35 -3.38
CA ILE A 1066 27.25 12.44 -4.24
C ILE A 1066 26.58 13.78 -3.92
N ASP A 1067 27.24 14.85 -4.35
CA ASP A 1067 26.73 16.20 -4.14
C ASP A 1067 25.98 16.65 -5.41
N THR A 1068 24.67 16.87 -5.33
CA THR A 1068 23.93 17.31 -6.51
C THR A 1068 24.04 18.83 -6.69
N ARG A 1069 24.65 19.48 -5.71
CA ARG A 1069 24.84 20.93 -5.72
C ARG A 1069 23.54 21.63 -6.14
N SER A 1070 22.43 21.19 -5.57
CA SER A 1070 21.14 21.78 -5.94
C SER A 1070 20.57 22.72 -4.90
N VAL A 1071 21.34 23.03 -3.86
CA VAL A 1071 20.83 23.89 -2.81
C VAL A 1071 21.48 25.26 -2.64
N LYS A 1072 22.79 25.27 -2.52
CA LYS A 1072 23.52 26.52 -2.31
C LYS A 1072 23.28 27.66 -3.32
N GLU A 1073 22.71 27.35 -4.48
CA GLU A 1073 22.44 28.39 -5.48
C GLU A 1073 21.08 29.08 -5.34
N VAL A 1074 20.18 28.50 -4.56
CA VAL A 1074 18.86 29.10 -4.42
C VAL A 1074 18.47 29.41 -2.98
N ILE A 1075 19.16 28.80 -2.03
CA ILE A 1075 18.83 29.04 -0.63
C ILE A 1075 18.97 30.53 -0.29
N GLY A 1076 17.89 31.13 0.21
CA GLY A 1076 17.90 32.53 0.58
C GLY A 1076 17.58 33.52 -0.53
N GLN A 1077 17.56 33.04 -1.77
CA GLN A 1077 17.27 33.91 -2.92
C GLN A 1077 15.84 34.47 -2.93
N LYS A 1078 14.94 33.86 -2.17
CA LYS A 1078 13.55 34.29 -2.12
C LYS A 1078 12.94 34.16 -0.72
N SER A 1079 13.64 34.72 0.27
CA SER A 1079 13.18 34.66 1.65
C SER A 1079 11.74 35.10 1.84
N ASN A 1080 11.03 34.38 2.71
CA ASN A 1080 9.65 34.69 3.03
C ASN A 1080 9.62 35.11 4.51
N GLY A 1081 10.82 35.22 5.08
CA GLY A 1081 10.94 35.60 6.48
C GLY A 1081 11.20 34.46 7.45
N ASN A 1082 10.96 33.22 7.01
CA ASN A 1082 11.17 32.09 7.88
C ASN A 1082 12.50 31.41 7.61
N GLN A 1083 13.11 30.89 8.66
CA GLN A 1083 14.40 30.22 8.55
C GLN A 1083 14.32 29.08 7.56
N GLU A 1084 15.39 28.94 6.80
CA GLU A 1084 15.50 27.88 5.80
C GLU A 1084 16.69 27.02 6.19
N LYS A 1085 16.57 25.72 5.95
CA LYS A 1085 17.63 24.78 6.32
C LYS A 1085 17.73 23.66 5.28
N ALA A 1086 18.94 23.18 5.05
CA ALA A 1086 19.17 22.10 4.08
C ALA A 1086 19.03 20.74 4.76
N LEU A 1087 18.24 19.85 4.14
CA LEU A 1087 18.01 18.51 4.67
C LEU A 1087 18.07 17.47 3.55
N ASN A 1088 18.44 16.23 3.89
CA ASN A 1088 18.51 15.15 2.92
C ASN A 1088 17.06 14.76 2.60
N PHE A 1089 16.73 14.71 1.31
CA PHE A 1089 15.38 14.42 0.85
C PHE A 1089 15.17 12.95 0.45
N LEU A 1090 14.60 12.16 1.36
CA LEU A 1090 14.35 10.74 1.11
C LEU A 1090 12.88 10.50 0.76
N THR A 1091 12.64 9.60 -0.18
CA THR A 1091 11.29 9.31 -0.62
C THR A 1091 10.91 7.84 -0.62
N PRO A 1092 10.97 7.18 0.55
CA PRO A 1092 10.60 5.76 0.60
C PRO A 1092 9.12 5.62 0.23
N HIS A 1093 8.72 4.44 -0.21
CA HIS A 1093 7.33 4.26 -0.62
C HIS A 1093 6.32 4.31 0.51
N GLN A 1094 5.23 5.02 0.24
CA GLN A 1094 4.17 5.26 1.19
C GLN A 1094 3.33 4.09 1.68
N LYS A 1095 2.56 4.37 2.71
CA LYS A 1095 1.69 3.40 3.35
C LYS A 1095 0.25 3.50 2.84
N TRP A 1096 -0.18 4.71 2.52
CA TRP A 1096 -1.55 4.93 2.07
C TRP A 1096 -1.74 4.98 0.55
N GLY A 1097 -1.09 4.05 -0.15
CA GLY A 1097 -1.19 3.97 -1.58
C GLY A 1097 -0.03 3.18 -2.14
N ILE A 1098 -0.02 2.99 -3.45
CA ILE A 1098 1.06 2.27 -4.14
C ILE A 1098 1.48 3.31 -5.19
N HIS A 1099 2.63 3.93 -4.99
CA HIS A 1099 3.09 4.99 -5.88
C HIS A 1099 2.01 6.04 -5.76
N SER A 1100 1.54 6.56 -6.88
CA SER A 1100 0.51 7.58 -6.78
C SER A 1100 -0.90 6.98 -6.85
N THR A 1101 -1.01 5.72 -7.28
CA THR A 1101 -2.33 5.08 -7.35
C THR A 1101 -2.86 5.03 -5.93
N TYR A 1102 -4.17 5.27 -5.76
CA TYR A 1102 -4.82 5.30 -4.46
C TYR A 1102 -4.57 6.60 -3.73
N SER A 1103 -3.69 7.45 -4.25
CA SER A 1103 -3.39 8.70 -3.58
C SER A 1103 -4.58 9.65 -3.59
N ASP A 1104 -5.50 9.45 -4.53
CA ASP A 1104 -6.68 10.30 -4.60
C ASP A 1104 -7.88 9.57 -3.97
N ASN A 1105 -7.63 8.34 -3.53
CA ASN A 1105 -8.64 7.48 -2.91
C ASN A 1105 -9.01 7.98 -1.50
N LEU A 1106 -10.24 8.48 -1.34
CA LEU A 1106 -10.68 9.03 -0.06
C LEU A 1106 -10.43 8.18 1.17
N LEU A 1107 -10.53 6.86 1.02
CA LEU A 1107 -10.27 5.96 2.14
C LEU A 1107 -8.81 6.11 2.54
N MET A 1108 -7.90 5.98 1.59
CA MET A 1108 -6.47 6.11 1.90
C MET A 1108 -6.17 7.50 2.46
N LEU A 1109 -6.78 8.52 1.87
CA LEU A 1109 -6.57 9.89 2.33
C LEU A 1109 -7.07 10.11 3.74
N THR A 1110 -8.14 9.42 4.12
CA THR A 1110 -8.70 9.56 5.44
C THR A 1110 -7.88 8.82 6.51
N LEU A 1111 -7.20 7.75 6.10
CA LEU A 1111 -6.37 6.97 7.02
C LEU A 1111 -4.99 7.59 7.13
N GLY A 1112 -4.64 8.40 6.12
CA GLY A 1112 -3.36 9.07 6.12
C GLY A 1112 -3.53 10.44 6.76
N ARG A 1113 -2.92 11.47 6.17
CA ARG A 1113 -3.04 12.82 6.71
C ARG A 1113 -3.89 13.74 5.83
N GLY A 1114 -4.81 13.18 5.04
CA GLY A 1114 -5.66 13.99 4.18
C GLY A 1114 -5.04 14.67 2.97
N GLY A 1115 -3.85 14.25 2.57
CA GLY A 1115 -3.21 14.86 1.42
C GLY A 1115 -1.70 14.86 1.56
N PRO A 1116 -0.97 15.42 0.58
CA PRO A 1116 0.50 15.50 0.55
C PRO A 1116 1.12 15.97 1.87
N VAL A 1117 2.00 15.14 2.44
CA VAL A 1117 2.65 15.50 3.69
C VAL A 1117 4.12 15.14 3.64
N VAL A 1118 4.88 15.68 4.59
CA VAL A 1118 6.31 15.42 4.66
C VAL A 1118 6.73 15.22 6.11
N TRP A 1119 7.55 14.19 6.37
CA TRP A 1119 8.01 13.90 7.71
C TRP A 1119 9.34 14.59 8.03
N LEU A 1120 9.43 15.13 9.23
CA LEU A 1120 10.62 15.83 9.71
C LEU A 1120 10.88 15.42 11.14
N SER A 1121 12.14 15.44 11.56
CA SER A 1121 12.48 15.08 12.93
C SER A 1121 11.93 16.21 13.82
N GLU A 1122 11.72 15.93 15.10
CA GLU A 1122 11.24 16.97 16.02
C GLU A 1122 12.26 18.09 16.08
N ALA A 1123 13.53 17.73 16.17
CA ALA A 1123 14.60 18.71 16.25
C ALA A 1123 14.65 19.65 15.05
N ASP A 1124 14.56 19.10 13.84
CA ASP A 1124 14.61 19.94 12.66
C ASP A 1124 13.39 20.85 12.57
N ALA A 1125 12.23 20.32 12.91
CA ALA A 1125 11.00 21.11 12.88
C ALA A 1125 11.05 22.23 13.91
N LYS A 1126 11.50 21.93 15.12
CA LYS A 1126 11.56 22.96 16.16
C LYS A 1126 12.55 24.07 15.80
N ASP A 1127 13.65 23.71 15.14
CA ASP A 1127 14.65 24.69 14.72
C ASP A 1127 14.05 25.62 13.67
N LEU A 1128 13.22 25.06 12.79
CA LEU A 1128 12.58 25.84 11.73
C LEU A 1128 11.28 26.50 12.16
N GLY A 1129 10.84 26.25 13.39
CA GLY A 1129 9.60 26.84 13.87
C GLY A 1129 8.39 26.16 13.26
N ILE A 1130 8.57 24.93 12.82
CA ILE A 1130 7.50 24.16 12.22
C ILE A 1130 6.75 23.30 13.24
N ALA A 1131 5.44 23.44 13.28
CA ALA A 1131 4.59 22.67 14.18
C ALA A 1131 3.98 21.54 13.36
N ASP A 1132 3.52 20.50 14.05
CA ASP A 1132 2.91 19.37 13.37
C ASP A 1132 1.72 19.86 12.52
N ASN A 1133 1.73 19.49 11.25
CA ASN A 1133 0.69 19.85 10.28
C ASN A 1133 0.77 21.25 9.69
N ASP A 1134 1.88 21.95 9.92
CA ASP A 1134 2.06 23.29 9.35
C ASP A 1134 2.34 23.17 7.85
N TRP A 1135 1.96 24.19 7.07
CA TRP A 1135 2.24 24.20 5.64
C TRP A 1135 3.71 24.51 5.49
N ILE A 1136 4.43 23.66 4.78
CA ILE A 1136 5.87 23.87 4.56
C ILE A 1136 6.20 23.83 3.08
N GLU A 1137 7.38 24.30 2.73
CA GLU A 1137 7.81 24.31 1.35
C GLU A 1137 9.22 23.72 1.28
N VAL A 1138 9.38 22.77 0.38
CA VAL A 1138 10.64 22.07 0.15
C VAL A 1138 11.04 22.39 -1.28
N PHE A 1139 12.27 22.86 -1.48
CA PHE A 1139 12.69 23.25 -2.82
C PHE A 1139 14.20 23.32 -3.00
N ASN A 1140 14.62 23.27 -4.25
CA ASN A 1140 16.01 23.37 -4.60
C ASN A 1140 16.09 23.84 -6.06
N SER A 1141 17.25 23.64 -6.68
CA SER A 1141 17.45 24.08 -8.07
C SER A 1141 16.47 23.51 -9.07
N ASN A 1142 16.05 22.27 -8.83
CA ASN A 1142 15.14 21.60 -9.74
C ASN A 1142 13.68 22.01 -9.67
N GLY A 1143 13.27 22.61 -8.55
CA GLY A 1143 11.89 23.02 -8.40
C GLY A 1143 11.41 23.12 -6.97
N ALA A 1144 10.10 23.17 -6.77
CA ALA A 1144 9.54 23.26 -5.42
C ALA A 1144 8.23 22.49 -5.24
N LEU A 1145 7.94 22.13 -3.99
CA LEU A 1145 6.71 21.43 -3.67
C LEU A 1145 6.17 22.02 -2.37
N THR A 1146 4.87 21.85 -2.13
CA THR A 1146 4.27 22.32 -0.90
C THR A 1146 3.63 21.11 -0.24
N ALA A 1147 3.50 21.15 1.07
CA ALA A 1147 2.91 20.04 1.80
C ALA A 1147 2.72 20.41 3.26
N ARG A 1148 2.19 19.47 4.03
CA ARG A 1148 2.00 19.68 5.45
C ARG A 1148 3.00 18.78 6.15
N ALA A 1149 3.47 19.24 7.31
CA ALA A 1149 4.46 18.48 8.04
C ALA A 1149 3.92 17.49 9.04
N VAL A 1150 4.66 16.41 9.18
CA VAL A 1150 4.38 15.40 10.17
C VAL A 1150 5.68 15.46 10.98
N VAL A 1151 5.60 15.98 12.21
CA VAL A 1151 6.78 16.07 13.05
C VAL A 1151 6.84 14.79 13.87
N SER A 1152 7.99 14.13 13.88
CA SER A 1152 8.10 12.88 14.60
C SER A 1152 9.47 12.58 15.17
N GLN A 1153 9.47 11.74 16.20
CA GLN A 1153 10.69 11.36 16.88
C GLN A 1153 11.43 10.26 16.14
N ARG A 1154 10.71 9.46 15.37
CA ARG A 1154 11.36 8.36 14.66
C ARG A 1154 12.15 8.78 13.45
N VAL A 1155 12.08 10.07 13.11
CA VAL A 1155 12.83 10.61 11.98
C VAL A 1155 14.10 11.22 12.55
N PRO A 1156 15.28 10.67 12.17
CA PRO A 1156 16.58 11.17 12.65
C PRO A 1156 16.89 12.55 12.12
N ALA A 1157 17.51 13.39 12.95
CA ALA A 1157 17.85 14.74 12.50
C ALA A 1157 18.70 14.67 11.22
N GLY A 1158 18.52 15.67 10.36
CA GLY A 1158 19.30 15.68 9.14
C GLY A 1158 18.55 15.17 7.93
N MET A 1159 17.50 14.40 8.15
CA MET A 1159 16.74 13.88 7.03
C MET A 1159 15.26 14.18 7.10
N THR A 1160 14.64 14.14 5.93
CA THR A 1160 13.22 14.37 5.82
C THR A 1160 12.70 13.30 4.85
N MET A 1161 11.44 12.91 5.00
CA MET A 1161 10.88 11.89 4.13
C MET A 1161 9.51 12.24 3.59
N MET A 1162 9.39 12.26 2.28
CA MET A 1162 8.11 12.51 1.67
C MET A 1162 7.82 11.17 1.03
N TYR A 1163 7.04 10.35 1.71
CA TYR A 1163 6.72 9.04 1.22
C TYR A 1163 6.25 9.10 -0.23
N HIS A 1164 6.94 8.32 -1.04
CA HIS A 1164 6.75 8.23 -2.47
C HIS A 1164 5.37 8.22 -3.10
N ALA A 1165 5.21 9.20 -4.00
CA ALA A 1165 4.03 9.46 -4.81
C ALA A 1165 2.73 9.81 -4.10
N GLN A 1166 2.50 11.11 -3.91
CA GLN A 1166 1.29 11.62 -3.30
C GLN A 1166 0.71 12.57 -4.34
N GLU A 1167 1.47 12.71 -5.42
CA GLU A 1167 1.18 13.52 -6.60
C GLU A 1167 0.67 14.94 -6.48
N ARG A 1168 0.15 15.46 -7.60
CA ARG A 1168 -0.26 16.86 -7.74
C ARG A 1168 -1.72 17.24 -7.96
N ILE A 1169 -2.67 16.42 -7.54
CA ILE A 1169 -4.05 16.77 -7.77
C ILE A 1169 -4.89 17.04 -6.53
N VAL A 1170 -4.43 16.55 -5.39
CA VAL A 1170 -5.18 16.73 -4.15
C VAL A 1170 -4.52 17.61 -3.09
N ASN A 1171 -5.32 18.51 -2.53
CA ASN A 1171 -4.92 19.38 -1.43
C ASN A 1171 -3.51 20.02 -1.52
N LEU A 1172 -3.28 20.81 -2.57
CA LEU A 1172 -2.00 21.49 -2.76
C LEU A 1172 -2.20 22.97 -3.03
N PRO A 1173 -1.62 23.82 -2.18
CA PRO A 1173 -1.75 25.27 -2.37
C PRO A 1173 -0.66 25.79 -3.30
N GLY A 1174 -0.71 27.08 -3.61
CA GLY A 1174 0.30 27.65 -4.46
C GLY A 1174 1.65 27.80 -3.76
N SER A 1175 2.71 27.76 -4.55
CA SER A 1175 4.08 27.88 -4.06
C SER A 1175 4.47 29.34 -3.86
N GLU A 1176 5.24 29.63 -2.81
CA GLU A 1176 5.68 31.00 -2.57
C GLU A 1176 6.98 31.20 -3.32
N ILE A 1177 7.47 30.13 -3.94
CA ILE A 1177 8.74 30.14 -4.68
C ILE A 1177 8.57 30.28 -6.19
N THR A 1178 7.54 29.62 -6.73
CA THR A 1178 7.29 29.65 -8.16
C THR A 1178 6.06 30.46 -8.51
N GLN A 1179 5.24 30.76 -7.51
CA GLN A 1179 4.00 31.51 -7.73
C GLN A 1179 3.04 30.66 -8.54
N GLN A 1180 3.28 29.35 -8.55
CA GLN A 1180 2.45 28.41 -9.27
C GLN A 1180 1.90 27.38 -8.28
N ARG A 1181 1.04 26.50 -8.79
CA ARG A 1181 0.49 25.43 -7.96
C ARG A 1181 1.71 24.76 -7.37
N GLY A 1182 1.67 24.43 -6.08
CA GLY A 1182 2.79 23.76 -5.45
C GLY A 1182 3.14 22.54 -6.27
N GLY A 1183 4.41 22.14 -6.23
CA GLY A 1183 4.85 20.97 -6.99
C GLY A 1183 4.82 19.65 -6.24
N ILE A 1184 5.41 18.61 -6.82
CA ILE A 1184 5.44 17.29 -6.20
C ILE A 1184 6.84 16.87 -5.78
N HIS A 1185 6.96 15.70 -5.17
CA HIS A 1185 8.25 15.23 -4.70
C HIS A 1185 9.31 15.18 -5.79
N ASN A 1186 8.92 14.93 -7.04
CA ASN A 1186 9.91 14.93 -8.10
C ASN A 1186 10.12 16.29 -8.76
N SER A 1187 9.66 17.34 -8.09
CA SER A 1187 9.87 18.69 -8.58
C SER A 1187 11.25 19.10 -8.07
N VAL A 1188 11.75 18.36 -7.08
CA VAL A 1188 13.06 18.65 -6.50
C VAL A 1188 14.15 17.65 -6.86
N THR A 1189 13.87 16.73 -7.77
CA THR A 1189 14.89 15.77 -8.19
C THR A 1189 15.27 16.00 -9.64
N ARG A 1190 16.40 15.43 -10.05
CA ARG A 1190 16.82 15.59 -11.44
C ARG A 1190 17.64 14.37 -11.80
N ILE A 1191 17.50 13.89 -13.04
CA ILE A 1191 18.25 12.73 -13.48
C ILE A 1191 19.75 13.02 -13.60
N THR A 1192 20.56 12.08 -13.17
CA THR A 1192 22.00 12.18 -13.25
C THR A 1192 22.47 10.76 -13.47
N PRO A 1193 22.76 10.40 -14.72
CA PRO A 1193 23.22 9.05 -15.08
C PRO A 1193 24.59 8.72 -14.53
N LYS A 1194 24.89 7.43 -14.44
CA LYS A 1194 26.20 6.99 -13.98
C LYS A 1194 26.82 6.19 -15.12
N PRO A 1195 28.05 6.53 -15.52
CA PRO A 1195 28.77 5.85 -16.60
C PRO A 1195 28.83 4.33 -16.56
N THR A 1196 29.04 3.76 -15.39
CA THR A 1196 29.14 2.29 -15.29
C THR A 1196 27.87 1.58 -15.71
N HIS A 1197 26.77 2.32 -15.81
CA HIS A 1197 25.49 1.74 -16.18
C HIS A 1197 25.18 1.89 -17.67
N MET A 1198 26.19 2.30 -18.45
CA MET A 1198 26.05 2.48 -19.88
C MET A 1198 26.89 1.44 -20.64
N ILE A 1199 27.68 0.67 -19.89
CA ILE A 1199 28.56 -0.36 -20.46
C ILE A 1199 27.80 -1.46 -21.19
N GLY A 1200 28.22 -1.75 -22.42
CA GLY A 1200 27.59 -2.78 -23.22
C GLY A 1200 28.58 -3.61 -24.03
N GLY A 1201 28.06 -4.51 -24.86
CA GLY A 1201 28.90 -5.36 -25.68
C GLY A 1201 29.98 -6.09 -24.90
N TYR A 1202 29.67 -6.45 -23.66
CA TYR A 1202 30.64 -7.12 -22.83
C TYR A 1202 30.02 -8.20 -21.92
N ALA A 1203 29.79 -9.38 -22.49
CA ALA A 1203 29.21 -10.51 -21.76
C ALA A 1203 28.04 -10.12 -20.85
N HIS A 1204 28.18 -10.32 -19.54
CA HIS A 1204 27.11 -9.99 -18.62
C HIS A 1204 26.77 -8.50 -18.68
N LEU A 1205 27.67 -7.69 -19.23
CA LEU A 1205 27.41 -6.27 -19.35
C LEU A 1205 27.09 -5.92 -20.80
N ALA A 1206 25.98 -6.48 -21.28
CA ALA A 1206 25.49 -6.23 -22.64
C ALA A 1206 24.02 -5.86 -22.44
N TYR A 1207 23.46 -5.07 -23.35
CA TYR A 1207 22.08 -4.61 -23.20
C TYR A 1207 20.97 -5.65 -23.17
N GLY A 1208 19.81 -5.18 -22.71
CA GLY A 1208 18.60 -5.97 -22.60
C GLY A 1208 17.49 -5.08 -22.05
N PHE A 1209 16.32 -5.09 -22.69
CA PHE A 1209 15.20 -4.29 -22.22
C PHE A 1209 15.03 -4.55 -20.71
N ASN A 1210 15.18 -3.49 -19.91
CA ASN A 1210 15.05 -3.59 -18.46
C ASN A 1210 16.17 -4.43 -17.80
N TYR A 1211 17.12 -4.89 -18.59
CA TYR A 1211 18.22 -5.70 -18.06
C TYR A 1211 19.40 -4.85 -17.56
N TYR A 1212 19.71 -3.80 -18.30
CA TYR A 1212 20.80 -2.90 -17.95
C TYR A 1212 20.49 -1.54 -18.55
N GLY A 1213 21.17 -0.51 -18.06
CA GLY A 1213 20.93 0.83 -18.55
C GLY A 1213 21.02 1.80 -17.40
N THR A 1214 21.09 3.09 -17.69
CA THR A 1214 21.19 4.07 -16.64
C THR A 1214 19.96 4.01 -15.71
N VAL A 1215 20.15 4.37 -14.44
CA VAL A 1215 19.06 4.31 -13.48
C VAL A 1215 18.67 5.67 -12.89
N GLY A 1216 17.43 5.76 -12.42
CA GLY A 1216 16.95 7.01 -11.87
C GLY A 1216 17.06 7.18 -10.37
N SER A 1217 18.28 7.05 -9.83
CA SER A 1217 18.55 7.21 -8.40
C SER A 1217 18.06 8.59 -7.92
N ASN A 1218 17.86 8.76 -6.61
CA ASN A 1218 17.32 10.02 -6.09
C ASN A 1218 17.50 10.29 -4.58
N ARG A 1219 18.07 9.33 -3.84
CA ARG A 1219 18.21 9.54 -2.40
C ARG A 1219 19.34 10.50 -2.00
N ASP A 1220 20.28 10.75 -2.90
CA ASP A 1220 21.40 11.66 -2.60
C ASP A 1220 20.92 13.11 -2.55
N GLU A 1221 19.78 13.37 -3.17
CA GLU A 1221 19.19 14.70 -3.24
C GLU A 1221 19.00 15.43 -1.91
N PHE A 1222 19.29 16.73 -1.93
CA PHE A 1222 19.13 17.59 -0.77
C PHE A 1222 18.15 18.70 -1.13
N VAL A 1223 17.46 19.22 -0.13
CA VAL A 1223 16.47 20.26 -0.36
C VAL A 1223 16.51 21.29 0.73
N VAL A 1224 15.86 22.43 0.46
CA VAL A 1224 15.76 23.50 1.43
C VAL A 1224 14.33 23.37 1.97
N VAL A 1225 14.20 23.42 3.29
CA VAL A 1225 12.89 23.29 3.93
C VAL A 1225 12.59 24.56 4.72
N ARG A 1226 11.30 24.92 4.81
CA ARG A 1226 10.92 26.11 5.56
C ARG A 1226 9.40 26.18 5.73
N LYS A 1227 8.96 26.86 6.79
CA LYS A 1227 7.55 27.02 7.06
C LYS A 1227 6.97 28.04 6.08
N MET A 1228 5.83 27.73 5.49
CA MET A 1228 5.23 28.66 4.56
C MET A 1228 4.63 29.84 5.32
N LYS A 1229 4.40 30.93 4.61
CA LYS A 1229 3.82 32.12 5.20
C LYS A 1229 2.42 32.33 4.61
N ASN A 1230 2.38 32.71 3.35
CA ASN A 1230 1.11 32.93 2.66
C ASN A 1230 0.62 31.63 2.03
N ILE A 1231 -0.61 31.24 2.36
CA ILE A 1231 -1.20 30.04 1.80
C ILE A 1231 -2.27 30.48 0.80
N ASP A 1232 -1.84 30.75 -0.44
CA ASP A 1232 -2.74 31.19 -1.51
C ASP A 1232 -3.10 29.98 -2.38
N TRP A 1233 -4.40 29.77 -2.60
CA TRP A 1233 -4.82 28.63 -3.39
C TRP A 1233 -4.92 28.86 -4.90
N LEU A 1234 -4.81 30.11 -5.33
CA LEU A 1234 -4.84 30.42 -6.75
C LEU A 1234 -6.09 29.92 -7.46
N ASP A 1235 -7.22 29.90 -6.76
CA ASP A 1235 -8.44 29.41 -7.37
C ASP A 1235 -9.55 30.45 -7.43
N GLY A 1236 -9.24 31.66 -7.03
CA GLY A 1236 -10.24 32.72 -7.06
C GLY A 1236 -11.41 32.49 -6.12
N GLU A 1237 -11.20 31.66 -5.09
CA GLU A 1237 -12.24 31.39 -4.11
C GLU A 1237 -12.18 32.37 -2.95
N GLY A 1238 -11.07 33.09 -2.82
CA GLY A 1238 -10.92 34.05 -1.75
C GLY A 1238 -10.79 33.37 -0.39
N ASN A 1239 -10.54 32.06 -0.42
CA ASN A 1239 -10.40 31.29 0.79
C ASN A 1239 -8.93 31.00 1.09
N ASP A 1240 -8.14 32.06 1.23
CA ASP A 1240 -6.73 31.92 1.51
C ASP A 1240 -6.38 32.17 2.99
N GLN A 1241 -5.21 31.70 3.42
CA GLN A 1241 -4.78 31.89 4.80
C GLN A 1241 -3.34 32.38 4.90
N VAL A 1242 -2.93 32.74 6.12
CA VAL A 1242 -1.58 33.22 6.38
C VAL A 1242 -1.08 32.58 7.67
N GLN A 1243 0.09 31.97 7.63
CA GLN A 1243 0.67 31.37 8.82
C GLN A 1243 1.64 32.38 9.46
N GLU A 1244 1.36 32.77 10.69
CA GLU A 1244 2.21 33.73 11.40
C GLU A 1244 3.58 33.18 11.80
N SER A 1245 4.53 34.07 12.08
CA SER A 1245 5.89 33.67 12.49
C SER A 1245 6.48 32.61 11.56
N MET B 1 -25.57 -21.31 37.95
CA MET B 1 -24.86 -22.00 36.83
C MET B 1 -25.74 -22.08 35.58
N LYS B 2 -25.43 -21.22 34.61
CA LYS B 2 -26.14 -21.17 33.32
C LYS B 2 -25.05 -21.00 32.28
N ILE B 3 -24.81 -22.04 31.50
CA ILE B 3 -23.79 -21.98 30.48
C ILE B 3 -24.29 -21.34 29.21
N ARG B 4 -23.47 -20.46 28.65
CA ARG B 4 -23.76 -19.78 27.40
C ARG B 4 -22.47 -19.80 26.59
N SER B 5 -22.59 -19.61 25.29
CA SER B 5 -21.40 -19.61 24.44
C SER B 5 -21.30 -18.33 23.63
N GLN B 6 -20.08 -18.06 23.16
CA GLN B 6 -19.78 -16.89 22.37
C GLN B 6 -18.52 -17.19 21.59
N VAL B 7 -18.39 -16.58 20.43
CA VAL B 7 -17.19 -16.76 19.64
C VAL B 7 -16.29 -15.59 20.06
N GLY B 8 -15.19 -15.91 20.74
CA GLY B 8 -14.28 -14.87 21.18
C GLY B 8 -13.24 -14.60 20.11
N MET B 9 -12.45 -13.55 20.33
CA MET B 9 -11.39 -13.21 19.40
C MET B 9 -10.11 -12.89 20.16
N VAL B 10 -9.00 -13.38 19.63
CA VAL B 10 -7.69 -13.13 20.21
C VAL B 10 -6.85 -12.54 19.08
N LEU B 11 -6.16 -11.45 19.38
CA LEU B 11 -5.32 -10.81 18.39
C LEU B 11 -3.86 -10.91 18.81
N ASN B 12 -3.03 -11.48 17.96
CA ASN B 12 -1.61 -11.59 18.26
C ASN B 12 -0.88 -10.32 17.83
N LEU B 13 -0.74 -9.39 18.77
CA LEU B 13 -0.09 -8.12 18.51
C LEU B 13 1.35 -8.27 18.04
N ASP B 14 1.98 -9.38 18.38
CA ASP B 14 3.36 -9.60 17.96
C ASP B 14 3.41 -9.76 16.44
N LYS B 15 2.31 -10.21 15.83
CA LYS B 15 2.28 -10.38 14.37
C LYS B 15 1.65 -9.21 13.63
N CYS B 16 0.97 -8.33 14.34
CA CYS B 16 0.32 -7.19 13.69
C CYS B 16 1.32 -6.26 13.05
N ILE B 17 1.12 -6.02 11.75
CA ILE B 17 1.99 -5.17 10.95
C ILE B 17 1.45 -3.76 10.75
N GLY B 18 0.41 -3.41 11.52
CA GLY B 18 -0.18 -2.09 11.44
C GLY B 18 -0.61 -1.61 10.06
N CYS B 19 -1.18 -2.52 9.27
CA CYS B 19 -1.58 -2.19 7.92
C CYS B 19 -2.98 -1.57 7.70
N HIS B 20 -3.86 -1.69 8.67
CA HIS B 20 -5.22 -1.12 8.56
C HIS B 20 -6.17 -1.78 7.56
N THR B 21 -5.75 -2.90 6.95
CA THR B 21 -6.61 -3.59 6.00
C THR B 21 -7.95 -3.93 6.67
N CYS B 22 -7.87 -4.35 7.93
CA CYS B 22 -9.04 -4.71 8.72
C CYS B 22 -10.03 -3.57 8.83
N SER B 23 -9.51 -2.35 8.96
CA SER B 23 -10.35 -1.15 9.06
C SER B 23 -11.08 -0.82 7.75
N VAL B 24 -10.35 -0.94 6.64
CA VAL B 24 -10.88 -0.65 5.32
C VAL B 24 -12.01 -1.59 4.90
N THR B 25 -11.81 -2.89 5.09
CA THR B 25 -12.84 -3.83 4.71
C THR B 25 -14.11 -3.64 5.55
N CYS B 26 -13.95 -3.37 6.84
CA CYS B 26 -15.11 -3.12 7.68
C CYS B 26 -15.83 -1.87 7.18
N LYS B 27 -15.07 -0.82 6.89
CA LYS B 27 -15.66 0.42 6.41
C LYS B 27 -16.46 0.23 5.12
N ASN B 28 -15.87 -0.44 4.14
CA ASN B 28 -16.55 -0.68 2.87
C ASN B 28 -17.90 -1.38 3.03
N VAL B 29 -17.93 -2.42 3.84
CA VAL B 29 -19.16 -3.17 4.06
C VAL B 29 -20.21 -2.55 4.98
N TRP B 30 -19.78 -2.09 6.16
CA TRP B 30 -20.72 -1.58 7.15
C TRP B 30 -20.95 -0.10 7.40
N THR B 31 -19.93 0.74 7.26
CA THR B 31 -20.10 2.15 7.58
C THR B 31 -19.81 3.17 6.49
N SER B 32 -20.18 2.88 5.25
CA SER B 32 -19.94 3.84 4.17
C SER B 32 -21.11 4.79 3.96
N ARG B 33 -22.13 4.67 4.80
CA ARG B 33 -23.31 5.53 4.69
C ARG B 33 -23.05 6.90 5.30
N GLU B 34 -23.79 7.91 4.84
CA GLU B 34 -23.68 9.25 5.39
C GLU B 34 -24.26 9.15 6.81
N GLY B 35 -23.53 9.66 7.78
CA GLY B 35 -24.00 9.59 9.15
C GLY B 35 -23.01 8.80 9.99
N VAL B 36 -22.38 7.81 9.39
CA VAL B 36 -21.38 7.00 10.09
C VAL B 36 -20.10 6.93 9.27
N GLU B 37 -19.93 7.85 8.31
CA GLU B 37 -18.73 7.86 7.49
C GLU B 37 -17.50 8.11 8.34
N TYR B 38 -17.69 8.73 9.50
CA TYR B 38 -16.58 9.03 10.40
C TYR B 38 -16.36 7.89 11.39
N ALA B 39 -17.29 6.93 11.43
CA ALA B 39 -17.19 5.82 12.36
C ALA B 39 -16.34 4.67 11.85
N TRP B 40 -15.44 4.16 12.69
CA TRP B 40 -14.61 3.02 12.30
C TRP B 40 -14.77 1.87 13.28
N PHE B 41 -15.77 1.03 13.05
CA PHE B 41 -16.04 -0.11 13.91
C PHE B 41 -14.72 -0.78 14.28
N ASN B 42 -13.86 -0.96 13.28
CA ASN B 42 -12.55 -1.51 13.50
C ASN B 42 -11.61 -0.35 13.20
N ASN B 43 -10.68 -0.08 14.10
CA ASN B 43 -9.71 0.97 13.87
C ASN B 43 -8.40 0.52 14.47
N VAL B 44 -7.30 1.00 13.92
CA VAL B 44 -6.00 0.63 14.40
C VAL B 44 -5.30 1.90 14.84
N GLU B 45 -4.71 1.85 16.03
CA GLU B 45 -4.02 3.01 16.58
C GLU B 45 -2.58 2.65 16.83
N THR B 46 -1.69 3.62 16.64
CA THR B 46 -0.29 3.41 16.88
C THR B 46 -0.05 3.92 18.31
N LYS B 47 0.71 3.15 19.10
CA LYS B 47 1.00 3.52 20.48
C LYS B 47 2.49 3.72 20.62
N PRO B 48 2.92 4.69 21.45
CA PRO B 48 2.17 5.64 22.29
C PRO B 48 1.25 6.59 21.52
N GLY B 49 0.11 6.91 22.11
CA GLY B 49 -0.83 7.81 21.46
C GLY B 49 -2.12 7.91 22.26
N GLN B 50 -3.03 8.77 21.82
CA GLN B 50 -4.29 8.93 22.55
C GLN B 50 -5.45 8.24 21.84
N GLY B 51 -5.23 7.81 20.61
CA GLY B 51 -6.26 7.09 19.91
C GLY B 51 -7.44 7.80 19.29
N PHE B 52 -8.47 7.01 19.01
CA PHE B 52 -9.69 7.46 18.36
C PHE B 52 -10.92 6.90 19.09
N PRO B 53 -11.76 7.77 19.69
CA PRO B 53 -11.63 9.22 19.73
C PRO B 53 -10.46 9.57 20.63
N THR B 54 -10.03 10.82 20.58
CA THR B 54 -8.88 11.27 21.35
C THR B 54 -8.96 11.04 22.85
N ASP B 55 -8.03 10.22 23.36
CA ASP B 55 -7.93 9.91 24.79
C ASP B 55 -9.07 9.06 25.31
N TRP B 56 -9.57 8.12 24.50
CA TRP B 56 -10.69 7.28 24.91
C TRP B 56 -10.40 6.46 26.18
N GLU B 57 -9.13 6.24 26.48
CA GLU B 57 -8.75 5.48 27.65
C GLU B 57 -8.83 6.26 28.96
N ASN B 58 -9.05 7.56 28.85
CA ASN B 58 -9.15 8.42 30.03
C ASN B 58 -10.58 8.38 30.58
N GLN B 59 -10.84 7.49 31.53
CA GLN B 59 -12.19 7.36 32.07
C GLN B 59 -12.63 8.46 33.05
N GLU B 60 -11.67 9.26 33.54
CA GLU B 60 -12.01 10.34 34.44
C GLU B 60 -12.67 11.44 33.63
N LYS B 61 -12.29 11.53 32.36
CA LYS B 61 -12.85 12.52 31.47
C LYS B 61 -14.12 12.02 30.79
N TYR B 62 -14.04 10.84 30.18
CA TYR B 62 -15.15 10.25 29.46
C TYR B 62 -16.20 9.46 30.25
N LYS B 63 -15.86 9.03 31.46
CA LYS B 63 -16.79 8.32 32.33
C LYS B 63 -17.30 6.96 31.85
N GLY B 64 -16.45 6.20 31.17
CA GLY B 64 -16.88 4.90 30.69
C GLY B 64 -16.70 3.78 31.69
N GLY B 65 -17.35 2.66 31.42
CA GLY B 65 -17.23 1.49 32.28
C GLY B 65 -17.94 1.51 33.63
N TRP B 66 -17.56 0.56 34.47
CA TRP B 66 -18.14 0.45 35.81
C TRP B 66 -17.19 0.87 36.91
N ILE B 67 -17.74 0.94 38.11
CA ILE B 67 -17.01 1.25 39.32
C ILE B 67 -17.60 0.34 40.38
N ARG B 68 -16.79 -0.08 41.33
CA ARG B 68 -17.27 -0.92 42.41
C ARG B 68 -17.44 0.02 43.58
N LYS B 69 -18.69 0.21 44.02
CA LYS B 69 -18.96 1.10 45.15
C LYS B 69 -18.41 0.49 46.44
N ILE B 70 -18.45 1.26 47.52
CA ILE B 70 -17.94 0.79 48.80
C ILE B 70 -18.75 -0.38 49.35
N ASN B 71 -20.04 -0.40 49.06
CA ASN B 71 -20.90 -1.49 49.52
C ASN B 71 -20.66 -2.76 48.70
N GLY B 72 -19.73 -2.68 47.75
CA GLY B 72 -19.42 -3.83 46.91
C GLY B 72 -20.25 -3.98 45.64
N LYS B 73 -21.30 -3.18 45.52
CA LYS B 73 -22.17 -3.24 44.37
C LYS B 73 -21.63 -2.48 43.14
N LEU B 74 -21.97 -2.98 41.95
CA LEU B 74 -21.54 -2.40 40.69
C LEU B 74 -22.45 -1.27 40.22
N GLN B 75 -21.84 -0.23 39.67
CA GLN B 75 -22.56 0.94 39.13
C GLN B 75 -21.76 1.50 37.96
N PRO B 76 -22.45 1.92 36.88
CA PRO B 76 -21.68 2.47 35.76
C PRO B 76 -21.05 3.78 36.23
N ARG B 77 -19.80 4.02 35.87
CA ARG B 77 -19.15 5.26 36.27
C ARG B 77 -19.99 6.48 35.89
N MET B 78 -20.82 6.36 34.85
CA MET B 78 -21.69 7.44 34.39
C MET B 78 -22.64 7.90 35.48
N GLY B 79 -22.97 6.98 36.37
CA GLY B 79 -23.88 7.25 37.45
C GLY B 79 -24.94 6.16 37.50
N ASN B 80 -25.72 6.12 38.58
CA ASN B 80 -26.75 5.11 38.71
C ASN B 80 -27.94 5.48 37.82
N ARG B 81 -29.00 4.67 37.88
CA ARG B 81 -30.19 4.90 37.06
C ARG B 81 -30.73 6.33 37.04
N ALA B 82 -30.91 6.95 38.21
CA ALA B 82 -31.43 8.32 38.25
C ALA B 82 -30.39 9.32 37.76
N MET B 83 -29.16 9.21 38.27
CA MET B 83 -28.09 10.11 37.85
C MET B 83 -27.99 10.17 36.33
N LEU B 84 -28.06 9.01 35.69
CA LEU B 84 -27.97 8.90 34.24
C LEU B 84 -29.17 9.57 33.59
N LEU B 85 -30.36 9.26 34.11
CA LEU B 85 -31.60 9.83 33.59
C LEU B 85 -31.57 11.35 33.70
N GLY B 86 -30.95 11.85 34.76
CA GLY B 86 -30.87 13.28 34.95
C GLY B 86 -29.84 13.97 34.08
N LYS B 87 -29.22 13.22 33.16
CA LYS B 87 -28.22 13.80 32.26
C LYS B 87 -28.69 13.68 30.82
N ILE B 88 -29.89 13.15 30.64
CA ILE B 88 -30.44 12.91 29.32
C ILE B 88 -30.73 14.10 28.39
N PHE B 89 -31.03 15.27 28.92
CA PHE B 89 -31.31 16.40 28.05
C PHE B 89 -30.06 16.81 27.32
N ALA B 90 -28.92 16.63 27.97
CA ALA B 90 -27.62 16.97 27.39
C ALA B 90 -26.56 16.16 28.13
N ASN B 91 -26.08 15.09 27.48
CA ASN B 91 -25.06 14.22 28.04
C ASN B 91 -23.82 15.08 28.29
N PRO B 92 -23.52 15.39 29.55
CA PRO B 92 -22.35 16.21 29.85
C PRO B 92 -20.98 15.64 29.48
N HIS B 93 -20.93 14.35 29.15
CA HIS B 93 -19.64 13.71 28.83
C HIS B 93 -19.49 13.34 27.35
N LEU B 94 -20.60 13.38 26.64
CA LEU B 94 -20.61 13.01 25.23
C LEU B 94 -19.44 13.58 24.43
N PRO B 95 -18.70 12.70 23.74
CA PRO B 95 -17.56 13.18 22.95
C PRO B 95 -18.10 13.87 21.70
N GLY B 96 -17.45 14.95 21.28
CA GLY B 96 -17.92 15.68 20.12
C GLY B 96 -17.31 15.20 18.82
N ILE B 97 -17.93 15.54 17.70
CA ILE B 97 -17.43 15.13 16.40
C ILE B 97 -15.95 15.45 16.28
N ASP B 98 -15.53 16.57 16.86
CA ASP B 98 -14.14 17.00 16.81
C ASP B 98 -13.20 16.06 17.56
N ASP B 99 -13.75 15.30 18.51
CA ASP B 99 -12.92 14.36 19.25
C ASP B 99 -12.52 13.19 18.37
N TYR B 100 -13.28 12.99 17.29
CA TYR B 100 -13.00 11.94 16.33
C TYR B 100 -12.19 12.63 15.23
N TYR B 101 -12.89 13.40 14.41
CA TYR B 101 -12.34 14.21 13.32
C TYR B 101 -13.52 14.64 12.49
N GLU B 102 -13.37 15.71 11.72
CA GLU B 102 -14.47 16.15 10.88
C GLU B 102 -14.32 15.42 9.56
N PRO B 103 -15.27 14.51 9.26
CA PRO B 103 -15.20 13.76 8.01
C PRO B 103 -15.16 14.71 6.81
N PHE B 104 -14.21 14.46 5.91
CA PHE B 104 -14.02 15.31 4.75
C PHE B 104 -14.00 14.54 3.43
N ASP B 105 -14.16 15.29 2.35
CA ASP B 105 -14.15 14.75 0.99
C ASP B 105 -13.37 15.80 0.17
N PHE B 106 -13.07 15.50 -1.09
CA PHE B 106 -12.33 16.44 -1.92
C PHE B 106 -13.12 16.74 -3.18
N ASP B 107 -12.95 17.95 -3.70
CA ASP B 107 -13.65 18.37 -4.91
C ASP B 107 -12.89 17.90 -6.15
N TYR B 108 -12.97 16.60 -6.42
CA TYR B 108 -12.30 16.01 -7.57
C TYR B 108 -12.83 16.55 -8.90
N GLN B 109 -14.13 16.81 -8.97
CA GLN B 109 -14.72 17.29 -10.22
C GLN B 109 -14.12 18.59 -10.72
N ASN B 110 -13.38 19.28 -9.85
CA ASN B 110 -12.76 20.52 -10.25
C ASN B 110 -11.59 20.25 -11.21
N LEU B 111 -11.02 19.05 -11.14
CA LEU B 111 -9.92 18.67 -12.01
C LEU B 111 -10.49 18.39 -13.39
N HIS B 112 -11.77 18.01 -13.42
CA HIS B 112 -12.47 17.71 -14.65
C HIS B 112 -13.08 18.92 -15.34
N THR B 113 -13.85 19.71 -14.58
CA THR B 113 -14.54 20.88 -15.14
C THR B 113 -13.80 22.22 -15.11
N ALA B 114 -12.55 22.23 -14.65
CA ALA B 114 -11.79 23.48 -14.61
C ALA B 114 -11.90 24.17 -15.97
N PRO B 115 -12.45 25.38 -16.00
CA PRO B 115 -12.61 26.13 -17.25
C PRO B 115 -11.30 26.41 -17.97
N GLU B 116 -11.40 26.59 -19.28
CA GLU B 116 -10.26 26.88 -20.14
C GLU B 116 -9.65 28.22 -19.72
N GLY B 117 -8.33 28.35 -19.86
CA GLY B 117 -7.69 29.60 -19.50
C GLY B 117 -7.49 29.86 -18.02
N SER B 118 -7.36 28.79 -17.23
CA SER B 118 -7.14 28.92 -15.80
C SER B 118 -5.73 29.46 -15.58
N LYS B 119 -5.57 30.37 -14.62
CA LYS B 119 -4.28 30.95 -14.34
C LYS B 119 -3.29 29.99 -13.67
N SER B 120 -3.80 28.96 -12.99
CA SER B 120 -2.95 28.00 -12.32
C SER B 120 -3.53 26.60 -12.50
N GLN B 121 -2.69 25.58 -12.37
CA GLN B 121 -3.18 24.22 -12.52
C GLN B 121 -4.32 23.98 -11.53
N PRO B 122 -5.45 23.43 -11.98
CA PRO B 122 -6.54 23.21 -11.03
C PRO B 122 -6.19 22.14 -9.99
N ILE B 123 -6.82 22.23 -8.84
CA ILE B 123 -6.57 21.31 -7.74
C ILE B 123 -7.88 20.92 -7.06
N ALA B 124 -7.82 19.89 -6.22
CA ALA B 124 -8.99 19.42 -5.50
C ALA B 124 -8.85 19.72 -4.02
N ARG B 125 -9.60 20.70 -3.50
CA ARG B 125 -9.52 21.04 -2.08
C ARG B 125 -10.52 20.23 -1.25
N PRO B 126 -10.31 20.21 0.09
CA PRO B 126 -11.22 19.46 0.96
C PRO B 126 -12.53 20.18 1.28
N ARG B 127 -13.54 19.39 1.60
CA ARG B 127 -14.87 19.88 1.93
C ARG B 127 -15.42 19.04 3.06
N SER B 128 -16.14 19.68 3.98
CA SER B 128 -16.71 18.98 5.11
C SER B 128 -17.86 18.09 4.66
N LEU B 129 -17.87 16.87 5.17
CA LEU B 129 -18.93 15.93 4.86
C LEU B 129 -20.11 16.20 5.78
N ILE B 130 -19.91 17.15 6.69
CA ILE B 130 -20.95 17.53 7.65
C ILE B 130 -21.65 18.81 7.22
N THR B 131 -20.90 19.77 6.69
CA THR B 131 -21.49 21.04 6.27
C THR B 131 -21.45 21.28 4.79
N GLY B 132 -20.57 20.57 4.09
CA GLY B 132 -20.46 20.74 2.65
C GLY B 132 -19.72 22.02 2.31
N GLU B 133 -19.22 22.70 3.34
CA GLU B 133 -18.47 23.94 3.16
C GLU B 133 -17.03 23.61 2.85
N ARG B 134 -16.32 24.56 2.25
CA ARG B 134 -14.91 24.39 1.94
C ARG B 134 -14.15 24.32 3.25
N MET B 135 -13.19 23.40 3.33
CA MET B 135 -12.36 23.28 4.53
C MET B 135 -11.00 23.90 4.22
N ALA B 136 -10.64 24.90 5.00
CA ALA B 136 -9.38 25.61 4.83
C ALA B 136 -8.20 24.67 4.95
N LYS B 137 -8.29 23.76 5.91
CA LYS B 137 -7.23 22.80 6.14
C LYS B 137 -7.77 21.60 6.93
N ILE B 138 -7.23 20.42 6.67
CA ILE B 138 -7.64 19.22 7.39
C ILE B 138 -6.70 19.19 8.58
N GLU B 139 -7.26 19.21 9.78
CA GLU B 139 -6.45 19.24 10.99
C GLU B 139 -6.50 17.98 11.83
N LYS B 140 -7.25 16.98 11.37
CA LYS B 140 -7.35 15.75 12.12
C LYS B 140 -7.94 14.62 11.29
N GLY B 141 -7.68 13.40 11.75
CA GLY B 141 -8.17 12.21 11.08
C GLY B 141 -8.23 11.09 12.08
N PRO B 142 -8.89 9.97 11.73
CA PRO B 142 -9.02 8.82 12.63
C PRO B 142 -7.73 8.08 12.97
N ASN B 143 -6.71 8.22 12.13
CA ASN B 143 -5.43 7.54 12.34
C ASN B 143 -4.31 8.59 12.24
N TRP B 144 -4.60 9.78 12.77
CA TRP B 144 -3.70 10.91 12.72
C TRP B 144 -2.33 10.73 13.39
N GLU B 145 -2.25 9.80 14.33
CA GLU B 145 -0.99 9.55 15.05
C GLU B 145 -0.23 8.35 14.51
N ASP B 146 -0.69 7.81 13.39
CA ASP B 146 -0.04 6.65 12.78
C ASP B 146 1.48 6.76 12.77
N ASP B 147 2.13 5.67 13.17
CA ASP B 147 3.60 5.59 13.22
C ASP B 147 4.29 6.79 13.87
N LEU B 148 3.94 7.05 15.12
CA LEU B 148 4.55 8.15 15.86
C LEU B 148 4.46 9.49 15.13
N GLY B 149 3.28 9.76 14.56
CA GLY B 149 3.08 11.01 13.88
C GLY B 149 2.66 12.06 14.87
N GLY B 150 3.62 12.87 15.33
CA GLY B 150 3.34 13.91 16.30
C GLY B 150 4.46 14.02 17.31
N GLU B 151 4.55 15.15 17.99
CA GLU B 151 5.61 15.33 18.97
C GLU B 151 5.43 14.34 20.10
N PHE B 152 6.55 13.84 20.63
CA PHE B 152 6.51 12.87 21.71
C PHE B 152 5.72 13.36 22.94
N ASP B 153 5.93 14.60 23.35
CA ASP B 153 5.22 15.14 24.51
C ASP B 153 3.71 15.14 24.25
N LYS B 154 3.32 15.01 22.99
CA LYS B 154 1.90 15.00 22.65
C LYS B 154 1.38 13.57 22.73
N LEU B 155 2.08 12.67 22.03
CA LEU B 155 1.72 11.27 22.02
C LEU B 155 1.81 10.62 23.40
N ALA B 156 2.80 11.03 24.18
CA ALA B 156 3.00 10.47 25.51
C ALA B 156 1.88 10.80 26.47
N LYS B 157 0.92 11.61 26.07
CA LYS B 157 -0.19 11.93 26.96
C LYS B 157 -0.97 10.63 27.14
N ASP B 158 -0.61 9.64 26.32
CA ASP B 158 -1.20 8.29 26.34
C ASP B 158 -1.47 7.93 27.81
N LYS B 159 -2.70 7.54 28.10
CA LYS B 159 -3.09 7.18 29.45
C LYS B 159 -2.28 5.97 29.98
N ASN B 160 -1.75 5.19 29.07
CA ASN B 160 -0.99 4.01 29.46
C ASN B 160 0.43 4.28 29.94
N PHE B 161 0.82 5.56 29.96
CA PHE B 161 2.14 5.93 30.43
C PHE B 161 2.11 6.33 31.92
N ASP B 162 0.96 6.18 32.56
CA ASP B 162 0.81 6.52 33.96
C ASP B 162 1.72 5.67 34.83
N ASN B 163 2.28 6.26 35.88
CA ASN B 163 3.14 5.51 36.78
C ASN B 163 4.44 5.07 36.10
N ILE B 164 4.73 5.64 34.94
CA ILE B 164 5.97 5.32 34.23
C ILE B 164 6.76 6.60 33.99
N GLN B 165 8.05 6.55 34.23
CA GLN B 165 8.88 7.71 33.98
C GLN B 165 9.17 7.60 32.50
N LYS B 166 8.47 8.41 31.72
CA LYS B 166 8.57 8.38 30.26
C LYS B 166 9.69 9.17 29.59
N ALA B 167 10.32 10.08 30.33
CA ALA B 167 11.38 10.89 29.74
C ALA B 167 12.33 10.10 28.85
N MET B 168 12.82 8.96 29.35
CA MET B 168 13.78 8.16 28.59
C MET B 168 13.32 7.74 27.19
N TYR B 169 12.00 7.65 26.99
CA TYR B 169 11.48 7.21 25.70
C TYR B 169 11.39 8.29 24.64
N SER B 170 11.79 9.52 24.97
CA SER B 170 11.77 10.59 23.97
C SER B 170 13.13 10.63 23.27
N GLN B 171 14.03 9.76 23.71
CA GLN B 171 15.36 9.69 23.11
C GLN B 171 15.30 8.78 21.89
N PHE B 172 15.92 9.23 20.81
CA PHE B 172 15.91 8.49 19.57
C PHE B 172 16.20 7.01 19.74
N GLU B 173 17.31 6.69 20.40
CA GLU B 173 17.71 5.30 20.62
C GLU B 173 16.72 4.44 21.41
N ASN B 174 15.84 5.05 22.18
CA ASN B 174 14.89 4.27 22.96
C ASN B 174 13.48 4.27 22.36
N THR B 175 13.38 4.80 21.15
CA THR B 175 12.12 4.85 20.44
C THR B 175 11.44 3.47 20.36
N PHE B 176 10.12 3.47 20.43
CA PHE B 176 9.36 2.24 20.31
C PHE B 176 7.94 2.56 19.86
N MET B 177 7.36 1.67 19.07
CA MET B 177 5.99 1.87 18.64
C MET B 177 5.38 0.50 18.40
N MET B 178 4.09 0.39 18.72
CA MET B 178 3.36 -0.85 18.53
C MET B 178 1.99 -0.52 17.96
N TYR B 179 1.28 -1.56 17.52
CA TYR B 179 -0.03 -1.33 16.96
C TYR B 179 -1.15 -1.96 17.77
N LEU B 180 -2.25 -1.22 17.91
CA LEU B 180 -3.38 -1.72 18.67
C LEU B 180 -4.65 -1.72 17.83
N PRO B 181 -4.93 -2.83 17.14
CA PRO B 181 -6.16 -2.84 16.35
C PRO B 181 -7.30 -3.16 17.31
N ARG B 182 -8.45 -2.52 17.15
CA ARG B 182 -9.55 -2.81 18.04
C ARG B 182 -10.95 -2.61 17.45
N LEU B 183 -11.87 -3.38 18.01
CA LEU B 183 -13.26 -3.35 17.61
C LEU B 183 -14.06 -3.38 18.90
N CYS B 184 -15.31 -3.84 18.82
CA CYS B 184 -16.12 -3.92 20.03
C CYS B 184 -15.74 -5.21 20.75
N GLU B 185 -15.67 -5.13 22.08
CA GLU B 185 -15.29 -6.26 22.91
C GLU B 185 -16.37 -7.32 23.10
N HIS B 186 -17.62 -6.93 22.90
CA HIS B 186 -18.75 -7.84 23.07
C HIS B 186 -18.68 -8.49 24.46
N CYS B 187 -18.46 -7.62 25.43
CA CYS B 187 -18.33 -7.92 26.84
C CYS B 187 -19.39 -8.86 27.44
N LEU B 188 -19.03 -9.51 28.55
CA LEU B 188 -19.97 -10.39 29.25
C LEU B 188 -20.80 -9.52 30.20
N ASN B 189 -20.22 -8.37 30.57
CA ASN B 189 -20.90 -7.42 31.44
C ASN B 189 -20.78 -6.04 30.80
N PRO B 190 -21.28 -5.89 29.57
CA PRO B 190 -21.24 -4.63 28.82
C PRO B 190 -21.84 -3.42 29.52
N ALA B 191 -21.08 -2.34 29.56
CA ALA B 191 -21.55 -1.10 30.20
C ALA B 191 -22.60 -0.42 29.32
N CYS B 192 -22.46 -0.55 28.00
CA CYS B 192 -23.40 0.07 27.07
C CYS B 192 -24.81 -0.38 27.37
N VAL B 193 -25.00 -1.69 27.52
CA VAL B 193 -26.30 -2.25 27.79
C VAL B 193 -26.87 -1.72 29.08
N ALA B 194 -26.01 -1.54 30.07
CA ALA B 194 -26.44 -1.07 31.37
C ALA B 194 -26.74 0.42 31.35
N THR B 195 -26.22 1.12 30.35
CA THR B 195 -26.42 2.56 30.28
C THR B 195 -27.45 3.06 29.28
N CYS B 196 -28.12 2.15 28.58
CA CYS B 196 -29.14 2.56 27.61
C CYS B 196 -30.52 2.61 28.29
N PRO B 197 -31.08 3.83 28.44
CA PRO B 197 -32.38 4.06 29.07
C PRO B 197 -33.54 3.26 28.49
N SER B 198 -33.60 3.13 27.17
CA SER B 198 -34.69 2.41 26.52
C SER B 198 -34.50 0.89 26.42
N GLY B 199 -33.32 0.39 26.79
CA GLY B 199 -33.10 -1.04 26.73
C GLY B 199 -33.01 -1.57 25.31
N ALA B 200 -32.49 -0.74 24.42
CA ALA B 200 -32.36 -1.12 23.02
C ALA B 200 -31.13 -1.99 22.77
N ILE B 201 -30.16 -1.96 23.69
CA ILE B 201 -28.96 -2.76 23.50
C ILE B 201 -29.08 -4.07 24.24
N TYR B 202 -28.70 -5.17 23.58
CA TYR B 202 -28.79 -6.49 24.21
C TYR B 202 -27.66 -7.44 23.77
N LYS B 203 -27.46 -8.50 24.56
CA LYS B 203 -26.46 -9.50 24.23
C LYS B 203 -27.23 -10.71 23.71
N ARG B 204 -26.93 -11.16 22.50
CA ARG B 204 -27.63 -12.31 21.94
C ARG B 204 -27.28 -13.55 22.76
N GLU B 205 -28.29 -14.35 23.07
CA GLU B 205 -28.05 -15.54 23.88
C GLU B 205 -27.18 -16.63 23.28
N GLU B 206 -27.49 -17.02 22.04
CA GLU B 206 -26.74 -18.09 21.40
C GLU B 206 -25.28 -17.82 21.02
N ASP B 207 -24.88 -16.56 20.89
CA ASP B 207 -23.50 -16.32 20.51
C ASP B 207 -22.83 -15.14 21.18
N GLY B 208 -23.52 -14.54 22.15
CA GLY B 208 -22.96 -13.43 22.89
C GLY B 208 -22.61 -12.16 22.15
N ILE B 209 -23.07 -12.01 20.91
CA ILE B 209 -22.80 -10.79 20.18
C ILE B 209 -23.73 -9.71 20.74
N VAL B 210 -23.20 -8.52 21.00
CA VAL B 210 -23.98 -7.43 21.55
C VAL B 210 -24.44 -6.44 20.47
N LEU B 211 -25.74 -6.29 20.29
CA LEU B 211 -26.25 -5.39 19.26
C LEU B 211 -27.12 -4.26 19.78
N ILE B 212 -27.20 -3.20 18.98
CA ILE B 212 -28.06 -2.05 19.28
C ILE B 212 -29.24 -2.20 18.33
N ASP B 213 -30.40 -2.58 18.87
CA ASP B 213 -31.61 -2.76 18.06
C ASP B 213 -31.94 -1.46 17.35
N GLN B 214 -31.85 -1.46 16.02
CA GLN B 214 -32.14 -0.25 15.25
C GLN B 214 -33.59 0.18 15.25
N ASP B 215 -34.50 -0.72 15.62
CA ASP B 215 -35.91 -0.37 15.68
C ASP B 215 -36.14 0.35 17.01
N LYS B 216 -35.79 -0.35 18.10
CA LYS B 216 -35.98 0.15 19.46
C LYS B 216 -35.10 1.28 19.99
N CYS B 217 -33.92 1.47 19.43
CA CYS B 217 -33.06 2.55 19.90
C CYS B 217 -33.80 3.89 19.71
N ARG B 218 -33.72 4.76 20.70
CA ARG B 218 -34.40 6.05 20.64
C ARG B 218 -33.46 7.23 20.51
N GLY B 219 -32.16 6.95 20.42
CA GLY B 219 -31.20 8.03 20.30
C GLY B 219 -30.96 8.84 21.57
N TRP B 220 -31.02 8.18 22.73
CA TRP B 220 -30.77 8.86 24.01
C TRP B 220 -29.27 9.13 24.19
N ARG B 221 -28.47 8.55 23.28
CA ARG B 221 -27.01 8.69 23.28
C ARG B 221 -26.26 8.72 24.63
N MET B 222 -26.59 7.80 25.52
CA MET B 222 -25.90 7.70 26.81
C MET B 222 -24.91 6.53 26.70
N CYS B 223 -25.34 5.49 25.99
CA CYS B 223 -24.54 4.29 25.76
C CYS B 223 -23.12 4.66 25.31
N ILE B 224 -23.01 5.70 24.48
CA ILE B 224 -21.72 6.16 23.98
C ILE B 224 -20.76 6.47 25.12
N THR B 225 -21.25 7.21 26.11
CA THR B 225 -20.43 7.55 27.28
C THR B 225 -20.21 6.26 28.05
N GLY B 226 -21.27 5.46 28.14
CA GLY B 226 -21.19 4.20 28.85
C GLY B 226 -20.06 3.29 28.40
N CYS B 227 -19.86 3.15 27.10
CA CYS B 227 -18.80 2.28 26.61
C CYS B 227 -17.43 2.87 26.90
N PRO B 228 -16.63 2.18 27.73
CA PRO B 228 -15.31 2.66 28.09
C PRO B 228 -14.30 2.52 26.95
N TYR B 229 -14.65 1.73 25.93
CA TYR B 229 -13.76 1.55 24.79
C TYR B 229 -14.17 2.50 23.66
N LYS B 230 -15.23 3.25 23.92
CA LYS B 230 -15.75 4.20 22.95
C LYS B 230 -15.90 3.57 21.57
N LYS B 231 -16.52 2.40 21.53
CA LYS B 231 -16.74 1.68 20.28
C LYS B 231 -18.18 1.77 19.75
N ILE B 232 -18.99 2.61 20.39
CA ILE B 232 -20.34 2.84 19.93
C ILE B 232 -20.27 4.20 19.26
N TYR B 233 -20.76 4.30 18.04
CA TYR B 233 -20.72 5.55 17.31
C TYR B 233 -22.12 6.04 17.00
N PHE B 234 -22.34 7.32 17.23
CA PHE B 234 -23.61 7.92 16.96
C PHE B 234 -23.71 8.19 15.47
N ASN B 235 -24.81 7.79 14.86
CA ASN B 235 -25.06 8.00 13.45
C ASN B 235 -25.71 9.39 13.46
N TRP B 236 -24.92 10.43 13.21
CA TRP B 236 -25.44 11.79 13.27
C TRP B 236 -26.65 12.10 12.41
N LYS B 237 -26.89 11.26 11.41
CA LYS B 237 -28.02 11.47 10.50
C LYS B 237 -29.29 10.73 10.89
N SER B 238 -29.18 9.46 11.27
CA SER B 238 -30.33 8.67 11.65
C SER B 238 -30.77 8.97 13.08
N GLY B 239 -29.86 9.55 13.86
CA GLY B 239 -30.18 9.86 15.25
C GLY B 239 -30.05 8.68 16.19
N LYS B 240 -29.63 7.53 15.68
CA LYS B 240 -29.47 6.34 16.51
C LYS B 240 -27.99 5.95 16.58
N SER B 241 -27.63 5.11 17.55
CA SER B 241 -26.23 4.68 17.67
C SER B 241 -26.00 3.36 16.94
N GLU B 242 -24.77 3.16 16.49
CA GLU B 242 -24.41 1.92 15.80
C GLU B 242 -23.05 1.46 16.29
N LYS B 243 -22.77 0.19 16.13
CA LYS B 243 -21.51 -0.35 16.60
C LYS B 243 -21.19 -1.63 15.86
N CYS B 244 -19.97 -2.11 16.07
CA CYS B 244 -19.51 -3.34 15.47
C CYS B 244 -20.62 -4.35 15.76
N ILE B 245 -20.99 -5.13 14.76
CA ILE B 245 -22.05 -6.11 14.94
C ILE B 245 -21.46 -7.51 14.88
N PHE B 246 -20.15 -7.59 15.10
CA PHE B 246 -19.37 -8.82 15.05
C PHE B 246 -19.72 -9.65 13.84
N CYS B 247 -20.04 -8.97 12.75
CA CYS B 247 -20.39 -9.63 11.50
C CYS B 247 -21.32 -10.81 11.67
N TYR B 248 -22.31 -10.66 12.55
CA TYR B 248 -23.24 -11.74 12.79
C TYR B 248 -23.86 -12.40 11.57
N PRO B 249 -24.09 -11.65 10.48
CA PRO B 249 -24.67 -12.33 9.33
C PRO B 249 -23.76 -13.47 8.83
N ARG B 250 -22.45 -13.30 9.01
CA ARG B 250 -21.52 -14.33 8.57
C ARG B 250 -21.35 -15.38 9.65
N ILE B 251 -21.08 -14.92 10.88
CA ILE B 251 -20.89 -15.81 12.02
C ILE B 251 -22.01 -16.84 12.10
N GLU B 252 -23.23 -16.37 11.84
CA GLU B 252 -24.43 -17.19 11.87
C GLU B 252 -24.37 -18.48 11.04
N ALA B 253 -23.53 -18.50 10.01
CA ALA B 253 -23.41 -19.69 9.19
C ALA B 253 -22.04 -20.34 9.38
N GLY B 254 -21.23 -19.78 10.27
CA GLY B 254 -19.93 -20.37 10.53
C GLY B 254 -18.73 -19.69 9.90
N GLN B 255 -18.93 -18.51 9.31
CA GLN B 255 -17.83 -17.79 8.69
C GLN B 255 -17.14 -16.84 9.65
N PRO B 256 -15.88 -16.52 9.37
CA PRO B 256 -15.07 -15.60 10.18
C PRO B 256 -15.66 -14.21 9.99
N THR B 257 -15.28 -13.25 10.82
CA THR B 257 -15.78 -11.90 10.61
C THR B 257 -14.96 -11.33 9.45
N VAL B 258 -15.40 -10.21 8.88
CA VAL B 258 -14.65 -9.61 7.78
C VAL B 258 -13.25 -9.18 8.21
N CYS B 259 -13.13 -8.48 9.34
CA CYS B 259 -11.80 -8.06 9.82
C CYS B 259 -10.94 -9.27 10.23
N SER B 260 -11.57 -10.43 10.40
CA SER B 260 -10.81 -11.63 10.78
C SER B 260 -10.28 -12.34 9.55
N GLU B 261 -11.13 -12.52 8.56
CA GLU B 261 -10.73 -13.21 7.36
C GLU B 261 -9.83 -12.32 6.49
N THR B 262 -9.97 -11.01 6.64
CA THR B 262 -9.17 -10.08 5.84
C THR B 262 -7.88 -9.60 6.48
N CYS B 263 -7.60 -10.07 7.70
CA CYS B 263 -6.38 -9.67 8.41
C CYS B 263 -5.13 -10.18 7.68
N VAL B 264 -4.46 -9.28 6.97
CA VAL B 264 -3.26 -9.60 6.21
C VAL B 264 -2.17 -10.23 7.06
N GLY B 265 -2.07 -9.80 8.31
CA GLY B 265 -1.06 -10.33 9.20
C GLY B 265 -1.33 -11.72 9.75
N ARG B 266 -2.56 -12.21 9.58
CA ARG B 266 -2.92 -13.54 10.08
C ARG B 266 -2.70 -13.56 11.58
N ILE B 267 -3.24 -12.55 12.27
CA ILE B 267 -3.07 -12.42 13.70
C ILE B 267 -4.33 -12.64 14.51
N ARG B 268 -5.48 -12.68 13.83
CA ARG B 268 -6.74 -12.85 14.54
C ARG B 268 -7.19 -14.31 14.66
N TYR B 269 -7.64 -14.69 15.85
CA TYR B 269 -8.13 -16.03 16.10
C TYR B 269 -9.56 -16.01 16.61
N LEU B 270 -10.39 -16.85 16.02
CA LEU B 270 -11.80 -16.94 16.40
C LEU B 270 -12.11 -18.31 16.94
N GLY B 271 -12.65 -18.36 18.16
CA GLY B 271 -12.99 -19.62 18.76
C GLY B 271 -14.06 -19.48 19.85
N VAL B 272 -14.85 -20.52 20.04
CA VAL B 272 -15.90 -20.49 21.04
C VAL B 272 -15.32 -20.52 22.45
N LEU B 273 -16.08 -19.96 23.39
CA LEU B 273 -15.72 -19.93 24.80
C LEU B 273 -17.02 -20.15 25.54
N LEU B 274 -17.02 -21.08 26.48
CA LEU B 274 -18.21 -21.33 27.27
C LEU B 274 -18.07 -20.60 28.61
N TYR B 275 -19.10 -19.90 29.03
CA TYR B 275 -19.02 -19.18 30.29
C TYR B 275 -20.26 -19.32 31.18
N ASP B 276 -20.07 -19.15 32.49
CA ASP B 276 -21.18 -19.24 33.43
C ASP B 276 -21.81 -17.86 33.62
N ALA B 277 -22.89 -17.60 32.88
CA ALA B 277 -23.55 -16.31 32.98
C ALA B 277 -23.91 -15.93 34.41
N ASP B 278 -24.14 -16.94 35.26
CA ASP B 278 -24.50 -16.66 36.65
C ASP B 278 -23.33 -16.13 37.49
N ALA B 279 -22.11 -16.25 36.97
CA ALA B 279 -20.93 -15.78 37.68
C ALA B 279 -20.46 -14.38 37.26
N ILE B 280 -21.06 -13.85 36.20
CA ILE B 280 -20.70 -12.55 35.66
C ILE B 280 -20.59 -11.37 36.63
N GLU B 281 -21.65 -11.11 37.40
CA GLU B 281 -21.64 -10.00 38.34
C GLU B 281 -20.60 -10.23 39.42
N ARG B 282 -20.61 -11.43 39.97
CA ARG B 282 -19.67 -11.79 41.02
C ARG B 282 -18.23 -11.54 40.57
N ALA B 283 -17.90 -11.94 39.35
CA ALA B 283 -16.57 -11.78 38.81
C ALA B 283 -16.19 -10.33 38.53
N ALA B 284 -17.13 -9.57 37.98
CA ALA B 284 -16.88 -8.17 37.64
C ALA B 284 -16.91 -7.22 38.83
N SER B 285 -17.34 -7.71 39.99
CA SER B 285 -17.40 -6.90 41.20
C SER B 285 -16.30 -7.23 42.21
N THR B 286 -15.34 -8.05 41.78
CA THR B 286 -14.24 -8.42 42.68
C THR B 286 -13.56 -7.15 43.16
N GLU B 287 -13.20 -7.13 44.44
CA GLU B 287 -12.58 -5.96 45.06
C GLU B 287 -11.35 -5.40 44.37
N ASN B 288 -10.30 -6.19 44.23
CA ASN B 288 -9.07 -5.70 43.59
C ASN B 288 -9.14 -5.80 42.06
N GLU B 289 -8.93 -4.68 41.37
CA GLU B 289 -9.00 -4.70 39.90
C GLU B 289 -7.91 -5.55 39.24
N LYS B 290 -6.86 -5.89 40.00
CA LYS B 290 -5.81 -6.70 39.44
C LYS B 290 -6.23 -8.15 39.45
N ASP B 291 -7.47 -8.40 39.85
CA ASP B 291 -8.00 -9.75 39.90
C ASP B 291 -9.04 -10.03 38.81
N LEU B 292 -9.59 -8.97 38.21
CA LEU B 292 -10.60 -9.15 37.15
C LEU B 292 -10.14 -10.10 36.06
N TYR B 293 -8.87 -10.03 35.67
CA TYR B 293 -8.34 -10.93 34.64
C TYR B 293 -8.54 -12.39 35.05
N GLN B 294 -7.97 -12.76 36.18
CA GLN B 294 -8.09 -14.13 36.67
C GLN B 294 -9.53 -14.51 36.96
N ARG B 295 -10.30 -13.56 37.48
CA ARG B 295 -11.71 -13.80 37.81
C ARG B 295 -12.49 -14.11 36.54
N GLN B 296 -12.07 -13.53 35.42
CA GLN B 296 -12.77 -13.78 34.16
C GLN B 296 -12.40 -15.16 33.67
N LEU B 297 -11.12 -15.49 33.74
CA LEU B 297 -10.68 -16.82 33.34
C LEU B 297 -11.49 -17.87 34.09
N ASP B 298 -11.81 -17.58 35.36
CA ASP B 298 -12.57 -18.51 36.20
C ASP B 298 -14.03 -18.64 35.75
N VAL B 299 -14.50 -17.62 35.03
CA VAL B 299 -15.87 -17.61 34.53
C VAL B 299 -15.96 -18.46 33.26
N PHE B 300 -14.81 -18.74 32.65
CA PHE B 300 -14.77 -19.56 31.43
C PHE B 300 -14.79 -21.04 31.82
N LEU B 301 -15.42 -21.88 31.00
CA LEU B 301 -15.54 -23.30 31.31
C LEU B 301 -14.78 -24.23 30.37
N ASP B 302 -14.32 -25.35 30.94
CA ASP B 302 -13.55 -26.37 30.22
C ASP B 302 -14.47 -27.20 29.32
N PRO B 303 -14.33 -27.02 28.00
CA PRO B 303 -15.15 -27.73 27.00
C PRO B 303 -14.98 -29.26 26.93
N ASN B 304 -13.88 -29.79 27.45
CA ASN B 304 -13.68 -31.23 27.43
C ASN B 304 -14.12 -31.93 28.71
N ASP B 305 -14.62 -31.13 29.65
CA ASP B 305 -15.09 -31.65 30.93
C ASP B 305 -16.52 -32.14 30.74
N PRO B 306 -16.74 -33.45 30.94
CA PRO B 306 -18.09 -34.01 30.77
C PRO B 306 -19.15 -33.36 31.66
N LYS B 307 -18.72 -32.78 32.76
CA LYS B 307 -19.63 -32.10 33.68
C LYS B 307 -20.16 -30.84 32.98
N VAL B 308 -19.26 -30.18 32.26
CA VAL B 308 -19.59 -28.96 31.54
C VAL B 308 -20.36 -29.29 30.27
N ILE B 309 -19.95 -30.35 29.59
CA ILE B 309 -20.60 -30.79 28.37
C ILE B 309 -22.07 -31.10 28.61
N GLU B 310 -22.34 -31.86 29.68
CA GLU B 310 -23.71 -32.22 30.03
C GLU B 310 -24.54 -31.02 30.45
N GLN B 311 -23.91 -30.06 31.12
CA GLN B 311 -24.60 -28.85 31.56
C GLN B 311 -24.90 -27.96 30.35
N ALA B 312 -23.94 -27.90 29.42
CA ALA B 312 -24.12 -27.10 28.22
C ALA B 312 -25.32 -27.62 27.45
N ILE B 313 -25.38 -28.94 27.30
CA ILE B 313 -26.47 -29.56 26.58
C ILE B 313 -27.80 -29.29 27.26
N LYS B 314 -27.84 -29.46 28.57
CA LYS B 314 -29.04 -29.22 29.34
C LYS B 314 -29.44 -27.77 29.20
N ASP B 315 -28.46 -26.88 29.05
CA ASP B 315 -28.75 -25.45 28.93
C ASP B 315 -29.01 -24.93 27.51
N GLY B 316 -29.10 -25.83 26.53
CA GLY B 316 -29.39 -25.40 25.17
C GLY B 316 -28.28 -25.13 24.18
N ILE B 317 -27.03 -25.46 24.52
CA ILE B 317 -25.92 -25.24 23.61
C ILE B 317 -25.92 -26.31 22.54
N PRO B 318 -25.95 -25.89 21.25
CA PRO B 318 -25.94 -26.86 20.14
C PRO B 318 -24.74 -27.78 20.25
N LEU B 319 -24.87 -29.00 19.76
CA LEU B 319 -23.76 -29.95 19.81
C LEU B 319 -22.54 -29.47 19.00
N SER B 320 -22.78 -28.88 17.84
CA SER B 320 -21.68 -28.40 17.01
C SER B 320 -20.91 -27.30 17.73
N VAL B 321 -21.63 -26.52 18.54
CA VAL B 321 -21.00 -25.43 19.28
C VAL B 321 -20.08 -25.98 20.35
N ILE B 322 -20.55 -27.01 21.06
CA ILE B 322 -19.75 -27.61 22.11
C ILE B 322 -18.48 -28.21 21.49
N GLU B 323 -18.62 -28.83 20.33
CA GLU B 323 -17.49 -29.43 19.61
C GLU B 323 -16.48 -28.36 19.18
N ALA B 324 -16.98 -27.26 18.64
CA ALA B 324 -16.13 -26.17 18.21
C ALA B 324 -15.39 -25.64 19.43
N ALA B 325 -16.08 -25.59 20.56
CA ALA B 325 -15.46 -25.10 21.79
C ALA B 325 -14.29 -25.97 22.21
N GLN B 326 -14.38 -27.27 21.95
CA GLN B 326 -13.34 -28.22 22.33
C GLN B 326 -12.07 -28.14 21.50
N GLN B 327 -12.11 -27.41 20.40
CA GLN B 327 -10.93 -27.25 19.54
C GLN B 327 -10.74 -25.76 19.27
N SER B 328 -11.15 -24.96 20.24
CA SER B 328 -11.08 -23.50 20.19
C SER B 328 -9.68 -22.90 20.40
N PRO B 329 -9.16 -22.20 19.37
CA PRO B 329 -7.83 -21.58 19.51
C PRO B 329 -7.87 -20.48 20.57
N VAL B 330 -9.01 -19.83 20.73
CA VAL B 330 -9.15 -18.77 21.73
C VAL B 330 -8.98 -19.32 23.13
N TYR B 331 -9.53 -20.52 23.35
CA TYR B 331 -9.41 -21.13 24.66
C TYR B 331 -7.97 -21.56 24.92
N LYS B 332 -7.28 -22.00 23.88
CA LYS B 332 -5.90 -22.44 24.04
C LYS B 332 -4.96 -21.29 24.38
N MET B 333 -5.26 -20.10 23.88
CA MET B 333 -4.40 -18.96 24.15
C MET B 333 -4.75 -18.23 25.44
N ALA B 334 -6.01 -18.29 25.85
CA ALA B 334 -6.41 -17.61 27.08
C ALA B 334 -6.32 -18.51 28.32
N MET B 335 -6.76 -19.76 28.18
CA MET B 335 -6.76 -20.71 29.30
C MET B 335 -5.53 -21.59 29.47
N GLU B 336 -5.09 -22.26 28.41
CA GLU B 336 -3.95 -23.16 28.51
C GLU B 336 -2.57 -22.51 28.50
N TRP B 337 -2.25 -21.83 27.41
CA TRP B 337 -0.95 -21.22 27.26
C TRP B 337 -0.80 -19.89 27.98
N LYS B 338 -1.92 -19.28 28.34
CA LYS B 338 -1.92 -17.98 29.02
C LYS B 338 -1.15 -16.91 28.23
N LEU B 339 -1.31 -16.95 26.90
CA LEU B 339 -0.64 -15.98 26.01
C LEU B 339 -1.52 -14.77 25.75
N ALA B 340 -2.83 -14.97 25.75
CA ALA B 340 -3.79 -13.91 25.49
C ALA B 340 -4.29 -13.26 26.78
N LEU B 341 -4.37 -11.94 26.77
CA LEU B 341 -4.83 -11.18 27.92
C LEU B 341 -5.94 -10.24 27.47
N PRO B 342 -6.82 -9.83 28.39
CA PRO B 342 -7.93 -8.93 28.06
C PRO B 342 -7.47 -7.49 27.86
N LEU B 343 -8.31 -6.69 27.22
CA LEU B 343 -7.98 -5.29 27.02
C LEU B 343 -8.64 -4.51 28.15
N HIS B 344 -7.82 -3.78 28.90
CA HIS B 344 -8.31 -2.98 30.02
C HIS B 344 -9.34 -3.68 30.92
N PRO B 345 -8.95 -4.81 31.53
CA PRO B 345 -9.90 -5.51 32.38
C PRO B 345 -10.48 -4.66 33.52
N GLU B 346 -9.79 -3.57 33.87
CA GLU B 346 -10.26 -2.71 34.96
C GLU B 346 -11.57 -1.98 34.70
N TYR B 347 -12.07 -2.03 33.49
CA TYR B 347 -13.34 -1.34 33.20
C TYR B 347 -14.47 -2.20 33.74
N ARG B 348 -14.11 -3.42 34.13
CA ARG B 348 -15.04 -4.37 34.72
C ARG B 348 -16.15 -4.83 33.79
N THR B 349 -15.88 -4.86 32.49
CA THR B 349 -16.89 -5.30 31.54
C THR B 349 -16.73 -6.75 31.09
N LEU B 350 -15.62 -7.37 31.47
CA LEU B 350 -15.32 -8.75 31.07
C LEU B 350 -15.28 -8.78 29.54
N PRO B 351 -14.26 -8.13 28.96
CA PRO B 351 -14.07 -8.06 27.51
C PRO B 351 -13.88 -9.44 26.91
N MET B 352 -14.46 -9.66 25.73
CA MET B 352 -14.35 -10.96 25.08
C MET B 352 -13.44 -10.92 23.85
N VAL B 353 -12.66 -9.86 23.72
CA VAL B 353 -11.71 -9.75 22.62
C VAL B 353 -10.36 -9.55 23.30
N TRP B 354 -9.53 -10.59 23.30
CA TRP B 354 -8.23 -10.53 23.97
C TRP B 354 -7.03 -10.34 23.05
N TYR B 355 -5.88 -10.05 23.67
CA TYR B 355 -4.65 -9.77 22.96
C TYR B 355 -3.40 -10.48 23.47
N VAL B 356 -2.49 -10.77 22.55
CA VAL B 356 -1.21 -11.37 22.91
C VAL B 356 -0.27 -10.16 22.80
N PRO B 357 0.47 -9.83 23.89
CA PRO B 357 1.36 -8.67 23.81
C PRO B 357 2.42 -8.87 22.72
N PRO B 358 3.03 -7.78 22.27
CA PRO B 358 4.02 -7.95 21.22
C PRO B 358 5.45 -8.02 21.73
N LEU B 359 6.33 -8.63 20.93
CA LEU B 359 7.73 -8.67 21.27
C LEU B 359 8.21 -7.35 20.65
N SER B 360 9.51 -7.06 20.76
CA SER B 360 10.08 -5.85 20.21
C SER B 360 11.60 -6.00 20.19
N PRO B 361 12.31 -5.17 19.42
CA PRO B 361 13.78 -5.28 19.38
C PRO B 361 14.34 -5.07 20.79
N ILE B 362 15.54 -5.59 21.05
CA ILE B 362 16.12 -5.41 22.38
C ILE B 362 16.42 -3.94 22.62
N GLN B 363 16.57 -3.56 23.87
CA GLN B 363 16.83 -2.17 24.20
C GLN B 363 18.27 -1.78 23.91
N SER B 364 18.55 -0.48 23.97
CA SER B 364 19.89 0.02 23.72
C SER B 364 20.79 -0.26 24.93
N ALA B 365 21.96 -0.83 24.68
CA ALA B 365 22.89 -1.13 25.77
C ALA B 365 24.28 -0.59 25.45
N ALA B 366 25.19 -0.69 26.42
CA ALA B 366 26.55 -0.19 26.24
C ALA B 366 27.27 -0.92 25.10
N ASP B 367 27.15 -2.24 25.05
CA ASP B 367 27.83 -2.99 24.00
C ASP B 367 26.89 -3.92 23.23
N ALA B 368 27.45 -4.59 22.23
CA ALA B 368 26.71 -5.52 21.37
C ALA B 368 25.90 -6.52 22.19
N GLY B 369 26.16 -6.59 23.48
CA GLY B 369 25.43 -7.49 24.36
C GLY B 369 26.02 -8.88 24.49
N GLU B 370 25.33 -9.70 25.29
CA GLU B 370 25.77 -11.07 25.53
C GLU B 370 24.65 -12.08 25.36
N LEU B 371 25.04 -13.35 25.23
CA LEU B 371 24.09 -14.43 25.10
C LEU B 371 23.39 -14.59 26.44
N GLY B 372 22.07 -14.47 26.44
CA GLY B 372 21.31 -14.62 27.66
C GLY B 372 20.89 -16.07 27.75
N SER B 373 19.82 -16.35 28.48
CA SER B 373 19.35 -17.73 28.61
C SER B 373 18.81 -18.28 27.30
N ASN B 374 18.57 -17.40 26.32
CA ASN B 374 18.05 -17.85 25.04
C ASN B 374 19.03 -17.74 23.88
N GLY B 375 20.32 -17.72 24.21
CA GLY B 375 21.36 -17.64 23.20
C GLY B 375 21.38 -16.32 22.45
N ILE B 376 21.30 -16.40 21.12
CA ILE B 376 21.32 -15.20 20.28
C ILE B 376 19.96 -14.49 20.30
N LEU B 377 18.91 -15.23 20.67
CA LEU B 377 17.56 -14.69 20.74
C LEU B 377 17.40 -13.85 22.01
N PRO B 378 16.40 -12.98 22.05
CA PRO B 378 16.21 -12.14 23.23
C PRO B 378 15.68 -12.80 24.49
N ASP B 379 16.01 -12.18 25.62
CA ASP B 379 15.54 -12.61 26.92
C ASP B 379 14.43 -11.59 27.16
N VAL B 380 13.47 -11.94 28.00
CA VAL B 380 12.36 -11.04 28.25
C VAL B 380 12.79 -9.68 28.84
N GLU B 381 13.86 -9.64 29.63
CA GLU B 381 14.33 -8.39 30.24
C GLU B 381 14.91 -7.38 29.25
N SER B 382 15.33 -7.85 28.09
CA SER B 382 15.93 -6.97 27.10
C SER B 382 14.96 -6.29 26.13
N LEU B 383 13.69 -6.67 26.16
CA LEU B 383 12.74 -6.05 25.24
C LEU B 383 12.61 -4.54 25.50
N ARG B 384 12.57 -3.75 24.43
CA ARG B 384 12.50 -2.30 24.57
C ARG B 384 11.13 -1.73 24.93
N ILE B 385 10.05 -2.41 24.56
CA ILE B 385 8.74 -1.90 24.93
C ILE B 385 8.61 -2.12 26.44
N PRO B 386 8.51 -1.04 27.22
CA PRO B 386 8.39 -1.18 28.67
C PRO B 386 7.22 -2.07 29.05
N VAL B 387 7.51 -3.18 29.71
CA VAL B 387 6.46 -4.11 30.12
C VAL B 387 5.37 -3.42 30.96
N GLN B 388 5.74 -2.43 31.76
CA GLN B 388 4.75 -1.74 32.58
C GLN B 388 3.69 -1.09 31.69
N TYR B 389 4.12 -0.62 30.52
CA TYR B 389 3.20 0.01 29.59
C TYR B 389 2.17 -1.03 29.14
N LEU B 390 2.67 -2.18 28.70
CA LEU B 390 1.81 -3.25 28.26
C LEU B 390 0.85 -3.67 29.36
N ALA B 391 1.34 -3.70 30.60
CA ALA B 391 0.50 -4.08 31.74
C ALA B 391 -0.64 -3.07 31.96
N ASN B 392 -0.36 -1.78 31.85
CA ASN B 392 -1.43 -0.80 32.05
C ASN B 392 -2.53 -1.02 31.00
N LEU B 393 -2.12 -1.56 29.85
CA LEU B 393 -3.01 -1.81 28.74
C LEU B 393 -3.81 -3.10 28.83
N LEU B 394 -3.16 -4.18 29.25
CA LEU B 394 -3.80 -5.48 29.31
C LEU B 394 -4.07 -6.11 30.68
N THR B 395 -3.35 -5.69 31.70
CA THR B 395 -3.55 -6.32 33.00
C THR B 395 -3.75 -5.44 34.23
N ALA B 396 -4.32 -4.25 34.03
CA ALA B 396 -4.57 -3.35 35.15
C ALA B 396 -3.29 -2.92 35.90
N GLY B 397 -2.15 -2.96 35.22
CA GLY B 397 -0.91 -2.55 35.85
C GLY B 397 -0.04 -3.68 36.41
N ASP B 398 -0.55 -4.90 36.37
CA ASP B 398 0.19 -6.05 36.88
C ASP B 398 1.04 -6.63 35.76
N THR B 399 2.36 -6.62 35.95
CA THR B 399 3.29 -7.09 34.93
C THR B 399 3.54 -8.59 34.88
N LYS B 400 3.09 -9.31 35.88
CA LYS B 400 3.30 -10.74 35.95
C LYS B 400 2.76 -11.54 34.74
N PRO B 401 1.46 -11.39 34.42
CA PRO B 401 0.93 -12.13 33.27
C PRO B 401 1.47 -11.69 31.91
N VAL B 402 1.93 -10.45 31.81
CA VAL B 402 2.49 -9.96 30.56
C VAL B 402 3.87 -10.59 30.34
N LEU B 403 4.70 -10.56 31.39
CA LEU B 403 6.03 -11.15 31.34
C LEU B 403 5.91 -12.62 31.02
N ARG B 404 4.95 -13.29 31.68
CA ARG B 404 4.73 -14.73 31.46
C ARG B 404 4.41 -15.05 30.00
N ALA B 405 3.57 -14.24 29.38
CA ALA B 405 3.22 -14.45 27.98
C ALA B 405 4.44 -14.19 27.09
N LEU B 406 5.09 -13.05 27.30
CA LEU B 406 6.25 -12.70 26.52
C LEU B 406 7.34 -13.76 26.69
N LYS B 407 7.60 -14.13 27.94
CA LYS B 407 8.64 -15.12 28.21
C LYS B 407 8.35 -16.42 27.48
N ARG B 408 7.11 -16.90 27.54
CA ARG B 408 6.75 -18.14 26.87
C ARG B 408 6.92 -18.07 25.36
N MET B 409 6.56 -16.92 24.77
CA MET B 409 6.72 -16.72 23.33
C MET B 409 8.19 -16.87 22.96
N LEU B 410 9.06 -16.25 23.77
CA LEU B 410 10.50 -16.31 23.51
C LEU B 410 11.01 -17.73 23.76
N ALA B 411 10.41 -18.40 24.74
CA ALA B 411 10.79 -19.76 25.06
C ALA B 411 10.54 -20.63 23.84
N MET B 412 9.33 -20.51 23.27
CA MET B 412 8.97 -21.28 22.08
C MET B 412 10.05 -21.07 21.03
N ARG B 413 10.41 -19.81 20.80
CA ARG B 413 11.43 -19.49 19.82
C ARG B 413 12.73 -20.22 20.13
N HIS B 414 13.16 -20.15 21.39
CA HIS B 414 14.40 -20.80 21.79
C HIS B 414 14.39 -22.29 21.50
N TYR B 415 13.27 -22.95 21.80
CA TYR B 415 13.12 -24.38 21.57
C TYR B 415 13.14 -24.72 20.09
N LYS B 416 12.38 -23.97 19.30
CA LYS B 416 12.32 -24.22 17.86
C LYS B 416 13.67 -24.03 17.16
N ARG B 417 14.46 -23.07 17.61
CA ARG B 417 15.75 -22.84 16.97
C ARG B 417 16.67 -24.01 17.25
N ALA B 418 16.60 -24.52 18.48
CA ALA B 418 17.43 -25.66 18.85
C ALA B 418 17.09 -26.79 17.88
N GLU B 419 15.79 -27.00 17.68
CA GLU B 419 15.29 -28.05 16.81
C GLU B 419 15.63 -27.87 15.33
N THR B 420 15.45 -26.67 14.80
CA THR B 420 15.69 -26.44 13.38
C THR B 420 17.10 -26.03 12.94
N VAL B 421 17.87 -25.42 13.82
CA VAL B 421 19.22 -25.02 13.46
C VAL B 421 20.23 -26.02 13.98
N ASP B 422 20.18 -26.28 15.28
CA ASP B 422 21.11 -27.21 15.91
C ASP B 422 20.68 -28.66 15.76
N GLY B 423 19.41 -28.88 15.44
CA GLY B 423 18.92 -30.22 15.28
C GLY B 423 18.98 -30.96 16.60
N LYS B 424 18.72 -30.24 17.68
CA LYS B 424 18.75 -30.84 19.01
C LYS B 424 17.49 -30.50 19.81
N VAL B 425 17.29 -31.25 20.88
CA VAL B 425 16.16 -31.03 21.76
C VAL B 425 16.71 -30.25 22.96
N ASP B 426 16.17 -29.06 23.19
CA ASP B 426 16.61 -28.20 24.29
C ASP B 426 15.35 -27.56 24.87
N THR B 427 14.91 -28.10 26.00
CA THR B 427 13.70 -27.64 26.66
C THR B 427 13.99 -26.73 27.83
N ARG B 428 15.24 -26.31 27.96
CA ARG B 428 15.65 -25.44 29.04
C ARG B 428 14.73 -24.23 29.19
N ALA B 429 14.47 -23.53 28.08
CA ALA B 429 13.60 -22.36 28.13
C ALA B 429 12.16 -22.72 28.45
N LEU B 430 11.69 -23.82 27.89
CA LEU B 430 10.31 -24.25 28.12
C LEU B 430 10.05 -24.52 29.59
N GLU B 431 10.91 -25.34 30.19
CA GLU B 431 10.78 -25.71 31.59
C GLU B 431 10.81 -24.47 32.47
N GLU B 432 11.64 -23.51 32.08
CA GLU B 432 11.77 -22.29 32.84
C GLU B 432 10.44 -21.54 32.95
N VAL B 433 9.65 -21.58 31.87
CA VAL B 433 8.35 -20.92 31.85
C VAL B 433 7.19 -21.88 32.05
N GLY B 434 7.50 -23.14 32.38
CA GLY B 434 6.44 -24.10 32.62
C GLY B 434 5.68 -24.66 31.42
N LEU B 435 6.34 -24.76 30.27
CA LEU B 435 5.69 -25.32 29.09
C LEU B 435 6.33 -26.67 28.79
N THR B 436 5.55 -27.56 28.18
CA THR B 436 6.04 -28.89 27.83
C THR B 436 6.38 -28.84 26.35
N GLU B 437 7.03 -29.88 25.85
CA GLU B 437 7.35 -29.89 24.43
C GLU B 437 6.06 -29.88 23.63
N ALA B 438 5.12 -30.73 24.00
CA ALA B 438 3.85 -30.81 23.29
C ALA B 438 3.14 -29.46 23.25
N GLN B 439 3.10 -28.75 24.38
CA GLN B 439 2.46 -27.45 24.41
C GLN B 439 3.16 -26.46 23.47
N ALA B 440 4.49 -26.53 23.43
CA ALA B 440 5.26 -25.62 22.57
C ALA B 440 5.03 -25.94 21.10
N GLN B 441 5.02 -27.22 20.76
CA GLN B 441 4.78 -27.62 19.37
C GLN B 441 3.39 -27.18 18.94
N GLU B 442 2.42 -27.23 19.85
CA GLU B 442 1.06 -26.83 19.53
C GLU B 442 0.98 -25.30 19.38
N MET B 443 1.68 -24.60 20.27
CA MET B 443 1.74 -23.15 20.20
C MET B 443 2.27 -22.77 18.83
N TYR B 444 3.31 -23.47 18.39
CA TYR B 444 3.93 -23.22 17.09
C TYR B 444 2.97 -23.48 15.93
N ARG B 445 2.18 -24.55 16.03
CA ARG B 445 1.22 -24.89 14.98
C ARG B 445 0.24 -23.74 14.74
N TYR B 446 -0.38 -23.26 15.81
CA TYR B 446 -1.37 -22.18 15.74
C TYR B 446 -0.84 -20.78 15.47
N LEU B 447 0.28 -20.43 16.08
CA LEU B 447 0.88 -19.12 15.94
C LEU B 447 1.75 -18.95 14.70
N ALA B 448 2.59 -19.93 14.41
CA ALA B 448 3.48 -19.84 13.26
C ALA B 448 2.85 -20.30 11.94
N ILE B 449 2.51 -21.59 11.82
CA ILE B 449 1.91 -22.10 10.58
C ILE B 449 0.54 -21.46 10.34
N ALA B 450 -0.24 -21.35 11.41
CA ALA B 450 -1.56 -20.74 11.38
C ALA B 450 -2.47 -21.04 10.18
N ASN B 451 -2.73 -22.33 9.95
CA ASN B 451 -3.61 -22.73 8.86
C ASN B 451 -4.96 -22.09 9.06
N TYR B 452 -5.58 -21.72 7.95
CA TYR B 452 -6.89 -21.08 7.98
C TYR B 452 -7.86 -21.78 8.91
N GLU B 453 -7.93 -23.10 8.82
CA GLU B 453 -8.82 -23.90 9.65
C GLU B 453 -8.48 -23.88 11.12
N ASP B 454 -7.27 -23.44 11.46
CA ASP B 454 -6.87 -23.38 12.86
C ASP B 454 -7.07 -21.98 13.45
N ARG B 455 -7.08 -20.95 12.61
CA ARG B 455 -7.28 -19.60 13.10
C ARG B 455 -8.76 -19.31 13.34
N PHE B 456 -9.61 -19.84 12.46
CA PHE B 456 -11.05 -19.62 12.59
C PHE B 456 -11.81 -20.93 12.81
N VAL B 457 -12.37 -21.09 13.99
CA VAL B 457 -13.15 -22.27 14.29
C VAL B 457 -14.50 -21.73 14.77
N VAL B 458 -15.31 -21.29 13.81
CA VAL B 458 -16.61 -20.72 14.09
C VAL B 458 -17.75 -21.68 13.82
N PRO B 459 -18.55 -21.99 14.85
CA PRO B 459 -19.68 -22.90 14.68
C PRO B 459 -20.89 -22.12 14.15
N SER B 460 -21.92 -22.83 13.72
CA SER B 460 -23.12 -22.15 13.23
C SER B 460 -23.92 -21.59 14.40
N SER B 461 -24.64 -20.49 14.18
CA SER B 461 -25.47 -19.93 15.23
C SER B 461 -26.81 -20.66 15.24
N HIS B 462 -26.95 -21.60 14.30
CA HIS B 462 -28.15 -22.43 14.19
C HIS B 462 -29.44 -21.62 14.15
N ARG B 463 -29.61 -20.80 13.11
CA ARG B 463 -30.80 -19.99 13.00
C ARG B 463 -32.08 -20.82 12.87
N GLU B 464 -31.95 -22.14 12.84
CA GLU B 464 -33.11 -23.01 12.72
C GLU B 464 -33.75 -23.40 14.05
N LEU B 465 -32.99 -23.33 15.13
CA LEU B 465 -33.53 -23.69 16.44
C LEU B 465 -34.50 -22.63 16.99
N ALA B 466 -35.62 -23.11 17.54
CA ALA B 466 -36.64 -22.24 18.14
C ALA B 466 -37.31 -21.27 17.16
N ARG B 467 -37.08 -21.48 15.88
CA ARG B 467 -37.65 -20.62 14.85
C ARG B 467 -38.20 -21.51 13.75
N GLU B 468 -38.61 -20.94 12.62
CA GLU B 468 -39.14 -21.75 11.53
C GLU B 468 -38.39 -21.47 10.23
N ALA B 469 -37.25 -22.13 10.09
CA ALA B 469 -36.39 -21.94 8.93
C ALA B 469 -37.00 -22.25 7.56
N PHE B 470 -37.94 -23.19 7.51
CA PHE B 470 -38.53 -23.55 6.22
C PHE B 470 -39.26 -22.40 5.54
N PRO B 471 -40.28 -21.82 6.20
CA PRO B 471 -40.96 -20.70 5.52
C PRO B 471 -40.00 -19.52 5.31
N GLU B 472 -38.97 -19.42 6.14
CA GLU B 472 -37.99 -18.34 5.97
C GLU B 472 -37.16 -18.60 4.70
N LYS B 473 -36.71 -19.84 4.53
CA LYS B 473 -35.94 -20.20 3.36
C LYS B 473 -36.71 -19.81 2.09
N ASN B 474 -37.99 -20.17 2.07
CA ASN B 474 -38.85 -19.91 0.91
C ASN B 474 -39.21 -18.45 0.65
N GLY B 475 -39.34 -17.65 1.70
CA GLY B 475 -39.76 -16.27 1.48
C GLY B 475 -38.91 -15.09 1.89
N CYS B 476 -37.77 -15.31 2.55
CA CYS B 476 -36.94 -14.17 2.95
C CYS B 476 -36.35 -13.44 1.74
N GLY B 477 -36.19 -12.13 1.85
CA GLY B 477 -35.61 -11.36 0.75
C GLY B 477 -36.59 -10.61 -0.14
N PHE B 478 -37.82 -11.10 -0.26
CA PHE B 478 -38.83 -10.42 -1.06
C PHE B 478 -39.30 -9.22 -0.24
N THR B 479 -38.58 -8.11 -0.37
CA THR B 479 -38.86 -6.91 0.40
C THR B 479 -39.88 -5.97 -0.24
N PHE B 480 -41.07 -6.47 -0.51
CA PHE B 480 -42.11 -5.66 -1.12
C PHE B 480 -42.73 -4.69 -0.14
N GLY B 481 -42.50 -4.91 1.16
CA GLY B 481 -43.03 -4.05 2.20
C GLY B 481 -44.38 -4.53 2.71
N ASP B 482 -44.41 -5.72 3.33
CA ASP B 482 -45.67 -6.24 3.84
C ASP B 482 -46.12 -5.68 5.20
N GLY B 483 -45.22 -4.93 5.85
CA GLY B 483 -45.53 -4.31 7.13
C GLY B 483 -45.82 -5.20 8.32
N CYS B 484 -45.58 -6.49 8.18
CA CYS B 484 -45.82 -7.43 9.26
C CYS B 484 -44.56 -7.97 9.89
N HIS B 485 -43.41 -7.45 9.49
CA HIS B 485 -42.14 -7.90 10.06
C HIS B 485 -41.86 -7.15 11.35
N GLY B 486 -41.24 -7.85 12.31
CA GLY B 486 -40.87 -7.17 13.54
C GLY B 486 -41.81 -7.20 14.73
N SER B 487 -42.92 -7.91 14.63
CA SER B 487 -43.84 -8.01 15.75
C SER B 487 -44.37 -9.42 15.89
N ASP B 488 -44.81 -9.77 17.09
CA ASP B 488 -45.32 -11.10 17.35
C ASP B 488 -46.83 -11.18 17.17
N THR B 489 -47.52 -10.06 17.38
CA THR B 489 -48.97 -10.01 17.19
C THR B 489 -49.19 -9.97 15.67
N LYS B 490 -50.16 -10.73 15.18
CA LYS B 490 -50.45 -10.76 13.74
C LYS B 490 -51.25 -9.56 13.27
N PHE B 491 -52.09 -9.02 14.14
CA PHE B 491 -52.89 -7.89 13.75
C PHE B 491 -52.04 -6.71 13.31
N ASN B 492 -52.43 -6.10 12.19
CA ASN B 492 -51.73 -4.93 11.65
C ASN B 492 -52.74 -3.99 10.99
N LEU B 493 -52.56 -2.68 11.18
CA LEU B 493 -53.48 -1.70 10.62
C LEU B 493 -53.66 -1.72 9.11
N PHE B 494 -52.65 -2.17 8.36
CA PHE B 494 -52.77 -2.21 6.90
C PHE B 494 -53.42 -3.48 6.36
N ASN B 495 -53.95 -4.31 7.25
CA ASN B 495 -54.66 -5.52 6.85
C ASN B 495 -53.83 -6.37 5.88
N SER B 496 -52.62 -6.73 6.29
CA SER B 496 -51.70 -7.51 5.49
C SER B 496 -51.20 -8.76 6.24
N ARG B 497 -50.37 -9.55 5.56
CA ARG B 497 -49.80 -10.78 6.14
C ARG B 497 -48.33 -10.90 5.74
N ARG B 498 -47.56 -11.64 6.54
CA ARG B 498 -46.14 -11.84 6.25
C ARG B 498 -45.94 -12.65 4.98
N ILE B 499 -45.03 -12.16 4.15
CA ILE B 499 -44.70 -12.82 2.89
C ILE B 499 -43.97 -14.14 3.14
N ASP B 500 -43.12 -14.17 4.17
CA ASP B 500 -42.34 -15.37 4.49
C ASP B 500 -42.99 -16.24 5.58
N ALA B 501 -44.31 -16.27 5.61
CA ALA B 501 -45.01 -17.07 6.61
C ALA B 501 -46.19 -17.80 6.00
N ILE B 502 -46.66 -18.83 6.70
CA ILE B 502 -47.81 -19.61 6.24
C ILE B 502 -49.04 -19.19 7.05
N ASP B 503 -50.02 -18.60 6.39
CA ASP B 503 -51.21 -18.18 7.11
C ASP B 503 -52.41 -19.10 6.92
N VAL B 504 -52.29 -20.04 5.99
CA VAL B 504 -53.36 -21.01 5.81
C VAL B 504 -52.96 -22.19 6.70
N THR B 505 -53.58 -22.25 7.88
CA THR B 505 -53.31 -23.30 8.87
C THR B 505 -53.81 -24.67 8.47
N SER B 506 -53.04 -25.67 8.87
CA SER B 506 -53.38 -27.06 8.60
C SER B 506 -54.59 -27.42 9.45
N LYS B 507 -55.55 -28.11 8.85
CA LYS B 507 -56.74 -28.52 9.58
C LYS B 507 -56.66 -30.01 9.89
N THR B 508 -55.51 -30.62 9.58
CA THR B 508 -55.31 -32.04 9.82
C THR B 508 -54.44 -32.22 11.06
N GLU B 509 -54.42 -31.17 11.86
CA GLU B 509 -53.67 -31.09 13.13
C GLU B 509 -52.29 -30.46 12.95
N FME C 1 -67.21 35.13 12.84
CN FME C 1 -66.97 34.44 11.74
O1 FME C 1 -67.47 33.32 11.58
CA FME C 1 -66.54 35.03 14.10
CB FME C 1 -66.61 36.26 14.93
CG FME C 1 -65.16 36.64 15.50
SD FME C 1 -64.10 37.23 14.16
CE FME C 1 -63.96 38.98 14.56
C FME C 1 -67.06 33.81 14.88
O FME C 1 -66.29 33.01 15.38
N GLN C 2 -68.40 33.66 14.94
CA GLN C 2 -69.01 32.55 15.65
C GLN C 2 -68.68 31.24 14.93
N PHE C 3 -68.57 31.32 13.60
CA PHE C 3 -68.24 30.15 12.79
C PHE C 3 -66.82 29.72 13.11
N LEU C 4 -65.88 30.66 13.03
CA LEU C 4 -64.47 30.37 13.32
C LEU C 4 -64.31 29.95 14.77
N ASN C 5 -65.26 30.35 15.62
CA ASN C 5 -65.22 30.01 17.02
C ASN C 5 -65.52 28.53 17.25
N MET C 6 -66.59 28.05 16.62
CA MET C 6 -66.98 26.66 16.77
C MET C 6 -65.99 25.73 16.07
N PHE C 7 -65.42 26.19 14.96
CA PHE C 7 -64.46 25.37 14.24
C PHE C 7 -63.22 25.14 15.10
N PHE C 8 -62.57 26.23 15.51
CA PHE C 8 -61.37 26.15 16.31
C PHE C 8 -61.47 25.52 17.70
N PHE C 9 -62.64 25.58 18.33
CA PHE C 9 -62.76 25.05 19.69
C PHE C 9 -63.77 23.95 19.91
N ASP C 10 -64.42 23.51 18.83
CA ASP C 10 -65.40 22.43 18.90
C ASP C 10 -65.03 21.31 17.93
N ILE C 11 -64.54 21.70 16.75
CA ILE C 11 -64.17 20.74 15.71
C ILE C 11 -62.67 20.45 15.65
N TYR C 12 -61.88 21.47 15.35
CA TYR C 12 -60.43 21.36 15.24
C TYR C 12 -59.81 20.50 16.34
N PRO C 13 -60.13 20.78 17.61
CA PRO C 13 -59.53 19.98 18.70
C PRO C 13 -59.68 18.48 18.51
N TYR C 14 -60.73 18.06 17.82
CA TYR C 14 -60.93 16.63 17.61
C TYR C 14 -60.21 16.14 16.37
N ILE C 15 -59.91 17.04 15.46
CA ILE C 15 -59.20 16.66 14.26
C ILE C 15 -57.75 16.43 14.68
N ALA C 16 -57.21 17.42 15.39
CA ALA C 16 -55.83 17.35 15.87
C ALA C 16 -55.61 16.16 16.81
N GLY C 17 -56.65 15.80 17.56
CA GLY C 17 -56.53 14.69 18.49
C GLY C 17 -56.58 13.34 17.80
N ALA C 18 -57.32 13.25 16.70
CA ALA C 18 -57.41 12.01 15.97
C ALA C 18 -56.10 11.81 15.20
N VAL C 19 -55.60 12.90 14.62
CA VAL C 19 -54.35 12.85 13.87
C VAL C 19 -53.18 12.56 14.80
N PHE C 20 -53.23 13.12 16.00
CA PHE C 20 -52.19 12.92 17.00
C PHE C 20 -52.09 11.46 17.42
N LEU C 21 -53.23 10.85 17.75
CA LEU C 21 -53.25 9.47 18.18
C LEU C 21 -53.01 8.46 17.07
N ILE C 22 -53.76 8.55 15.99
CA ILE C 22 -53.60 7.59 14.90
C ILE C 22 -52.29 7.81 14.18
N GLY C 23 -51.80 9.04 14.22
CA GLY C 23 -50.54 9.34 13.57
C GLY C 23 -49.41 8.74 14.37
N SER C 24 -49.51 8.80 15.69
CA SER C 24 -48.48 8.24 16.55
C SER C 24 -48.45 6.72 16.40
N TRP C 25 -49.62 6.10 16.45
CA TRP C 25 -49.72 4.66 16.32
C TRP C 25 -49.18 4.19 14.97
N LEU C 26 -49.65 4.81 13.90
CA LEU C 26 -49.20 4.45 12.57
C LEU C 26 -47.69 4.59 12.39
N ARG C 27 -47.13 5.69 12.88
CA ARG C 27 -45.70 5.91 12.75
C ARG C 27 -44.91 5.01 13.67
N TYR C 28 -45.54 4.49 14.71
CA TYR C 28 -44.82 3.62 15.63
C TYR C 28 -44.71 2.25 14.97
N ASP C 29 -45.81 1.78 14.40
CA ASP C 29 -45.84 0.47 13.77
C ASP C 29 -45.07 0.37 12.47
N TYR C 30 -45.03 1.44 11.69
CA TYR C 30 -44.36 1.46 10.39
C TYR C 30 -43.15 2.38 10.27
N GLY C 31 -42.74 3.01 11.36
CA GLY C 31 -41.59 3.91 11.29
C GLY C 31 -40.69 3.87 12.51
N GLN C 32 -40.38 2.66 12.99
CA GLN C 32 -39.50 2.48 14.13
C GLN C 32 -38.11 3.12 13.92
N TYR C 33 -37.57 3.01 12.71
CA TYR C 33 -36.24 3.56 12.43
C TYR C 33 -36.23 5.07 12.46
N THR C 34 -37.42 5.68 12.33
CA THR C 34 -37.52 7.13 12.32
C THR C 34 -37.92 7.67 13.69
N TRP C 35 -38.18 6.76 14.63
CA TRP C 35 -38.60 7.15 15.97
C TRP C 35 -37.39 7.41 16.89
N ARG C 36 -36.76 8.56 16.74
CA ARG C 36 -35.61 8.92 17.56
C ARG C 36 -35.64 10.36 18.03
N ALA C 37 -34.79 10.66 19.02
CA ALA C 37 -34.70 11.99 19.58
C ALA C 37 -33.94 12.92 18.65
N ALA C 38 -33.22 12.33 17.69
CA ALA C 38 -32.45 13.10 16.73
C ALA C 38 -31.46 14.05 17.42
N SER C 39 -30.65 13.53 18.32
CA SER C 39 -29.69 14.38 18.99
C SER C 39 -28.75 15.01 17.98
N SER C 40 -28.35 16.24 18.26
CA SER C 40 -27.44 16.99 17.39
C SER C 40 -26.26 17.44 18.23
N GLN C 41 -26.26 17.03 19.50
CA GLN C 41 -25.21 17.42 20.44
C GLN C 41 -23.79 17.15 19.96
N MET C 42 -23.53 15.95 19.46
CA MET C 42 -22.19 15.60 19.00
C MET C 42 -21.62 16.60 17.99
N LEU C 43 -22.45 17.02 17.05
CA LEU C 43 -22.00 17.95 16.02
C LEU C 43 -21.60 19.32 16.53
N ASP C 44 -22.10 19.70 17.71
CA ASP C 44 -21.77 20.99 18.32
C ASP C 44 -22.17 21.00 19.80
N ARG C 45 -21.24 20.63 20.68
CA ARG C 45 -21.50 20.61 22.12
C ARG C 45 -21.70 21.99 22.72
N LYS C 46 -21.10 22.99 22.10
CA LYS C 46 -21.17 24.37 22.57
C LYS C 46 -22.56 24.89 22.93
N GLY C 47 -22.76 25.17 24.22
CA GLY C 47 -24.03 25.71 24.68
C GLY C 47 -25.20 24.77 24.85
N MET C 48 -25.08 23.54 24.37
CA MET C 48 -26.17 22.57 24.47
C MET C 48 -26.55 22.18 25.89
N ASN C 49 -25.55 22.08 26.75
CA ASN C 49 -25.79 21.70 28.13
C ASN C 49 -26.77 22.66 28.81
N LEU C 50 -26.43 23.94 28.78
CA LEU C 50 -27.26 24.96 29.39
C LEU C 50 -28.63 25.09 28.68
N ALA C 51 -28.60 25.36 27.38
CA ALA C 51 -29.82 25.53 26.61
C ALA C 51 -30.81 24.36 26.67
N SER C 52 -30.32 23.15 26.43
CA SER C 52 -31.21 22.00 26.45
C SER C 52 -31.83 21.75 27.82
N ASN C 53 -31.05 21.91 28.88
CA ASN C 53 -31.57 21.70 30.24
C ASN C 53 -32.59 22.79 30.56
N LEU C 54 -32.26 24.04 30.19
CA LEU C 54 -33.16 25.14 30.44
C LEU C 54 -34.50 24.86 29.77
N PHE C 55 -34.44 24.50 28.51
CA PHE C 55 -35.64 24.21 27.74
C PHE C 55 -36.41 23.02 28.28
N HIS C 56 -35.76 21.89 28.44
CA HIS C 56 -36.46 20.71 28.92
C HIS C 56 -36.98 20.76 30.35
N ILE C 57 -36.19 21.35 31.25
CA ILE C 57 -36.64 21.44 32.64
C ILE C 57 -37.84 22.38 32.73
N GLY C 58 -37.79 23.47 31.97
CA GLY C 58 -38.90 24.40 31.96
C GLY C 58 -40.15 23.82 31.30
N ILE C 59 -40.01 23.33 30.07
CA ILE C 59 -41.13 22.75 29.33
C ILE C 59 -41.83 21.65 30.11
N LEU C 60 -41.07 20.91 30.92
CA LEU C 60 -41.66 19.84 31.71
C LEU C 60 -42.41 20.43 32.91
N GLY C 61 -41.94 21.59 33.39
CA GLY C 61 -42.60 22.24 34.50
C GLY C 61 -43.99 22.61 34.03
N ILE C 62 -44.04 23.33 32.91
CA ILE C 62 -45.30 23.74 32.30
C ILE C 62 -46.24 22.56 32.11
N PHE C 63 -45.72 21.47 31.54
CA PHE C 63 -46.54 20.29 31.30
C PHE C 63 -47.21 19.72 32.55
N VAL C 64 -46.47 19.68 33.66
CA VAL C 64 -47.03 19.17 34.90
C VAL C 64 -48.13 20.15 35.33
N GLY C 65 -47.82 21.44 35.25
CA GLY C 65 -48.80 22.45 35.60
C GLY C 65 -50.05 22.37 34.73
N HIS C 66 -49.89 22.45 33.41
CA HIS C 66 -51.01 22.36 32.48
C HIS C 66 -51.84 21.10 32.73
N PHE C 67 -51.14 19.98 32.93
CA PHE C 67 -51.81 18.70 33.17
C PHE C 67 -52.75 18.72 34.37
N PHE C 68 -52.19 18.97 35.56
CA PHE C 68 -52.99 18.99 36.77
C PHE C 68 -53.91 20.19 36.90
N GLY C 69 -53.56 21.28 36.22
CA GLY C 69 -54.37 22.48 36.28
C GLY C 69 -55.70 22.38 35.57
N MET C 70 -55.67 21.94 34.32
CA MET C 70 -56.89 21.84 33.52
C MET C 70 -57.58 20.48 33.49
N LEU C 71 -56.86 19.40 33.74
CA LEU C 71 -57.48 18.09 33.70
C LEU C 71 -57.96 17.55 35.04
N THR C 72 -57.53 18.20 36.12
CA THR C 72 -57.95 17.78 37.45
C THR C 72 -59.28 18.47 37.76
N PRO C 73 -60.33 17.69 38.10
CA PRO C 73 -61.65 18.26 38.42
C PRO C 73 -61.64 19.21 39.63
N HIS C 74 -62.77 19.85 39.88
CA HIS C 74 -62.88 20.81 40.99
C HIS C 74 -63.20 20.16 42.33
N TRP C 75 -64.25 19.33 42.36
CA TRP C 75 -64.67 18.65 43.58
C TRP C 75 -63.52 17.89 44.25
N MET C 76 -62.38 17.81 43.56
CA MET C 76 -61.20 17.11 44.08
C MET C 76 -60.29 18.04 44.88
N TYR C 77 -60.66 18.26 46.15
CA TYR C 77 -59.92 19.12 47.08
C TYR C 77 -60.15 20.59 46.74
N GLU C 78 -61.37 20.93 46.34
CA GLU C 78 -61.76 22.30 45.97
C GLU C 78 -61.64 23.25 47.16
N ALA C 79 -61.48 22.67 48.34
CA ALA C 79 -61.34 23.45 49.58
C ALA C 79 -59.88 23.79 49.89
N TRP C 80 -58.99 22.85 49.58
CA TRP C 80 -57.56 23.03 49.84
C TRP C 80 -56.81 23.61 48.62
N LEU C 81 -57.44 23.56 47.46
CA LEU C 81 -56.83 24.12 46.25
C LEU C 81 -57.89 24.67 45.31
N PRO C 82 -58.58 25.75 45.74
CA PRO C 82 -59.63 26.37 44.91
C PRO C 82 -59.02 27.03 43.67
N ILE C 83 -59.83 27.15 42.63
CA ILE C 83 -59.42 27.72 41.35
C ILE C 83 -58.39 28.87 41.39
N GLU C 84 -58.62 29.87 42.25
CA GLU C 84 -57.68 31.00 42.30
C GLU C 84 -56.31 30.68 42.89
N VAL C 85 -56.22 29.61 43.68
CA VAL C 85 -54.94 29.20 44.25
C VAL C 85 -54.13 28.56 43.13
N LYS C 86 -54.80 27.75 42.31
CA LYS C 86 -54.16 27.09 41.18
C LYS C 86 -53.61 28.17 40.25
N GLN C 87 -54.39 29.23 40.06
CA GLN C 87 -53.96 30.33 39.18
C GLN C 87 -52.69 30.97 39.74
N LYS C 88 -52.68 31.25 41.03
CA LYS C 88 -51.52 31.86 41.67
C LYS C 88 -50.28 31.01 41.37
N MET C 89 -50.44 29.70 41.51
CA MET C 89 -49.35 28.76 41.27
C MET C 89 -48.91 28.80 39.80
N ALA C 90 -49.87 28.66 38.88
CA ALA C 90 -49.58 28.67 37.47
C ALA C 90 -48.86 29.95 37.03
N MET C 91 -49.19 31.07 37.66
CA MET C 91 -48.58 32.35 37.30
C MET C 91 -47.14 32.49 37.78
N PHE C 92 -46.86 32.02 39.00
CA PHE C 92 -45.51 32.12 39.51
C PHE C 92 -44.69 30.86 39.22
N ALA C 93 -45.24 29.69 39.55
CA ALA C 93 -44.54 28.44 39.29
C ALA C 93 -44.40 28.25 37.79
N GLY C 94 -45.54 28.28 37.09
CA GLY C 94 -45.55 28.11 35.64
C GLY C 94 -44.86 29.22 34.87
N GLY C 95 -44.99 30.46 35.36
CA GLY C 95 -44.35 31.58 34.70
C GLY C 95 -42.83 31.47 34.74
N ALA C 96 -42.31 31.01 35.88
CA ALA C 96 -40.87 30.82 36.05
C ALA C 96 -40.39 29.71 35.12
N SER C 97 -41.17 28.63 35.03
CA SER C 97 -40.82 27.53 34.15
C SER C 97 -40.77 28.09 32.73
N GLY C 98 -41.86 28.74 32.34
CA GLY C 98 -41.97 29.33 31.02
C GLY C 98 -40.83 30.26 30.69
N VAL C 99 -40.25 30.90 31.70
CA VAL C 99 -39.14 31.80 31.44
C VAL C 99 -37.91 30.96 31.13
N LEU C 100 -37.70 29.90 31.91
CA LEU C 100 -36.58 29.01 31.69
C LEU C 100 -36.74 28.38 30.33
N CYS C 101 -37.96 27.96 30.03
CA CYS C 101 -38.27 27.32 28.76
C CYS C 101 -37.97 28.21 27.55
N LEU C 102 -38.47 29.45 27.59
CA LEU C 102 -38.27 30.39 26.49
C LEU C 102 -36.80 30.71 26.23
N ILE C 103 -36.02 30.82 27.30
CA ILE C 103 -34.60 31.12 27.15
C ILE C 103 -33.91 29.92 26.50
N GLY C 104 -34.21 28.72 26.99
CA GLY C 104 -33.62 27.50 26.45
C GLY C 104 -33.97 27.37 24.99
N GLY C 105 -35.27 27.43 24.69
CA GLY C 105 -35.73 27.32 23.33
C GLY C 105 -35.12 28.36 22.42
N VAL C 106 -35.06 29.62 22.86
CA VAL C 106 -34.48 30.66 22.03
C VAL C 106 -33.01 30.34 21.74
N LEU C 107 -32.29 29.87 22.74
CA LEU C 107 -30.88 29.52 22.55
C LEU C 107 -30.76 28.34 21.60
N LEU C 108 -31.65 27.37 21.75
CA LEU C 108 -31.66 26.23 20.87
C LEU C 108 -31.94 26.64 19.42
N LEU C 109 -32.87 27.56 19.23
CA LEU C 109 -33.23 28.01 17.88
C LEU C 109 -32.10 28.80 17.24
N LYS C 110 -31.43 29.61 18.05
CA LYS C 110 -30.31 30.42 17.59
C LYS C 110 -29.23 29.47 17.07
N ARG C 111 -29.03 28.39 17.80
CA ARG C 111 -28.03 27.39 17.45
C ARG C 111 -28.44 26.61 16.19
N ARG C 112 -29.67 26.12 16.16
CA ARG C 112 -30.16 25.37 15.02
C ARG C 112 -30.09 26.16 13.71
N LEU C 113 -30.34 27.46 13.78
CA LEU C 113 -30.31 28.27 12.58
C LEU C 113 -28.95 28.84 12.21
N PHE C 114 -28.10 29.07 13.20
CA PHE C 114 -26.80 29.68 12.93
C PHE C 114 -25.54 28.86 13.20
N SER C 115 -25.66 27.71 13.85
CA SER C 115 -24.49 26.87 14.07
C SER C 115 -24.32 26.05 12.78
N PRO C 116 -23.33 26.42 11.95
CA PRO C 116 -23.09 25.72 10.69
C PRO C 116 -23.36 24.22 10.63
N ARG C 117 -22.76 23.45 11.55
CA ARG C 117 -22.97 22.00 11.54
C ARG C 117 -24.39 21.55 11.85
N VAL C 118 -25.08 22.27 12.72
CA VAL C 118 -26.45 21.90 13.07
C VAL C 118 -27.41 22.32 11.96
N ARG C 119 -27.21 23.51 11.41
CA ARG C 119 -28.06 24.03 10.34
C ARG C 119 -27.95 23.20 9.07
N ALA C 120 -26.73 22.75 8.78
CA ALA C 120 -26.47 21.95 7.57
C ALA C 120 -27.08 20.56 7.62
N THR C 121 -27.32 20.05 8.82
CA THR C 121 -27.86 18.71 8.97
C THR C 121 -29.28 18.66 9.54
N THR C 122 -29.92 19.81 9.65
CA THR C 122 -31.27 19.87 10.19
C THR C 122 -32.30 19.59 9.10
N THR C 123 -33.53 19.27 9.52
CA THR C 123 -34.63 19.06 8.57
C THR C 123 -35.56 20.24 8.80
N GLY C 124 -36.45 20.51 7.84
CA GLY C 124 -37.37 21.62 7.99
C GLY C 124 -38.24 21.48 9.23
N ALA C 125 -38.79 20.28 9.41
CA ALA C 125 -39.65 20.00 10.55
C ALA C 125 -39.01 20.41 11.87
N ASP C 126 -37.70 20.24 12.00
CA ASP C 126 -37.02 20.59 13.24
C ASP C 126 -37.02 22.08 13.48
N ILE C 127 -37.02 22.86 12.42
CA ILE C 127 -37.04 24.30 12.56
C ILE C 127 -38.48 24.74 12.84
N LEU C 128 -39.43 24.17 12.11
CA LEU C 128 -40.82 24.53 12.29
C LEU C 128 -41.35 24.20 13.68
N ILE C 129 -41.06 22.99 14.17
CA ILE C 129 -41.57 22.58 15.46
C ILE C 129 -40.94 23.38 16.61
N LEU C 130 -39.65 23.66 16.50
CA LEU C 130 -38.94 24.43 17.53
C LEU C 130 -39.36 25.90 17.51
N SER C 131 -39.67 26.42 16.33
CA SER C 131 -40.09 27.81 16.22
C SER C 131 -41.49 27.96 16.82
N LEU C 132 -42.37 27.02 16.50
CA LEU C 132 -43.73 27.06 17.03
C LEU C 132 -43.78 26.92 18.54
N LEU C 133 -42.83 26.18 19.11
CA LEU C 133 -42.77 25.99 20.56
C LEU C 133 -42.27 27.26 21.24
N VAL C 134 -41.29 27.93 20.65
CA VAL C 134 -40.77 29.16 21.21
C VAL C 134 -41.89 30.20 21.20
N ILE C 135 -42.63 30.23 20.10
CA ILE C 135 -43.74 31.15 19.96
C ILE C 135 -44.83 30.78 20.96
N GLN C 136 -45.17 29.50 21.03
CA GLN C 136 -46.18 29.05 21.96
C GLN C 136 -45.80 29.37 23.41
N CYS C 137 -44.50 29.45 23.68
CA CYS C 137 -44.05 29.75 25.03
C CYS C 137 -44.17 31.24 25.31
N ALA C 138 -43.78 32.06 24.34
CA ALA C 138 -43.88 33.50 24.48
C ALA C 138 -45.35 33.85 24.68
N LEU C 139 -46.20 33.28 23.82
CA LEU C 139 -47.63 33.51 23.91
C LEU C 139 -48.06 33.17 25.33
N GLY C 140 -47.68 31.98 25.77
CA GLY C 140 -48.03 31.54 27.10
C GLY C 140 -47.66 32.56 28.17
N LEU C 141 -46.43 33.06 28.14
CA LEU C 141 -46.01 34.03 29.13
C LEU C 141 -46.79 35.35 28.99
N LEU C 142 -47.15 35.69 27.76
CA LEU C 142 -47.89 36.91 27.52
C LEU C 142 -49.31 36.86 28.11
N THR C 143 -49.81 35.67 28.40
CA THR C 143 -51.15 35.54 28.98
C THR C 143 -51.12 35.83 30.48
N ILE C 144 -49.94 35.85 31.08
CA ILE C 144 -49.81 36.10 32.50
C ILE C 144 -50.42 37.45 32.90
N PRO C 145 -50.03 38.55 32.22
CA PRO C 145 -50.60 39.85 32.57
C PRO C 145 -52.11 39.93 32.36
N PHE C 146 -52.64 39.11 31.47
CA PHE C 146 -54.09 39.09 31.18
C PHE C 146 -54.84 38.32 32.25
N SER C 147 -54.18 37.32 32.83
CA SER C 147 -54.80 36.52 33.86
C SER C 147 -54.69 37.27 35.18
N ALA C 148 -53.81 38.26 35.21
CA ALA C 148 -53.60 39.08 36.41
C ALA C 148 -54.75 40.06 36.64
N GLN C 149 -55.57 40.26 35.60
CA GLN C 149 -56.70 41.17 35.70
C GLN C 149 -57.89 40.43 36.31
N HIS C 150 -57.73 39.12 36.48
CA HIS C 150 -58.77 38.30 37.05
C HIS C 150 -58.21 37.32 38.08
N MET C 151 -57.66 37.89 39.15
CA MET C 151 -57.06 37.10 40.22
C MET C 151 -58.03 36.18 40.95
N ASP C 152 -59.33 36.33 40.64
CA ASP C 152 -60.36 35.51 41.27
C ASP C 152 -60.47 34.15 40.56
N GLY C 153 -59.61 33.93 39.56
CA GLY C 153 -59.63 32.68 38.82
C GLY C 153 -60.89 32.51 37.99
N SER C 154 -61.40 33.60 37.45
CA SER C 154 -62.61 33.56 36.64
C SER C 154 -62.20 33.16 35.22
N GLU C 155 -61.04 33.64 34.79
CA GLU C 155 -60.55 33.32 33.46
C GLU C 155 -60.12 31.86 33.41
N MET C 156 -59.31 31.46 34.38
CA MET C 156 -58.83 30.08 34.44
C MET C 156 -59.98 29.08 34.48
N MET C 157 -61.09 29.46 35.10
CA MET C 157 -62.24 28.56 35.18
C MET C 157 -62.85 28.29 33.81
N LYS C 158 -62.88 29.31 32.95
CA LYS C 158 -63.42 29.19 31.60
C LYS C 158 -62.58 28.23 30.77
N LEU C 159 -61.27 28.50 30.76
CA LEU C 159 -60.32 27.67 30.02
C LEU C 159 -60.39 26.21 30.51
N VAL C 160 -60.43 26.03 31.82
CA VAL C 160 -60.51 24.68 32.37
C VAL C 160 -61.88 24.05 32.04
N GLY C 161 -62.88 24.89 31.82
CA GLY C 161 -64.20 24.37 31.48
C GLY C 161 -64.13 23.80 30.08
N TRP C 162 -63.53 24.55 29.18
CA TRP C 162 -63.37 24.15 27.80
C TRP C 162 -62.59 22.84 27.70
N ALA C 163 -61.33 22.88 28.14
CA ALA C 163 -60.46 21.71 28.12
C ALA C 163 -61.17 20.45 28.58
N GLN C 164 -61.77 20.51 29.77
CA GLN C 164 -62.46 19.34 30.32
C GLN C 164 -63.67 18.87 29.49
N SER C 165 -64.33 19.78 28.80
CA SER C 165 -65.47 19.41 27.96
C SER C 165 -64.93 18.68 26.74
N VAL C 166 -63.80 19.16 26.23
CA VAL C 166 -63.18 18.56 25.06
C VAL C 166 -62.76 17.11 25.31
N VAL C 167 -62.04 16.86 26.40
CA VAL C 167 -61.59 15.51 26.68
C VAL C 167 -62.65 14.53 27.19
N THR C 168 -63.83 15.02 27.56
CA THR C 168 -64.90 14.12 28.00
C THR C 168 -65.91 14.03 26.86
N PHE C 169 -65.55 14.61 25.72
CA PHE C 169 -66.42 14.58 24.55
C PHE C 169 -67.82 15.15 24.79
N HIS C 170 -67.87 16.31 25.44
CA HIS C 170 -69.12 17.03 25.71
C HIS C 170 -69.21 18.16 24.69
N GLY C 171 -70.26 18.14 23.87
CA GLY C 171 -70.41 19.18 22.87
C GLY C 171 -70.55 20.57 23.47
N GLY C 172 -70.29 21.60 22.66
CA GLY C 172 -70.43 22.97 23.11
C GLY C 172 -69.26 23.52 23.91
N ALA C 173 -68.15 22.79 23.93
CA ALA C 173 -66.96 23.21 24.66
C ALA C 173 -66.61 24.69 24.48
N SER C 174 -66.75 25.21 23.27
CA SER C 174 -66.41 26.61 23.01
C SER C 174 -67.22 27.63 23.84
N GLN C 175 -68.41 27.23 24.30
CA GLN C 175 -69.25 28.12 25.11
C GLN C 175 -68.50 28.56 26.37
N HIS C 176 -67.83 27.62 27.01
CA HIS C 176 -67.05 27.91 28.23
C HIS C 176 -66.09 29.06 28.01
N LEU C 177 -65.73 29.30 26.75
CA LEU C 177 -64.79 30.37 26.42
C LEU C 177 -65.41 31.76 26.23
N ASP C 178 -66.73 31.84 26.17
CA ASP C 178 -67.41 33.12 25.97
C ASP C 178 -66.74 34.27 26.73
N GLY C 179 -66.27 35.25 25.98
CA GLY C 179 -65.64 36.43 26.58
C GLY C 179 -64.23 36.37 27.11
N VAL C 180 -63.53 35.24 26.95
CA VAL C 180 -62.15 35.15 27.45
C VAL C 180 -61.23 36.04 26.62
N ALA C 181 -60.10 36.43 27.19
CA ALA C 181 -59.16 37.29 26.47
C ALA C 181 -58.58 36.58 25.23
N PHE C 182 -58.59 37.30 24.10
CA PHE C 182 -58.10 36.79 22.83
C PHE C 182 -56.77 36.03 22.91
N ILE C 183 -55.79 36.59 23.62
CA ILE C 183 -54.48 35.95 23.75
C ILE C 183 -54.61 34.47 24.10
N PHE C 184 -55.64 34.13 24.87
CA PHE C 184 -55.89 32.75 25.28
C PHE C 184 -56.35 31.88 24.11
N ARG C 185 -57.10 32.48 23.19
CA ARG C 185 -57.60 31.73 22.03
C ARG C 185 -56.39 31.30 21.19
N LEU C 186 -55.50 32.25 20.90
CA LEU C 186 -54.31 31.98 20.10
C LEU C 186 -53.48 30.86 20.71
N HIS C 187 -53.26 30.94 22.02
CA HIS C 187 -52.48 29.95 22.73
C HIS C 187 -53.09 28.57 22.57
N LEU C 188 -54.42 28.49 22.69
CA LEU C 188 -55.11 27.21 22.56
C LEU C 188 -55.01 26.63 21.15
N VAL C 189 -55.19 27.47 20.14
CA VAL C 189 -55.12 27.05 18.74
C VAL C 189 -53.72 26.59 18.35
N LEU C 190 -52.72 27.41 18.63
CA LEU C 190 -51.35 27.06 18.30
C LEU C 190 -50.91 25.84 19.11
N GLY C 191 -51.47 25.68 20.29
CA GLY C 191 -51.13 24.55 21.14
C GLY C 191 -51.69 23.25 20.61
N MET C 192 -52.95 23.27 20.17
CA MET C 192 -53.55 22.06 19.65
C MET C 192 -52.88 21.72 18.34
N THR C 193 -52.44 22.75 17.62
CA THR C 193 -51.77 22.57 16.35
C THR C 193 -50.49 21.77 16.56
N LEU C 194 -49.84 21.98 17.69
CA LEU C 194 -48.62 21.25 17.99
C LEU C 194 -48.96 19.77 18.09
N PHE C 195 -50.15 19.48 18.57
CA PHE C 195 -50.61 18.09 18.69
C PHE C 195 -50.85 17.50 17.31
N LEU C 196 -51.33 18.32 16.39
CA LEU C 196 -51.61 17.87 15.03
C LEU C 196 -50.29 17.56 14.30
N LEU C 197 -49.29 18.41 14.52
CA LEU C 197 -47.98 18.24 13.90
C LEU C 197 -47.09 17.27 14.67
N PHE C 198 -47.53 16.85 15.84
CA PHE C 198 -46.77 15.95 16.69
C PHE C 198 -46.27 14.66 16.00
N PRO C 199 -47.18 13.81 15.50
CA PRO C 199 -46.77 12.56 14.84
C PRO C 199 -45.86 12.68 13.63
N PHE C 200 -45.70 13.90 13.11
CA PHE C 200 -44.88 14.09 11.93
C PHE C 200 -43.64 14.93 12.22
N SER C 201 -43.22 14.94 13.48
CA SER C 201 -42.04 15.70 13.89
C SER C 201 -41.24 14.90 14.91
N ARG C 202 -40.15 15.48 15.40
CA ARG C 202 -39.33 14.83 16.40
C ARG C 202 -40.03 14.68 17.75
N LEU C 203 -41.17 15.35 17.93
CA LEU C 203 -41.89 15.28 19.20
C LEU C 203 -42.24 13.87 19.66
N ILE C 204 -42.19 12.91 18.74
CA ILE C 204 -42.50 11.54 19.09
C ILE C 204 -41.57 11.01 20.17
N HIS C 205 -40.44 11.69 20.41
CA HIS C 205 -39.52 11.22 21.45
C HIS C 205 -40.19 11.28 22.81
N ILE C 206 -41.09 12.25 22.97
CA ILE C 206 -41.81 12.43 24.23
C ILE C 206 -42.49 11.14 24.64
N TRP C 207 -43.07 10.42 23.68
CA TRP C 207 -43.74 9.14 23.96
C TRP C 207 -42.80 8.15 24.62
N SER C 208 -41.50 8.27 24.30
CA SER C 208 -40.51 7.32 24.78
C SER C 208 -39.76 7.61 26.06
N VAL C 209 -40.20 8.63 26.82
CA VAL C 209 -39.54 8.96 28.09
C VAL C 209 -39.32 7.63 28.83
N PRO C 210 -38.04 7.23 28.99
CA PRO C 210 -37.58 6.00 29.64
C PRO C 210 -37.81 5.79 31.14
N VAL C 211 -39.07 5.75 31.57
CA VAL C 211 -39.36 5.56 32.98
C VAL C 211 -38.94 4.16 33.44
N GLU C 212 -39.25 3.16 32.63
CA GLU C 212 -38.92 1.76 32.92
C GLU C 212 -37.48 1.54 33.39
N TYR C 213 -36.56 2.33 32.86
CA TYR C 213 -35.16 2.20 33.20
C TYR C 213 -34.85 2.24 34.70
N LEU C 214 -35.61 3.03 35.45
CA LEU C 214 -35.38 3.15 36.89
C LEU C 214 -35.51 1.83 37.64
N THR C 215 -36.26 0.88 37.10
CA THR C 215 -36.44 -0.41 37.78
C THR C 215 -35.98 -1.62 36.97
N ARG C 216 -35.24 -1.36 35.89
CA ARG C 216 -34.75 -2.42 35.02
C ARG C 216 -33.45 -3.07 35.48
N LYS C 217 -33.32 -4.39 35.26
CA LYS C 217 -32.10 -5.08 35.63
C LYS C 217 -31.06 -4.53 34.64
N TYR C 218 -29.82 -4.37 35.09
CA TYR C 218 -28.77 -3.83 34.25
C TYR C 218 -28.49 -4.60 32.96
N GLN C 219 -28.18 -5.89 33.06
CA GLN C 219 -27.89 -6.65 31.85
C GLN C 219 -29.12 -7.22 31.15
N LEU C 220 -29.13 -7.14 29.83
CA LEU C 220 -30.23 -7.68 29.03
C LEU C 220 -29.71 -8.71 28.04
N VAL C 221 -30.43 -9.83 27.92
CA VAL C 221 -30.07 -10.90 27.00
C VAL C 221 -31.30 -11.38 26.24
N ARG C 222 -31.25 -11.37 24.91
CA ARG C 222 -32.38 -11.82 24.10
C ARG C 222 -32.18 -13.24 23.62
N ALA C 223 -33.16 -14.10 23.90
CA ALA C 223 -33.13 -15.51 23.51
C ALA C 223 -33.31 -15.68 22.01
N ARG C 224 -33.18 -16.92 21.55
CA ARG C 224 -33.36 -17.23 20.14
C ARG C 224 -34.81 -16.86 19.83
N HIS C 225 -35.02 -16.15 18.72
CA HIS C 225 -36.35 -15.73 18.33
C HIS C 225 -36.38 -15.60 16.80
PB MD1 D . 4.07 4.62 -11.98
O3B MD1 D . 2.96 4.15 -10.94
O1B MD1 D . 4.21 3.59 -13.01
O2B MD1 D . 3.71 5.95 -12.48
O3A MD1 D . 5.46 4.71 -11.17
C10 MD1 D . 6.10 3.62 -10.52
C11 MD1 D . 7.37 4.32 -9.94
O11 MD1 D . 6.91 5.36 -9.09
C12 MD1 D . 8.30 3.33 -9.11
S12 MD1 D . 7.87 1.64 -8.90
C13 MD1 D . 9.50 3.73 -8.46
S13 MD1 D . 10.30 2.45 -7.54
C14 MD1 D . 10.21 5.10 -8.42
N15 MD1 D . 10.19 5.49 -7.00
C16 MD1 D . 10.71 6.73 -6.67
C15 MD1 D . 11.29 6.97 -5.38
O14 MD1 D . 11.34 6.09 -4.54
N17 MD1 D . 11.78 8.29 -5.14
C17 MD1 D . 11.74 9.34 -6.07
N16 MD1 D . 12.22 10.53 -5.74
N18 MD1 D . 11.18 9.09 -7.30
C20 MD1 D . 10.67 7.84 -7.65
N8 MD1 D . 10.12 7.63 -8.93
C7 MD1 D . 9.58 6.27 -9.24
PA MD1 D . 1.63 4.84 -10.41
O1A MD1 D . 2.00 6.17 -9.96
O2A MD1 D . 0.95 3.92 -9.45
O5' MD1 D . 0.88 4.90 -11.85
C5' MD1 D . -0.28 4.12 -12.13
C4' MD1 D . -1.23 4.90 -13.02
O4' MD1 D . -1.82 3.98 -13.93
C1' MD1 D . -3.25 3.97 -13.76
N9 MD1 D . -3.63 2.56 -13.94
C4 MD1 D . -4.04 2.05 -15.16
N3 MD1 D . -4.15 2.75 -16.36
C2 MD1 D . -4.57 1.99 -17.42
N2 MD1 D . -4.73 2.50 -18.62
N1 MD1 D . -4.85 0.63 -17.27
C6 MD1 D . -4.75 -0.10 -16.06
O6 MD1 D . -5.00 -1.30 -16.00
C5 MD1 D . -4.30 0.68 -14.93
N7 MD1 D . -4.08 0.34 -13.60
C8 MD1 D . -3.69 1.47 -13.06
C2' MD1 D . -3.50 4.55 -12.34
O2' MD1 D . -4.78 5.17 -12.15
C3' MD1 D . -2.35 5.55 -12.20
O3' MD1 D . -2.64 6.87 -12.69
PB MD1 E . 11.38 -0.62 -0.14
O3B MD1 E . 11.78 0.93 -0.21
O1B MD1 E . 12.45 -1.39 -0.85
O2B MD1 E . 10.87 -1.06 1.17
O3A MD1 E . 10.10 -0.42 -1.05
C10 MD1 E . 10.13 0.04 -2.41
C11 MD1 E . 9.20 -0.86 -3.20
O11 MD1 E . 7.90 -1.03 -2.52
C12 MD1 E . 9.05 -0.49 -4.75
S12 MD1 E . 10.34 0.08 -5.80
C13 MD1 E . 7.79 -0.62 -5.32
S13 MD1 E . 7.61 -0.23 -6.99
C14 MD1 E . 6.57 -1.05 -4.53
N15 MD1 E . 5.83 0.21 -4.19
C16 MD1 E . 5.05 0.25 -3.03
C15 MD1 E . 4.31 1.46 -2.66
O14 MD1 E . 4.35 2.48 -3.35
N17 MD1 E . 3.55 1.40 -1.47
C17 MD1 E . 3.48 0.24 -0.66
N16 MD1 E . 2.76 0.24 0.44
N18 MD1 E . 4.18 -0.88 -1.02
C20 MD1 E . 4.97 -0.91 -2.18
N8 MD1 E . 5.68 -2.08 -2.53
C7 MD1 E . 6.97 -1.83 -3.25
PA MD1 E . 11.78 2.23 0.62
O1A MD1 E . 10.42 2.43 1.10
O2A MD1 E . 12.36 3.30 -0.24
O5' MD1 E . 12.75 1.98 1.86
C5' MD1 E . 12.38 1.14 2.95
C4' MD1 E . 12.88 1.67 4.26
O4' MD1 E . 14.27 1.61 4.41
C1' MD1 E . 14.71 2.72 5.21
N9 MD1 E . 15.79 3.54 4.53
C4 MD1 E . 17.12 3.19 4.57
N3 MD1 E . 17.66 2.08 5.20
C2 MD1 E . 19.01 1.92 5.13
N2 MD1 E . 19.59 0.86 5.73
N1 MD1 E . 19.78 2.84 4.42
C6 MD1 E . 19.24 3.99 3.76
O6 MD1 E . 19.95 4.78 3.13
C5 MD1 E . 17.81 4.15 3.85
N7 MD1 E . 16.93 5.11 3.35
C8 MD1 E . 15.75 4.72 3.77
C2' MD1 E . 13.48 3.55 5.55
O2' MD1 E . 13.06 3.32 6.92
C3' MD1 E . 12.47 3.12 4.51
O3' MD1 E . 11.11 3.15 4.96
FE1 SF4 F . -2.28 -7.04 -3.01
FE2 SF4 F . -2.41 -4.50 -2.14
FE3 SF4 F . -3.86 -5.29 -4.31
FE4 SF4 F . -1.12 -5.12 -4.39
S1 SF4 F . -2.61 -3.39 -4.12
S2 SF4 F . -2.42 -6.78 -5.24
S3 SF4 F . -0.53 -5.76 -2.30
S4 SF4 F . -4.12 -6.02 -2.17
MO 6MO G . 9.69 0.20 -8.16
P1 AGA H . -41.01 2.88 23.32
O3 AGA H . -40.69 1.82 22.26
O4 AGA H . -40.31 4.24 23.09
O5 AGA H . -40.62 2.39 24.76
O6 AGA H . -42.59 3.17 23.36
C4 AGA H . -43.11 4.14 24.29
C5 AGA H . -44.58 4.17 24.16
C6 AGA H . -45.30 4.76 25.36
O7 AGA H . -46.70 4.75 25.06
C7 AGA H . -47.54 3.84 25.62
O8 AGA H . -47.26 2.66 25.83
C8 AGA H . -48.93 4.51 25.96
C9 AGA H . -50.38 4.03 25.80
C10 AGA H . -51.19 4.84 24.78
C11 AGA H . -52.30 5.69 25.38
O9 AGA H . -44.99 4.88 22.93
C12 AGA H . -45.90 4.35 22.05
O10 AGA H . -46.44 3.25 22.15
C13 AGA H . -46.39 5.35 21.02
C14 AGA H . -47.53 5.28 20.02
C15 AGA H . -48.87 5.26 20.79
C16 AGA H . -50.11 5.19 19.90
C17 AGA H . -51.45 5.16 20.70
C18 AGA H . -52.73 5.06 19.84
C19 AGA H . -54.01 5.04 20.72
FE1 SF4 I . -4.27 -7.63 10.82
FE2 SF4 I . -5.38 -5.18 11.02
FE3 SF4 I . -3.19 -5.49 9.44
FE4 SF4 I . -2.96 -5.69 12.19
S1 SF4 I . -3.55 -3.84 10.97
S2 SF4 I . -2.05 -7.11 10.62
S3 SF4 I . -4.97 -6.60 12.74
S4 SF4 I . -5.23 -6.46 9.17
FE1 SF4 J . -17.28 -7.18 11.49
FE2 SF4 J . -17.00 -5.79 13.82
FE3 SF4 J . -14.86 -6.71 12.44
FE4 SF4 J . -16.36 -4.64 11.52
S1 SF4 J . -15.13 -4.65 13.39
S2 SF4 J . -15.52 -6.37 10.35
S3 SF4 J . -18.45 -5.31 12.14
S4 SF4 J . -16.46 -7.98 13.42
FE1 SF4 K . -18.83 -3.31 22.92
FE2 SF4 K . -18.30 -3.73 25.58
FE3 SF4 K . -20.65 -2.43 24.80
FE4 SF4 K . -18.33 -1.17 24.51
S1 SF4 K . -19.23 -1.84 26.51
S2 SF4 K . -19.93 -1.34 22.95
S3 SF4 K . -16.86 -2.87 23.99
S4 SF4 K . -20.05 -4.59 24.41
FE1 F3S L . -29.84 3.59 23.97
FE3 F3S L . -27.62 4.53 22.93
FE4 F3S L . -29.84 4.40 21.41
S1 F3S L . -28.46 5.08 24.94
S2 F3S L . -31.48 4.81 22.97
S3 F3S L . -28.68 2.64 22.26
S4 F3S L . -28.33 6.07 21.40
CHA HEM M . -34.67 17.40 21.87
CHB HEM M . -35.06 14.20 25.48
CHC HEM M . -39.47 16.01 26.45
CHD HEM M . -39.08 19.18 22.83
C1A HEM M . -34.37 16.37 22.75
C2A HEM M . -33.14 15.58 22.80
C3A HEM M . -33.25 14.70 23.79
C4A HEM M . -34.56 14.92 24.40
CMA HEM M . -32.23 13.60 24.28
CAA HEM M . -31.96 15.76 21.81
CBA HEM M . -30.90 16.79 22.39
CGA HEM M . -29.50 16.75 21.79
O1A HEM M . -28.62 16.07 22.41
O2A HEM M . -29.33 17.39 20.71
C1B HEM M . -36.30 14.42 26.07
C2B HEM M . -36.84 13.66 27.21
C3B HEM M . -38.08 14.16 27.48
C4B HEM M . -38.32 15.24 26.51
CMB HEM M . -36.05 12.50 27.91
CAB HEM M . -39.12 13.72 28.59
CBB HEM M . -38.87 13.72 29.94
C1C HEM M . -39.77 17.03 25.57
C2C HEM M . -41.00 17.83 25.54
C3C HEM M . -40.88 18.71 24.53
C4C HEM M . -39.57 18.48 23.90
CMC HEM M . -42.20 17.63 26.54
CAC HEM M . -41.87 19.82 24.01
CBC HEM M . -43.08 19.44 23.50
C1D HEM M . -37.85 18.97 22.25
C2D HEM M . -37.33 19.75 21.10
C3D HEM M . -36.10 19.25 20.85
C4D HEM M . -35.84 18.16 21.82
CMD HEM M . -38.08 20.90 20.36
CAD HEM M . -35.03 19.65 19.77
CBD HEM M . -34.20 20.97 20.11
CGD HEM M . -33.41 21.52 18.91
O1D HEM M . -32.13 21.41 18.97
O2D HEM M . -34.11 22.05 17.97
NA HEM M . -35.22 15.95 23.75
NB HEM M . -37.23 15.37 25.67
NC HEM M . -38.91 17.45 24.56
ND HEM M . -36.91 18.03 22.65
FE HEM M . -37.03 16.69 24.14
CHA HEM N . -50.54 29.23 30.07
CHB HEM N . -53.46 26.14 27.76
CHC HEM N . -49.56 24.30 25.53
CHD HEM N . -46.62 27.39 27.84
C1A HEM N . -51.67 28.58 29.65
C2A HEM N . -53.05 28.85 30.10
C3A HEM N . -53.86 27.98 29.46
C4A HEM N . -53.00 27.15 28.59
CMA HEM N . -55.41 27.81 29.57
CAA HEM N . -53.44 29.95 31.15
CBA HEM N . -53.75 29.26 32.57
CGA HEM N . -54.29 30.13 33.74
O1A HEM N . -55.16 31.02 33.45
O2A HEM N . -53.81 29.89 34.90
C1B HEM N . -52.65 25.36 26.94
C2B HEM N . -53.13 24.27 26.07
C3B HEM N . -52.02 23.76 25.43
C4B HEM N . -50.87 24.52 25.92
CMB HEM N . -54.63 23.86 25.95
CAB HEM N . -51.91 22.57 24.38
CBB HEM N . -52.84 22.24 23.42
C1C HEM N . -48.42 24.97 25.93
C2C HEM N . -47.05 24.68 25.49
C3C HEM N . -46.23 25.55 26.13
C4C HEM N . -47.08 26.38 26.99
CMC HEM N . -46.68 23.56 24.44
CAC HEM N . -44.67 25.72 26.06
CBC HEM N . -44.14 26.26 24.93
C1D HEM N . -47.44 28.17 28.65
C2D HEM N . -46.96 29.25 29.56
C3D HEM N . -48.06 29.74 30.18
C4D HEM N . -49.23 29.00 29.66
CMD HEM N . -45.47 29.69 29.74
CAD HEM N . -48.26 30.87 31.26
CBD HEM N . -47.98 30.46 32.77
CGD HEM N . -48.75 29.20 33.24
O1D HEM N . -50.03 29.30 33.33
O2D HEM N . -48.01 28.16 33.47
NA HEM N . -51.68 27.56 28.73
NB HEM N . -51.27 25.49 26.83
NC HEM N . -48.43 26.01 26.86
ND HEM N . -48.84 28.06 28.75
FE HEM N . -50.08 26.80 27.81
#